data_7WP3
#
_entry.id   7WP3
#
_cell.length_a   135.024
_cell.length_b   150.664
_cell.length_c   170.547
_cell.angle_alpha   90.000
_cell.angle_beta   90.000
_cell.angle_gamma   90.000
#
_symmetry.space_group_name_H-M   'P 21 21 21'
#
loop_
_entity.id
_entity.type
_entity.pdbx_description
1 polymer 'Proliferating cell nuclear antigen'
2 non-polymer 1,5-BIS(4-AMIDINOPHENOXY)PENTANE
3 water water
#
_entity_poly.entity_id   1
_entity_poly.type   'polypeptide(L)'
_entity_poly.pdbx_seq_one_letter_code
;MLEAQVQFASLWKRLVECINGLVNEANFDCNPGGLSVQAMDSSHVALVHMLLRDDCFVKYQCGRNSILGLNLASLSKVLK
IVDSNDSLSLRHDDDSDVVTLTSENPEKTRKCEYQLKLLEIEAESMGIPEMDYRSTVTLNSAEFAKIVRDMQVFGDTVTI
AISKEGVKFSSSGDVGQGYTFLQAAGVSDRSTKSEVKAEVKAEARDDDEEPLSRKYGKADSSANAIGVEVTMEEPITLSF
ALRFMGIFAKGSTLSERVTLKFAKDSPCMVEYGIDNVGYLRYYLAPKVD
;
_entity_poly.pdbx_strand_id   A,B,C,D,E,F
#
loop_
_chem_comp.id
_chem_comp.type
_chem_comp.name
_chem_comp.formula
PNT non-polymer 1,5-BIS(4-AMIDINOPHENOXY)PENTANE 'C19 H24 N4 O2'
#
# COMPACT_ATOMS: atom_id res chain seq x y z
N MET A 1 37.12 34.75 8.79
CA MET A 1 37.80 33.86 7.77
C MET A 1 36.94 33.63 6.50
N LEU A 2 35.61 33.46 6.58
CA LEU A 2 34.70 33.44 5.37
C LEU A 2 33.33 34.07 5.69
N GLU A 3 32.87 35.00 4.84
CA GLU A 3 31.49 35.55 4.90
C GLU A 3 30.96 35.72 3.47
N ALA A 4 29.74 35.23 3.24
CA ALA A 4 29.00 35.28 1.96
C ALA A 4 27.50 35.43 2.24
N GLN A 5 26.99 36.60 1.90
CA GLN A 5 25.58 37.00 2.12
C GLN A 5 24.94 37.05 0.75
N VAL A 6 23.70 36.63 0.64
CA VAL A 6 22.90 36.83 -0.60
C VAL A 6 21.65 37.62 -0.18
N GLN A 7 21.08 38.42 -1.09
CA GLN A 7 19.92 39.28 -0.72
C GLN A 7 18.71 38.38 -0.42
N PHE A 8 18.43 37.43 -1.32
CA PHE A 8 17.26 36.54 -1.22
C PHE A 8 17.74 35.10 -1.05
N ALA A 9 17.26 34.39 -0.03
CA ALA A 9 17.69 33.02 0.31
C ALA A 9 17.11 32.03 -0.72
N SER A 10 16.17 32.50 -1.54
CA SER A 10 15.58 31.68 -2.63
C SER A 10 16.67 30.80 -3.24
N LEU A 11 17.82 31.37 -3.62
CA LEU A 11 18.89 30.62 -4.32
C LEU A 11 19.27 29.40 -3.49
N TRP A 12 19.77 29.63 -2.28
CA TRP A 12 20.29 28.54 -1.42
C TRP A 12 19.22 27.47 -1.30
N LYS A 13 17.99 27.89 -0.98
CA LYS A 13 16.83 26.98 -0.82
C LYS A 13 16.67 26.18 -2.12
N ARG A 14 16.78 26.85 -3.27
CA ARG A 14 16.56 26.19 -4.60
C ARG A 14 17.80 25.36 -4.99
N LEU A 15 19.00 25.77 -4.61
CA LEU A 15 20.25 25.06 -4.96
C LEU A 15 20.42 23.77 -4.14
N VAL A 16 20.27 23.86 -2.83
CA VAL A 16 20.55 22.69 -1.99
C VAL A 16 19.60 21.57 -2.40
N GLU A 17 18.33 21.89 -2.67
CA GLU A 17 17.29 20.90 -3.09
C GLU A 17 17.80 20.18 -4.34
N CYS A 18 18.27 20.92 -5.34
CA CYS A 18 18.87 20.34 -6.57
C CYS A 18 19.98 19.35 -6.21
N ILE A 19 20.93 19.75 -5.35
CA ILE A 19 22.18 18.94 -5.17
C ILE A 19 21.98 17.91 -4.05
N ASN A 20 21.07 18.13 -3.09
CA ASN A 20 20.72 17.10 -2.08
C ASN A 20 20.09 15.88 -2.76
N GLY A 21 19.46 16.15 -3.90
CA GLY A 21 18.92 15.11 -4.81
C GLY A 21 19.95 14.06 -5.22
N LEU A 22 21.23 14.43 -5.30
CA LEU A 22 22.28 13.56 -5.88
C LEU A 22 23.19 13.02 -4.78
N VAL A 23 23.43 13.79 -3.74
CA VAL A 23 24.50 13.50 -2.75
C VAL A 23 24.09 14.09 -1.39
N ASN A 24 24.51 13.53 -0.25
CA ASN A 24 23.93 13.91 1.07
C ASN A 24 24.89 14.82 1.84
N GLU A 25 26.16 14.71 1.49
CA GLU A 25 27.29 15.47 2.02
C GLU A 25 28.02 15.97 0.80
N ALA A 26 28.48 17.21 0.82
CA ALA A 26 29.42 17.72 -0.20
C ALA A 26 30.38 18.70 0.45
N ASN A 27 31.62 18.75 -0.06
CA ASN A 27 32.61 19.80 0.30
C ASN A 27 32.32 21.07 -0.51
N PHE A 28 32.35 22.24 0.13
CA PHE A 28 32.26 23.59 -0.51
C PHE A 28 33.68 24.18 -0.63
N ASP A 29 34.29 24.15 -1.82
CA ASP A 29 35.55 24.88 -2.11
C ASP A 29 35.20 26.38 -2.11
N CYS A 30 35.41 27.01 -0.94
CA CYS A 30 35.38 28.47 -0.75
C CYS A 30 36.77 29.06 -1.03
N ASN A 31 36.82 30.10 -1.86
CA ASN A 31 38.07 30.71 -2.40
C ASN A 31 37.69 32.12 -2.83
N PRO A 32 38.64 33.05 -3.11
CA PRO A 32 38.29 34.43 -3.42
C PRO A 32 37.49 34.69 -4.71
N GLY A 33 37.44 33.69 -5.61
CA GLY A 33 36.68 33.69 -6.88
C GLY A 33 35.20 33.30 -6.71
N GLY A 34 34.89 32.59 -5.62
CA GLY A 34 33.53 32.27 -5.15
C GLY A 34 33.43 30.85 -4.60
N LEU A 35 32.20 30.42 -4.30
CA LEU A 35 31.88 29.06 -3.77
C LEU A 35 31.64 28.07 -4.90
N SER A 36 32.01 26.82 -4.67
CA SER A 36 32.12 25.77 -5.71
C SER A 36 31.90 24.41 -5.03
N VAL A 37 30.88 23.66 -5.44
CA VAL A 37 30.67 22.23 -5.04
C VAL A 37 30.97 21.38 -6.28
N GLN A 38 31.68 20.29 -6.10
CA GLN A 38 31.94 19.31 -7.18
C GLN A 38 31.86 17.94 -6.48
N ALA A 39 30.89 17.11 -6.87
CA ALA A 39 30.50 15.88 -6.16
C ALA A 39 30.01 14.83 -7.16
N MET A 40 30.28 13.56 -6.88
CA MET A 40 29.67 12.41 -7.61
C MET A 40 28.68 11.67 -6.72
N ASP A 41 27.68 11.05 -7.35
CA ASP A 41 26.77 10.09 -6.70
C ASP A 41 27.60 8.85 -6.34
N SER A 42 27.09 8.00 -5.45
CA SER A 42 27.83 6.81 -4.97
C SER A 42 28.10 5.84 -6.13
N SER A 43 27.22 5.74 -7.12
CA SER A 43 27.43 4.75 -8.21
C SER A 43 28.53 5.26 -9.16
N HIS A 44 28.99 6.47 -8.94
CA HIS A 44 29.98 7.10 -9.83
C HIS A 44 29.50 7.14 -11.27
N VAL A 45 28.25 7.53 -11.55
CA VAL A 45 27.77 7.67 -12.97
C VAL A 45 27.40 9.12 -13.26
N ALA A 46 27.24 9.91 -12.20
CA ALA A 46 26.66 11.27 -12.24
C ALA A 46 27.54 12.19 -11.40
N LEU A 47 27.81 13.37 -11.94
CA LEU A 47 28.69 14.35 -11.31
C LEU A 47 27.96 15.67 -11.35
N VAL A 48 27.87 16.33 -10.22
CA VAL A 48 27.33 17.72 -10.18
C VAL A 48 28.51 18.65 -9.96
N HIS A 49 28.54 19.77 -10.70
CA HIS A 49 29.53 20.85 -10.52
C HIS A 49 28.74 22.15 -10.43
N MET A 50 28.79 22.82 -9.28
CA MET A 50 28.10 24.13 -9.09
C MET A 50 29.16 25.17 -8.79
N LEU A 51 29.05 26.33 -9.43
CA LEU A 51 29.90 27.52 -9.16
C LEU A 51 28.98 28.70 -8.85
N LEU A 52 29.08 29.26 -7.67
CA LEU A 52 28.59 30.64 -7.40
C LEU A 52 29.80 31.57 -7.35
N ARG A 53 29.84 32.54 -8.26
CA ARG A 53 30.93 33.54 -8.30
C ARG A 53 30.70 34.58 -7.21
N ASP A 54 31.75 35.31 -6.84
CA ASP A 54 31.68 36.33 -5.78
C ASP A 54 30.57 37.35 -6.12
N ASP A 55 30.35 37.72 -7.39
CA ASP A 55 29.36 38.76 -7.76
C ASP A 55 27.93 38.25 -7.55
N CYS A 56 27.76 36.96 -7.24
CA CYS A 56 26.45 36.32 -6.86
C CYS A 56 25.96 36.84 -5.50
N PHE A 57 26.89 37.06 -4.58
CA PHE A 57 26.63 37.54 -3.21
C PHE A 57 26.61 39.06 -3.23
N VAL A 58 25.80 39.69 -2.37
CA VAL A 58 25.88 41.15 -2.08
C VAL A 58 27.13 41.43 -1.23
N LYS A 59 27.78 40.40 -0.68
CA LYS A 59 28.95 40.60 0.22
C LYS A 59 29.76 39.30 0.31
N TYR A 60 30.92 39.24 -0.33
CA TYR A 60 31.77 38.02 -0.31
C TYR A 60 33.16 38.37 0.23
N GLN A 61 33.71 37.48 1.06
CA GLN A 61 35.01 37.65 1.76
C GLN A 61 35.63 36.27 1.97
N CYS A 62 36.70 35.95 1.25
CA CYS A 62 37.38 34.64 1.40
C CYS A 62 38.84 34.82 0.97
N GLY A 63 39.69 35.35 1.85
CA GLY A 63 41.13 35.58 1.59
C GLY A 63 41.79 34.26 1.23
N ARG A 64 41.55 33.22 2.03
CA ARG A 64 42.29 31.94 1.93
C ARG A 64 41.30 30.90 1.44
N ASN A 65 41.69 29.99 0.55
CA ASN A 65 40.78 28.85 0.21
C ASN A 65 40.68 27.96 1.45
N SER A 66 39.47 27.83 1.99
CA SER A 66 39.07 26.78 2.98
C SER A 66 38.09 25.83 2.28
N ILE A 67 38.15 24.55 2.63
CA ILE A 67 37.18 23.49 2.19
C ILE A 67 36.20 23.22 3.34
N LEU A 68 34.90 23.45 3.15
CA LEU A 68 33.88 23.16 4.20
C LEU A 68 33.02 21.96 3.79
N GLY A 69 33.00 20.93 4.64
CA GLY A 69 32.11 19.77 4.48
C GLY A 69 30.77 20.01 5.14
N LEU A 70 29.69 19.90 4.38
CA LEU A 70 28.34 20.11 4.94
C LEU A 70 27.45 18.90 4.68
N ASN A 71 26.60 18.59 5.67
CA ASN A 71 25.48 17.63 5.53
C ASN A 71 24.33 18.34 4.81
N LEU A 72 24.25 18.13 3.51
CA LEU A 72 23.22 18.73 2.64
C LEU A 72 21.84 18.32 3.16
N ALA A 73 21.74 17.18 3.83
CA ALA A 73 20.49 16.75 4.48
C ALA A 73 20.04 17.84 5.44
N SER A 74 20.87 18.12 6.45
CA SER A 74 20.60 19.11 7.53
C SER A 74 20.43 20.49 6.91
N LEU A 75 21.38 20.86 6.05
CA LEU A 75 21.32 22.17 5.37
C LEU A 75 19.95 22.32 4.72
N SER A 76 19.50 21.32 3.95
CA SER A 76 18.14 21.28 3.37
C SER A 76 17.10 21.55 4.46
N LYS A 77 17.13 20.76 5.53
CA LYS A 77 16.12 20.80 6.62
C LYS A 77 16.04 22.21 7.20
N VAL A 78 17.10 22.99 7.11
CA VAL A 78 17.18 24.36 7.70
C VAL A 78 16.62 25.35 6.67
N LEU A 79 17.12 25.29 5.45
CA LEU A 79 16.73 26.27 4.42
C LEU A 79 15.22 26.17 4.17
N LYS A 80 14.64 24.97 4.37
CA LYS A 80 13.18 24.77 4.25
C LYS A 80 12.48 25.78 5.16
N ILE A 81 13.04 26.10 6.33
CA ILE A 81 12.35 26.99 7.32
C ILE A 81 12.96 28.39 7.30
N VAL A 82 13.57 28.80 6.19
CA VAL A 82 14.08 30.19 5.97
C VAL A 82 13.23 30.84 4.88
N ASP A 83 12.64 31.99 5.18
CA ASP A 83 11.81 32.75 4.21
C ASP A 83 12.66 33.08 2.99
N SER A 84 12.10 32.89 1.79
CA SER A 84 12.78 33.14 0.48
C SER A 84 13.36 34.56 0.43
N ASN A 85 12.63 35.55 0.96
CA ASN A 85 12.87 37.02 0.77
C ASN A 85 13.77 37.57 1.87
N ASP A 86 13.89 36.85 2.98
CA ASP A 86 14.94 37.11 4.00
C ASP A 86 16.31 36.95 3.30
N SER A 87 17.31 37.68 3.79
CA SER A 87 18.75 37.56 3.41
C SER A 87 19.38 36.37 4.14
N LEU A 88 20.46 35.81 3.59
CA LEU A 88 21.16 34.68 4.25
C LEU A 88 22.67 34.83 4.16
N SER A 89 23.28 34.98 5.33
CA SER A 89 24.75 35.20 5.46
C SER A 89 25.42 33.96 6.07
N LEU A 90 26.08 33.20 5.21
CA LEU A 90 26.85 31.99 5.57
C LEU A 90 28.24 32.45 6.00
N ARG A 91 28.72 32.03 7.18
CA ARG A 91 30.01 32.50 7.78
C ARG A 91 30.74 31.34 8.43
N HIS A 92 32.07 31.45 8.53
CA HIS A 92 32.92 30.47 9.23
C HIS A 92 34.18 31.16 9.77
N ASP A 93 34.48 31.01 11.08
CA ASP A 93 35.68 31.59 11.77
C ASP A 93 36.75 30.51 11.94
N ASP A 94 38.00 30.92 12.17
CA ASP A 94 39.17 30.00 12.16
C ASP A 94 38.92 28.83 13.13
N ASP A 95 38.85 27.62 12.56
CA ASP A 95 38.73 26.30 13.27
C ASP A 95 37.51 26.32 14.21
N SER A 96 36.32 26.60 13.67
CA SER A 96 35.08 26.78 14.48
C SER A 96 34.34 25.46 14.59
N ASP A 97 34.55 24.54 13.63
CA ASP A 97 33.84 23.24 13.58
C ASP A 97 32.34 23.44 13.33
N VAL A 98 31.89 24.68 13.10
CA VAL A 98 30.52 25.00 12.63
C VAL A 98 30.57 26.18 11.64
N VAL A 99 29.54 26.25 10.79
CA VAL A 99 29.19 27.42 9.96
C VAL A 99 27.92 28.00 10.54
N THR A 100 27.69 29.29 10.34
CA THR A 100 26.49 30.01 10.85
C THR A 100 25.75 30.59 9.66
N LEU A 101 24.49 30.21 9.51
CA LEU A 101 23.58 30.84 8.52
C LEU A 101 22.78 31.86 9.30
N THR A 102 22.83 33.13 8.87
CA THR A 102 22.15 34.24 9.58
C THR A 102 21.12 34.87 8.64
N SER A 103 19.89 34.97 9.13
CA SER A 103 18.70 35.36 8.36
C SER A 103 18.14 36.66 8.92
N GLU A 104 18.12 37.71 8.11
CA GLU A 104 17.54 39.03 8.48
C GLU A 104 16.31 39.28 7.62
N ASN A 105 15.23 39.74 8.27
CA ASN A 105 14.05 40.38 7.64
C ASN A 105 14.54 41.51 6.73
N PRO A 106 13.85 41.83 5.60
CA PRO A 106 14.07 43.10 4.90
C PRO A 106 13.93 44.28 5.87
N GLU A 107 12.86 44.28 6.68
CA GLU A 107 12.53 45.31 7.71
C GLU A 107 13.43 45.19 8.95
N LYS A 108 14.35 44.22 9.02
CA LYS A 108 15.33 44.05 10.13
C LYS A 108 14.63 43.81 11.48
N THR A 109 13.34 43.49 11.50
CA THR A 109 12.56 43.24 12.76
C THR A 109 12.76 41.79 13.25
N ARG A 110 13.26 40.89 12.40
CA ARG A 110 13.50 39.46 12.78
C ARG A 110 14.92 39.03 12.38
N LYS A 111 15.59 38.32 13.28
CA LYS A 111 16.94 37.74 13.04
C LYS A 111 16.87 36.26 13.39
N CYS A 112 17.08 35.38 12.42
CA CYS A 112 17.26 33.94 12.69
C CYS A 112 18.73 33.60 12.51
N GLU A 113 19.29 32.75 13.37
CA GLU A 113 20.67 32.26 13.18
C GLU A 113 20.72 30.77 13.50
N TYR A 114 21.28 29.98 12.59
CA TYR A 114 21.41 28.51 12.73
C TYR A 114 22.88 28.12 12.61
N GLN A 115 23.32 27.13 13.36
CA GLN A 115 24.70 26.61 13.29
C GLN A 115 24.65 25.14 12.90
N LEU A 116 25.42 24.78 11.87
CA LEU A 116 25.54 23.37 11.42
C LEU A 116 26.97 22.88 11.66
N LYS A 117 27.11 21.72 12.30
CA LYS A 117 28.42 21.05 12.46
C LYS A 117 29.00 20.74 11.08
N LEU A 118 30.32 20.93 10.92
CA LEU A 118 31.04 20.62 9.67
C LEU A 118 31.45 19.14 9.68
N LEU A 119 31.46 18.50 8.52
CA LEU A 119 31.82 17.07 8.38
C LEU A 119 33.21 16.98 7.75
N GLU A 120 33.89 15.87 7.97
CA GLU A 120 35.16 15.54 7.28
C GLU A 120 34.84 14.69 6.04
N ILE A 121 34.66 15.31 4.87
CA ILE A 121 34.25 14.52 3.67
C ILE A 121 35.51 14.11 2.92
N GLU A 122 35.71 12.79 2.71
CA GLU A 122 36.94 12.23 2.12
C GLU A 122 36.84 12.14 0.59
N ALA A 123 35.67 11.92 0.03
CA ALA A 123 35.48 11.73 -1.44
C ALA A 123 35.91 13.00 -2.19
N GLU A 124 36.89 12.90 -3.10
CA GLU A 124 37.35 14.04 -3.96
C GLU A 124 37.81 13.51 -5.31
N SER A 125 37.48 12.26 -5.62
CA SER A 125 37.88 11.55 -6.88
C SER A 125 37.28 12.22 -8.12
N MET A 126 36.30 13.11 -7.93
CA MET A 126 35.54 13.79 -9.02
C MET A 126 36.53 14.50 -9.97
N GLY A 127 36.45 14.21 -11.26
CA GLY A 127 37.26 14.91 -12.30
C GLY A 127 36.38 15.35 -13.46
N ILE A 128 36.11 16.66 -13.56
CA ILE A 128 35.23 17.24 -14.63
C ILE A 128 35.57 16.57 -15.95
N PRO A 129 34.57 15.98 -16.66
CA PRO A 129 34.84 15.35 -17.95
C PRO A 129 35.25 16.37 -19.02
N GLU A 130 36.11 15.96 -19.96
CA GLU A 130 36.44 16.77 -21.17
C GLU A 130 35.12 17.12 -21.87
N MET A 131 35.08 18.22 -22.62
CA MET A 131 33.80 18.71 -23.19
C MET A 131 33.94 18.98 -24.70
N ASP A 132 34.20 17.95 -25.50
CA ASP A 132 34.16 18.08 -26.98
C ASP A 132 32.74 17.74 -27.45
N TYR A 133 31.77 18.59 -27.09
CA TYR A 133 30.33 18.32 -27.36
C TYR A 133 30.01 18.73 -28.80
N ARG A 134 29.45 17.80 -29.59
CA ARG A 134 29.05 18.04 -31.00
C ARG A 134 27.62 18.61 -31.05
N SER A 135 26.69 18.05 -30.29
CA SER A 135 25.26 18.46 -30.30
C SER A 135 24.91 19.29 -29.06
N THR A 136 24.07 20.32 -29.23
CA THR A 136 23.72 21.28 -28.16
C THR A 136 22.26 21.68 -28.29
N VAL A 137 21.36 20.79 -27.91
CA VAL A 137 19.91 21.09 -27.72
C VAL A 137 19.71 21.95 -26.45
N THR A 138 19.00 23.06 -26.61
CA THR A 138 18.59 23.99 -25.53
C THR A 138 17.08 24.15 -25.59
N LEU A 139 16.38 23.98 -24.47
CA LEU A 139 14.90 24.01 -24.46
C LEU A 139 14.42 24.60 -23.15
N ASN A 140 13.11 24.78 -23.03
CA ASN A 140 12.48 25.30 -21.79
C ASN A 140 12.85 24.33 -20.64
N SER A 141 13.24 24.89 -19.49
CA SER A 141 13.68 24.09 -18.31
C SER A 141 12.52 23.20 -17.82
N ALA A 142 11.32 23.75 -17.70
CA ALA A 142 10.17 23.05 -17.09
C ALA A 142 9.58 22.00 -18.05
N GLU A 143 9.76 22.16 -19.36
CA GLU A 143 9.30 21.19 -20.39
C GLU A 143 10.18 19.94 -20.28
N PHE A 144 11.49 20.15 -20.16
CA PHE A 144 12.46 19.03 -20.00
C PHE A 144 12.07 18.28 -18.72
N ALA A 145 11.67 19.01 -17.68
CA ALA A 145 11.37 18.43 -16.35
C ALA A 145 10.12 17.57 -16.44
N LYS A 146 9.13 18.04 -17.22
CA LYS A 146 7.87 17.31 -17.50
C LYS A 146 8.19 16.11 -18.38
N ILE A 147 8.89 16.30 -19.48
CA ILE A 147 9.26 15.18 -20.37
C ILE A 147 9.86 14.01 -19.55
N VAL A 148 10.74 14.28 -18.59
CA VAL A 148 11.40 13.18 -17.84
C VAL A 148 10.38 12.55 -16.88
N ARG A 149 9.61 13.35 -16.14
CA ARG A 149 8.55 12.82 -15.26
C ARG A 149 7.63 11.90 -16.07
N ASP A 150 7.32 12.32 -17.31
CA ASP A 150 6.40 11.59 -18.21
C ASP A 150 7.08 10.30 -18.67
N MET A 151 8.30 10.39 -19.17
CA MET A 151 9.02 9.20 -19.70
C MET A 151 9.18 8.13 -18.59
N GLN A 152 9.16 8.54 -17.32
CA GLN A 152 9.33 7.62 -16.18
C GLN A 152 8.11 6.71 -16.06
N VAL A 153 6.96 7.09 -16.62
CA VAL A 153 5.70 6.29 -16.45
C VAL A 153 5.90 4.96 -17.19
N PHE A 154 6.72 4.96 -18.24
CA PHE A 154 6.94 3.78 -19.10
C PHE A 154 8.07 2.92 -18.56
N GLY A 155 9.26 3.52 -18.44
CA GLY A 155 10.50 2.80 -18.06
C GLY A 155 11.39 3.58 -17.10
N ASP A 156 12.61 3.10 -16.91
CA ASP A 156 13.65 3.73 -16.05
C ASP A 156 14.82 4.16 -16.93
N THR A 157 14.73 3.95 -18.25
CA THR A 157 15.75 4.40 -19.21
C THR A 157 15.10 5.25 -20.31
N VAL A 158 15.71 6.37 -20.65
CA VAL A 158 15.23 7.29 -21.71
C VAL A 158 16.22 7.27 -22.87
N THR A 159 15.74 7.41 -24.10
CA THR A 159 16.62 7.44 -25.30
C THR A 159 16.41 8.76 -26.03
N ILE A 160 17.40 9.62 -25.94
CA ILE A 160 17.36 10.97 -26.56
C ILE A 160 17.99 10.85 -27.94
N ALA A 161 17.25 11.17 -28.98
CA ALA A 161 17.71 11.11 -30.39
C ALA A 161 17.64 12.53 -30.99
N ILE A 162 18.81 13.08 -31.34
CA ILE A 162 18.93 14.48 -31.84
C ILE A 162 19.03 14.41 -33.36
N SER A 163 18.14 15.14 -34.04
CA SER A 163 18.01 15.24 -35.53
C SER A 163 17.67 16.68 -35.93
N LYS A 164 17.86 17.05 -37.19
CA LYS A 164 17.76 18.45 -37.68
C LYS A 164 16.39 19.04 -37.34
N GLU A 165 15.33 18.24 -37.56
CA GLU A 165 13.90 18.58 -37.29
C GLU A 165 13.66 18.84 -35.79
N GLY A 166 14.31 18.08 -34.90
CA GLY A 166 14.15 18.24 -33.44
C GLY A 166 14.69 17.07 -32.64
N VAL A 167 14.29 16.96 -31.37
CA VAL A 167 14.77 15.91 -30.43
C VAL A 167 13.60 15.00 -30.05
N LYS A 168 13.88 13.70 -29.93
CA LYS A 168 12.89 12.71 -29.47
C LYS A 168 13.38 12.07 -28.15
N PHE A 169 12.52 12.07 -27.14
CA PHE A 169 12.74 11.34 -25.87
C PHE A 169 11.84 10.10 -25.90
N SER A 170 12.43 8.91 -25.97
CA SER A 170 11.69 7.63 -26.02
C SER A 170 11.90 6.83 -24.73
N SER A 171 10.87 6.12 -24.30
CA SER A 171 10.95 5.19 -23.14
C SER A 171 9.99 4.00 -23.34
N SER A 172 10.27 2.85 -22.72
CA SER A 172 9.50 1.59 -22.85
C SER A 172 9.39 0.85 -21.52
N GLY A 173 8.34 0.06 -21.33
CA GLY A 173 8.11 -0.69 -20.09
C GLY A 173 6.83 -1.50 -20.13
N ASP A 174 6.41 -2.01 -18.98
CA ASP A 174 5.17 -2.82 -18.80
C ASP A 174 3.94 -2.00 -19.24
N VAL A 175 3.86 -0.73 -18.87
CA VAL A 175 2.74 0.15 -19.29
C VAL A 175 2.72 0.26 -20.82
N GLY A 176 3.88 0.28 -21.47
CA GLY A 176 3.97 0.28 -22.94
C GLY A 176 5.13 1.11 -23.43
N GLN A 177 5.13 1.49 -24.70
CA GLN A 177 6.12 2.44 -25.27
C GLN A 177 5.55 3.86 -25.24
N GLY A 178 6.44 4.85 -25.22
CA GLY A 178 6.09 6.29 -25.22
C GLY A 178 7.21 7.11 -25.81
N TYR A 179 6.88 8.28 -26.36
CA TYR A 179 7.90 9.20 -26.89
C TYR A 179 7.33 10.61 -27.01
N THR A 180 8.19 11.60 -26.76
CA THR A 180 7.84 13.03 -26.93
C THR A 180 8.79 13.61 -27.97
N PHE A 181 8.27 14.09 -29.09
CA PHE A 181 9.09 14.78 -30.12
C PHE A 181 8.91 16.30 -29.98
N LEU A 182 10.02 17.01 -29.90
CA LEU A 182 9.99 18.49 -29.87
C LEU A 182 10.66 18.99 -31.14
N GLN A 183 9.94 19.72 -32.00
CA GLN A 183 10.52 20.20 -33.28
C GLN A 183 11.40 21.41 -32.98
N ALA A 184 12.46 21.58 -33.79
CA ALA A 184 13.43 22.71 -33.72
C ALA A 184 12.74 24.02 -34.13
N ALA A 185 13.35 25.17 -33.82
CA ALA A 185 12.86 26.51 -34.25
C ALA A 185 13.79 27.06 -35.35
N GLY A 227 11.26 26.91 -26.69
CA GLY A 227 11.76 27.07 -28.07
C GLY A 227 12.97 26.19 -28.31
N VAL A 228 12.78 24.99 -28.87
CA VAL A 228 13.87 23.99 -28.98
C VAL A 228 14.91 24.53 -29.97
N GLU A 229 16.12 24.80 -29.48
CA GLU A 229 17.26 25.25 -30.31
C GLU A 229 18.26 24.11 -30.37
N VAL A 230 18.37 23.45 -31.52
CA VAL A 230 19.34 22.36 -31.76
C VAL A 230 20.56 22.95 -32.45
N THR A 231 21.70 22.27 -32.32
CA THR A 231 23.00 22.66 -32.92
C THR A 231 23.86 21.42 -33.01
N MET A 232 23.85 20.73 -34.14
CA MET A 232 24.56 19.43 -34.28
C MET A 232 25.54 19.51 -35.45
N GLU A 233 26.47 18.56 -35.49
CA GLU A 233 27.38 18.34 -36.65
C GLU A 233 27.09 16.97 -37.24
N GLU A 234 26.17 16.21 -36.66
CA GLU A 234 25.95 14.78 -37.00
C GLU A 234 24.75 14.28 -36.21
N PRO A 235 23.95 13.32 -36.75
CA PRO A 235 22.87 12.71 -35.98
C PRO A 235 23.46 11.90 -34.82
N ILE A 236 22.95 12.15 -33.61
CA ILE A 236 23.44 11.49 -32.36
C ILE A 236 22.25 10.95 -31.60
N THR A 237 22.39 9.76 -31.03
CA THR A 237 21.32 9.09 -30.25
C THR A 237 21.97 8.37 -29.08
N LEU A 238 21.81 8.90 -27.86
CA LEU A 238 22.28 8.25 -26.61
C LEU A 238 21.09 7.85 -25.73
N SER A 239 21.34 6.96 -24.79
CA SER A 239 20.34 6.55 -23.78
C SER A 239 20.91 6.83 -22.40
N PHE A 240 20.04 7.11 -21.42
CA PHE A 240 20.41 7.59 -20.07
C PHE A 240 19.41 7.11 -19.02
N ALA A 241 19.89 6.92 -17.80
CA ALA A 241 19.07 6.60 -16.61
C ALA A 241 18.14 7.77 -16.26
N LEU A 242 16.84 7.51 -16.11
CA LEU A 242 15.86 8.60 -15.84
C LEU A 242 15.96 9.03 -14.39
N ARG A 243 16.35 8.14 -13.49
CA ARG A 243 16.49 8.48 -12.06
C ARG A 243 17.30 9.78 -11.93
N PHE A 244 18.40 9.89 -12.67
CA PHE A 244 19.39 10.99 -12.56
C PHE A 244 18.86 12.20 -13.33
N MET A 245 18.33 11.93 -14.52
CA MET A 245 17.73 13.01 -15.33
C MET A 245 16.67 13.74 -14.49
N GLY A 246 16.01 13.03 -13.57
CA GLY A 246 14.99 13.60 -12.67
C GLY A 246 15.61 14.48 -11.63
N ILE A 247 16.64 13.97 -10.97
CA ILE A 247 17.46 14.76 -10.00
C ILE A 247 17.90 16.07 -10.67
N PHE A 248 18.39 15.97 -11.91
CA PHE A 248 18.93 17.13 -12.67
C PHE A 248 17.81 18.13 -12.94
N ALA A 249 16.63 17.64 -13.31
CA ALA A 249 15.50 18.42 -13.88
C ALA A 249 15.02 19.46 -12.87
N LYS A 250 15.17 19.15 -11.58
CA LYS A 250 14.83 20.05 -10.44
C LYS A 250 15.58 21.39 -10.62
N GLY A 251 16.59 21.42 -11.48
CA GLY A 251 17.29 22.65 -11.89
C GLY A 251 16.36 23.70 -12.47
N SER A 252 15.14 23.33 -12.84
CA SER A 252 14.14 24.25 -13.46
C SER A 252 13.80 25.36 -12.48
N THR A 253 14.10 25.19 -11.19
CA THR A 253 13.85 26.20 -10.13
C THR A 253 14.84 27.37 -10.25
N LEU A 254 15.95 27.20 -10.96
CA LEU A 254 17.08 28.16 -11.03
C LEU A 254 17.14 28.88 -12.38
N SER A 255 16.63 28.27 -13.44
CA SER A 255 16.79 28.78 -14.82
C SER A 255 15.49 28.52 -15.59
N GLU A 256 15.10 29.46 -16.45
CA GLU A 256 13.88 29.32 -17.30
C GLU A 256 14.22 28.35 -18.44
N ARG A 257 15.50 28.26 -18.83
CA ARG A 257 15.97 27.36 -19.92
C ARG A 257 17.14 26.46 -19.45
N VAL A 258 17.22 25.25 -19.98
CA VAL A 258 18.26 24.23 -19.64
C VAL A 258 19.00 23.95 -20.93
N THR A 259 20.27 23.56 -20.82
CA THR A 259 21.09 23.19 -22.01
C THR A 259 21.62 21.78 -21.82
N LEU A 260 21.37 20.92 -22.81
CA LEU A 260 21.87 19.53 -22.85
C LEU A 260 22.96 19.49 -23.91
N LYS A 261 24.14 18.98 -23.58
CA LYS A 261 25.24 18.83 -24.58
C LYS A 261 25.56 17.35 -24.67
N PHE A 262 25.83 16.85 -25.88
CA PHE A 262 26.06 15.42 -26.13
C PHE A 262 27.24 15.18 -27.08
N ALA A 263 27.82 13.99 -26.95
CA ALA A 263 28.95 13.48 -27.77
C ALA A 263 28.95 11.95 -27.69
N LYS A 264 29.26 11.25 -28.79
CA LYS A 264 29.14 9.77 -28.86
C LYS A 264 29.95 9.19 -27.70
N ASP A 265 29.54 8.05 -27.13
CA ASP A 265 30.30 7.31 -26.09
C ASP A 265 30.69 8.22 -24.90
N SER A 266 30.12 9.42 -24.77
CA SER A 266 30.55 10.42 -23.75
C SER A 266 29.41 10.80 -22.80
N PRO A 267 29.76 11.11 -21.53
CA PRO A 267 28.83 11.74 -20.61
C PRO A 267 28.13 12.93 -21.28
N CYS A 268 26.81 13.01 -21.14
CA CYS A 268 26.10 14.27 -21.47
C CYS A 268 26.33 15.29 -20.37
N MET A 269 26.16 16.56 -20.72
CA MET A 269 26.07 17.65 -19.74
C MET A 269 24.65 18.20 -19.75
N VAL A 270 24.18 18.61 -18.58
CA VAL A 270 22.87 19.28 -18.38
C VAL A 270 23.15 20.55 -17.58
N GLU A 271 23.05 21.71 -18.19
CA GLU A 271 23.56 22.98 -17.59
C GLU A 271 22.38 23.88 -17.28
N TYR A 272 22.33 24.36 -16.06
CA TYR A 272 21.34 25.35 -15.61
C TYR A 272 22.13 26.62 -15.27
N GLY A 273 21.95 27.68 -16.07
CA GLY A 273 22.56 29.00 -15.83
C GLY A 273 21.92 29.70 -14.65
N ILE A 274 22.72 30.15 -13.69
CA ILE A 274 22.25 30.98 -12.55
C ILE A 274 22.58 32.44 -12.85
N ASP A 275 21.85 33.06 -13.78
CA ASP A 275 21.68 34.54 -13.87
C ASP A 275 23.00 35.19 -14.28
N ASN A 276 23.89 34.46 -14.94
CA ASN A 276 25.23 34.99 -15.31
C ASN A 276 26.13 35.24 -14.07
N VAL A 277 25.75 34.78 -12.87
CA VAL A 277 26.56 34.92 -11.62
C VAL A 277 26.98 33.53 -11.13
N GLY A 278 26.90 32.52 -11.99
CA GLY A 278 27.35 31.14 -11.71
C GLY A 278 26.58 30.11 -12.53
N TYR A 279 26.84 28.83 -12.28
CA TYR A 279 26.11 27.74 -12.98
C TYR A 279 25.92 26.52 -12.06
N LEU A 280 24.99 25.67 -12.47
CA LEU A 280 24.78 24.29 -11.96
C LEU A 280 24.89 23.33 -13.15
N ARG A 281 25.98 22.58 -13.22
CA ARG A 281 26.17 21.62 -14.34
C ARG A 281 26.16 20.21 -13.75
N TYR A 282 25.48 19.32 -14.46
CA TYR A 282 25.39 17.87 -14.15
C TYR A 282 26.00 17.14 -15.35
N TYR A 283 26.72 16.06 -15.08
CA TYR A 283 27.24 15.16 -16.13
C TYR A 283 26.75 13.76 -15.77
N LEU A 284 26.33 13.02 -16.79
CA LEU A 284 25.74 11.67 -16.64
C LEU A 284 26.29 10.77 -17.72
N ALA A 285 26.75 9.60 -17.31
CA ALA A 285 27.31 8.54 -18.18
C ALA A 285 26.20 7.99 -19.08
N PRO A 286 26.47 7.79 -20.38
CA PRO A 286 25.54 7.06 -21.23
C PRO A 286 25.22 5.70 -20.61
N LYS A 287 23.98 5.22 -20.79
CA LYS A 287 23.50 3.89 -20.31
C LYS A 287 23.65 2.89 -21.47
N VAL A 288 24.06 3.39 -22.64
CA VAL A 288 24.43 2.54 -23.82
C VAL A 288 25.66 1.67 -23.48
N ASP A 289 26.39 2.00 -22.41
CA ASP A 289 27.53 1.17 -21.92
C ASP A 289 27.03 -0.25 -21.57
N MET B 1 -20.98 -38.45 -29.39
CA MET B 1 -19.97 -38.11 -30.45
C MET B 1 -18.54 -38.19 -29.88
N LEU B 2 -18.06 -37.14 -29.20
CA LEU B 2 -16.67 -37.07 -28.64
C LEU B 2 -16.68 -37.40 -27.15
N GLU B 3 -15.77 -38.27 -26.71
CA GLU B 3 -15.62 -38.63 -25.28
C GLU B 3 -14.17 -39.06 -25.01
N ALA B 4 -13.43 -38.17 -24.33
CA ALA B 4 -12.10 -38.45 -23.75
C ALA B 4 -12.23 -38.34 -22.23
N GLN B 5 -11.92 -39.44 -21.56
CA GLN B 5 -11.89 -39.49 -20.08
C GLN B 5 -10.52 -40.01 -19.69
N VAL B 6 -10.01 -39.50 -18.57
CA VAL B 6 -8.67 -39.85 -18.05
C VAL B 6 -8.84 -40.23 -16.59
N GLN B 7 -7.95 -41.08 -16.09
CA GLN B 7 -8.07 -41.72 -14.75
C GLN B 7 -7.79 -40.68 -13.67
N PHE B 8 -6.66 -39.99 -13.78
CA PHE B 8 -6.24 -38.89 -12.88
C PHE B 8 -6.42 -37.55 -13.62
N ALA B 9 -7.17 -36.61 -13.03
CA ALA B 9 -7.47 -35.28 -13.58
C ALA B 9 -6.25 -34.36 -13.45
N SER B 10 -5.30 -34.69 -12.58
CA SER B 10 -4.07 -33.88 -12.43
C SER B 10 -3.57 -33.56 -13.84
N LEU B 11 -3.64 -34.52 -14.76
CA LEU B 11 -3.06 -34.35 -16.11
C LEU B 11 -3.66 -33.12 -16.79
N TRP B 12 -4.99 -33.03 -16.90
CA TRP B 12 -5.64 -31.85 -17.54
C TRP B 12 -5.26 -30.59 -16.75
N LYS B 13 -5.38 -30.65 -15.42
CA LYS B 13 -5.14 -29.48 -14.55
C LYS B 13 -3.77 -28.90 -14.84
N ARG B 14 -2.72 -29.75 -14.90
CA ARG B 14 -1.31 -29.30 -15.11
C ARG B 14 -1.16 -28.75 -16.54
N LEU B 15 -1.84 -29.35 -17.51
CA LEU B 15 -1.71 -28.95 -18.92
C LEU B 15 -2.35 -27.61 -19.18
N VAL B 16 -3.54 -27.38 -18.63
CA VAL B 16 -4.26 -26.11 -18.87
C VAL B 16 -3.48 -24.98 -18.20
N GLU B 17 -2.91 -25.19 -17.02
CA GLU B 17 -1.94 -24.25 -16.39
C GLU B 17 -0.87 -23.87 -17.41
N CYS B 18 -0.22 -24.86 -18.01
CA CYS B 18 0.92 -24.63 -18.92
C CYS B 18 0.47 -23.80 -20.11
N ILE B 19 -0.73 -24.03 -20.64
CA ILE B 19 -1.21 -23.37 -21.90
C ILE B 19 -1.81 -22.00 -21.59
N ASN B 20 -2.66 -21.89 -20.57
CA ASN B 20 -3.34 -20.62 -20.24
C ASN B 20 -2.28 -19.54 -20.03
N GLY B 21 -1.08 -19.97 -19.65
CA GLY B 21 0.12 -19.11 -19.56
C GLY B 21 0.36 -18.30 -20.83
N LEU B 22 0.14 -18.89 -21.99
CA LEU B 22 0.56 -18.29 -23.26
C LEU B 22 -0.65 -17.71 -23.98
N VAL B 23 -1.81 -18.35 -23.89
CA VAL B 23 -3.03 -17.97 -24.69
C VAL B 23 -4.25 -18.08 -23.79
N ASN B 24 -5.32 -17.38 -24.13
CA ASN B 24 -6.53 -17.29 -23.26
C ASN B 24 -7.60 -18.24 -23.78
N GLU B 25 -7.80 -18.26 -25.09
CA GLU B 25 -8.70 -19.20 -25.79
C GLU B 25 -7.80 -20.22 -26.48
N ALA B 26 -8.37 -21.23 -27.13
CA ALA B 26 -7.60 -22.21 -27.93
C ALA B 26 -8.55 -23.27 -28.50
N ASN B 27 -8.17 -23.85 -29.63
CA ASN B 27 -8.97 -24.90 -30.31
C ASN B 27 -8.43 -26.28 -29.92
N PHE B 28 -9.32 -27.16 -29.45
CA PHE B 28 -9.03 -28.59 -29.17
C PHE B 28 -9.28 -29.40 -30.45
N ASP B 29 -8.22 -29.66 -31.25
CA ASP B 29 -8.34 -30.40 -32.53
C ASP B 29 -8.41 -31.90 -32.20
N CYS B 30 -9.62 -32.40 -31.93
CA CYS B 30 -9.87 -33.81 -31.56
C CYS B 30 -9.94 -34.69 -32.80
N ASN B 31 -8.98 -35.59 -32.97
CA ASN B 31 -8.88 -36.50 -34.14
C ASN B 31 -8.71 -37.92 -33.60
N PRO B 32 -8.81 -38.98 -34.43
CA PRO B 32 -8.66 -40.35 -33.96
C PRO B 32 -7.33 -40.63 -33.25
N GLY B 33 -6.22 -40.07 -33.75
CA GLY B 33 -4.88 -40.20 -33.15
C GLY B 33 -4.80 -39.71 -31.70
N GLY B 34 -5.55 -38.65 -31.37
CA GLY B 34 -5.59 -37.99 -30.04
C GLY B 34 -6.02 -36.54 -30.13
N LEU B 35 -5.84 -35.79 -29.04
CA LEU B 35 -6.21 -34.34 -28.99
C LEU B 35 -4.97 -33.51 -29.27
N SER B 36 -5.15 -32.47 -30.07
CA SER B 36 -4.07 -31.51 -30.37
C SER B 36 -4.53 -30.13 -29.94
N VAL B 37 -3.68 -29.39 -29.23
CA VAL B 37 -3.86 -27.93 -29.04
C VAL B 37 -2.64 -27.25 -29.66
N GLN B 38 -2.85 -26.48 -30.72
CA GLN B 38 -1.77 -25.67 -31.32
C GLN B 38 -2.24 -24.21 -31.25
N ALA B 39 -1.44 -23.31 -30.66
CA ALA B 39 -1.82 -21.90 -30.44
C ALA B 39 -0.58 -21.00 -30.44
N MET B 40 -0.78 -19.73 -30.79
CA MET B 40 0.29 -18.71 -30.83
C MET B 40 -0.08 -17.51 -29.93
N ASP B 41 0.89 -16.88 -29.28
CA ASP B 41 0.65 -15.69 -28.41
C ASP B 41 0.13 -14.52 -29.26
N SER B 42 -0.55 -13.59 -28.62
CA SER B 42 -1.08 -12.36 -29.27
C SER B 42 0.08 -11.65 -29.95
N SER B 43 1.28 -11.74 -29.38
CA SER B 43 2.49 -11.08 -29.93
C SER B 43 2.93 -11.80 -31.20
N HIS B 44 2.42 -13.01 -31.43
CA HIS B 44 2.87 -13.85 -32.58
C HIS B 44 4.40 -14.05 -32.51
N VAL B 45 4.95 -14.43 -31.35
CA VAL B 45 6.41 -14.72 -31.18
C VAL B 45 6.61 -16.11 -30.57
N ALA B 46 5.55 -16.74 -30.06
CA ALA B 46 5.66 -18.04 -29.36
C ALA B 46 4.49 -18.95 -29.70
N LEU B 47 4.78 -20.24 -29.89
CA LEU B 47 3.75 -21.22 -30.25
C LEU B 47 3.81 -22.38 -29.27
N VAL B 48 2.66 -22.98 -28.96
CA VAL B 48 2.54 -24.19 -28.12
C VAL B 48 1.82 -25.29 -28.93
N HIS B 49 2.39 -26.50 -28.96
CA HIS B 49 1.75 -27.69 -29.57
C HIS B 49 1.65 -28.75 -28.48
N MET B 50 0.44 -29.07 -28.06
CA MET B 50 0.24 -30.19 -27.10
C MET B 50 -0.49 -31.31 -27.84
N LEU B 51 0.05 -32.52 -27.76
CA LEU B 51 -0.61 -33.71 -28.31
C LEU B 51 -0.83 -34.71 -27.19
N LEU B 52 -2.07 -35.07 -26.92
CA LEU B 52 -2.39 -36.20 -26.01
C LEU B 52 -2.91 -37.32 -26.88
N ARG B 53 -2.10 -38.38 -27.09
CA ARG B 53 -2.49 -39.56 -27.93
C ARG B 53 -3.68 -40.32 -27.31
N ASP B 54 -4.45 -41.05 -28.11
CA ASP B 54 -5.58 -41.92 -27.67
C ASP B 54 -5.16 -42.88 -26.54
N ASP B 55 -3.94 -43.44 -26.63
CA ASP B 55 -3.36 -44.38 -25.62
C ASP B 55 -3.27 -43.69 -24.24
N CYS B 56 -3.50 -42.38 -24.17
CA CYS B 56 -3.40 -41.55 -22.93
C CYS B 56 -4.69 -41.66 -22.12
N PHE B 57 -5.84 -41.80 -22.77
CA PHE B 57 -7.16 -41.70 -22.11
C PHE B 57 -7.62 -43.12 -21.75
N VAL B 58 -8.24 -43.28 -20.60
CA VAL B 58 -8.93 -44.55 -20.24
C VAL B 58 -9.99 -44.82 -21.32
N LYS B 59 -10.78 -43.82 -21.71
CA LYS B 59 -11.82 -43.93 -22.76
C LYS B 59 -11.62 -42.79 -23.77
N TYR B 60 -11.42 -43.13 -25.06
CA TYR B 60 -11.34 -42.13 -26.16
C TYR B 60 -12.25 -42.55 -27.32
N GLN B 61 -13.23 -41.70 -27.65
CA GLN B 61 -14.11 -41.92 -28.82
C GLN B 61 -14.09 -40.69 -29.71
N CYS B 62 -13.39 -40.80 -30.85
CA CYS B 62 -13.31 -39.74 -31.88
C CYS B 62 -13.18 -40.41 -33.26
N GLY B 63 -14.33 -40.88 -33.78
CA GLY B 63 -14.47 -41.44 -35.14
C GLY B 63 -14.03 -40.42 -36.17
N ARG B 64 -14.57 -39.20 -36.11
CA ARG B 64 -14.30 -38.11 -37.08
C ARG B 64 -13.30 -37.11 -36.47
N ASN B 65 -13.13 -35.96 -37.10
CA ASN B 65 -12.38 -34.80 -36.54
C ASN B 65 -13.38 -33.77 -36.01
N SER B 66 -13.32 -33.43 -34.72
CA SER B 66 -14.10 -32.30 -34.11
C SER B 66 -13.14 -31.24 -33.58
N ILE B 67 -13.38 -29.96 -33.90
CA ILE B 67 -12.59 -28.80 -33.38
C ILE B 67 -13.43 -28.07 -32.33
N LEU B 68 -12.96 -28.00 -31.09
CA LEU B 68 -13.70 -27.38 -29.96
C LEU B 68 -12.91 -26.19 -29.43
N GLY B 69 -13.41 -24.96 -29.63
CA GLY B 69 -12.80 -23.75 -29.08
C GLY B 69 -13.18 -23.59 -27.61
N LEU B 70 -12.22 -23.35 -26.72
CA LEU B 70 -12.48 -23.26 -25.28
C LEU B 70 -11.86 -22.00 -24.68
N ASN B 71 -12.60 -21.32 -23.79
CA ASN B 71 -12.03 -20.19 -23.01
C ASN B 71 -11.14 -20.78 -21.89
N LEU B 72 -9.84 -20.97 -22.14
CA LEU B 72 -8.90 -21.59 -21.15
C LEU B 72 -9.00 -20.82 -19.83
N ALA B 73 -9.32 -19.53 -19.90
CA ALA B 73 -9.55 -18.68 -18.71
C ALA B 73 -10.54 -19.41 -17.80
N SER B 74 -11.72 -19.72 -18.34
CA SER B 74 -12.82 -20.44 -17.65
C SER B 74 -12.45 -21.89 -17.39
N LEU B 75 -11.95 -22.59 -18.40
CA LEU B 75 -11.60 -24.03 -18.27
C LEU B 75 -10.71 -24.18 -17.04
N SER B 76 -9.69 -23.33 -16.91
CA SER B 76 -8.76 -23.29 -15.75
C SER B 76 -9.53 -23.04 -14.44
N LYS B 77 -10.40 -22.04 -14.40
CA LYS B 77 -11.22 -21.70 -13.20
C LYS B 77 -11.97 -22.94 -12.72
N VAL B 78 -12.33 -23.84 -13.63
CA VAL B 78 -13.05 -25.11 -13.32
C VAL B 78 -12.03 -26.15 -12.86
N LEU B 79 -11.07 -26.49 -13.72
CA LEU B 79 -10.05 -27.54 -13.41
C LEU B 79 -9.43 -27.23 -12.05
N LYS B 80 -9.38 -25.95 -11.68
CA LYS B 80 -8.74 -25.52 -10.41
C LYS B 80 -9.53 -26.08 -9.22
N ILE B 81 -10.77 -26.54 -9.39
CA ILE B 81 -11.57 -27.09 -8.25
C ILE B 81 -11.73 -28.59 -8.36
N VAL B 82 -11.37 -29.21 -9.48
CA VAL B 82 -11.48 -30.68 -9.67
C VAL B 82 -10.36 -31.36 -8.86
N ASP B 83 -10.67 -32.45 -8.17
CA ASP B 83 -9.68 -33.19 -7.35
C ASP B 83 -8.60 -33.80 -8.26
N SER B 84 -7.34 -33.65 -7.85
CA SER B 84 -6.17 -34.29 -8.52
C SER B 84 -6.47 -35.75 -8.90
N ASN B 85 -7.13 -36.53 -8.02
CA ASN B 85 -7.12 -38.02 -8.04
C ASN B 85 -8.46 -38.59 -8.55
N ASP B 86 -9.46 -37.73 -8.64
CA ASP B 86 -10.73 -38.06 -9.35
C ASP B 86 -10.44 -38.26 -10.84
N SER B 87 -11.42 -38.78 -11.58
CA SER B 87 -11.42 -38.94 -13.05
C SER B 87 -11.98 -37.68 -13.69
N LEU B 88 -11.64 -37.42 -14.97
CA LEU B 88 -12.26 -36.32 -15.75
C LEU B 88 -12.59 -36.78 -17.18
N SER B 89 -13.89 -36.94 -17.44
CA SER B 89 -14.46 -37.17 -18.81
C SER B 89 -14.80 -35.83 -19.44
N LEU B 90 -14.09 -35.51 -20.52
CA LEU B 90 -14.45 -34.42 -21.47
C LEU B 90 -15.33 -35.03 -22.58
N ARG B 91 -16.55 -34.50 -22.74
CA ARG B 91 -17.62 -35.12 -23.59
C ARG B 91 -18.41 -34.01 -24.28
N HIS B 92 -18.57 -34.11 -25.60
CA HIS B 92 -19.34 -33.15 -26.46
C HIS B 92 -20.06 -33.90 -27.57
N ASP B 93 -21.36 -33.64 -27.71
CA ASP B 93 -22.29 -34.35 -28.62
C ASP B 93 -22.42 -33.55 -29.92
N ASP B 94 -23.05 -34.14 -30.94
CA ASP B 94 -23.13 -33.54 -32.29
C ASP B 94 -23.94 -32.25 -32.22
N ASP B 95 -23.46 -31.23 -32.96
CA ASP B 95 -24.03 -29.87 -33.02
C ASP B 95 -24.57 -29.49 -31.62
N SER B 96 -23.70 -29.56 -30.62
CA SER B 96 -23.96 -28.98 -29.27
C SER B 96 -23.12 -27.71 -29.13
N ASP B 97 -23.64 -26.70 -28.44
CA ASP B 97 -22.92 -25.41 -28.25
C ASP B 97 -22.09 -25.49 -26.95
N VAL B 98 -22.02 -26.68 -26.35
CA VAL B 98 -21.48 -26.88 -24.97
C VAL B 98 -20.71 -28.19 -24.90
N VAL B 99 -19.58 -28.18 -24.19
CA VAL B 99 -18.85 -29.41 -23.70
C VAL B 99 -19.05 -29.53 -22.20
N THR B 100 -18.92 -30.75 -21.69
CA THR B 100 -19.22 -31.09 -20.28
C THR B 100 -18.03 -31.85 -19.70
N LEU B 101 -17.64 -31.47 -18.49
CA LEU B 101 -16.61 -32.19 -17.72
C LEU B 101 -17.31 -32.91 -16.58
N THR B 102 -16.97 -34.19 -16.39
CA THR B 102 -17.65 -35.09 -15.45
C THR B 102 -16.57 -35.73 -14.58
N SER B 103 -16.58 -35.40 -13.29
CA SER B 103 -15.55 -35.87 -12.35
C SER B 103 -16.19 -36.85 -11.37
N GLU B 104 -15.62 -38.05 -11.22
CA GLU B 104 -16.09 -39.06 -10.23
C GLU B 104 -14.95 -39.42 -9.28
N ASN B 105 -15.26 -39.58 -7.99
CA ASN B 105 -14.37 -40.20 -6.96
C ASN B 105 -13.89 -41.54 -7.48
N PRO B 106 -12.73 -42.04 -7.02
CA PRO B 106 -12.39 -43.45 -7.23
C PRO B 106 -13.51 -44.37 -6.69
N GLU B 107 -14.07 -44.01 -5.53
CA GLU B 107 -15.09 -44.77 -4.75
C GLU B 107 -16.51 -44.58 -5.31
N LYS B 108 -16.70 -43.70 -6.30
CA LYS B 108 -18.01 -43.43 -6.95
C LYS B 108 -19.03 -42.95 -5.91
N THR B 109 -18.55 -42.24 -4.89
CA THR B 109 -19.40 -41.73 -3.77
C THR B 109 -19.83 -40.28 -4.07
N ARG B 110 -19.07 -39.57 -4.91
CA ARG B 110 -19.43 -38.19 -5.36
C ARG B 110 -19.25 -38.09 -6.88
N LYS B 111 -20.07 -37.26 -7.52
CA LYS B 111 -20.06 -37.03 -8.99
C LYS B 111 -20.19 -35.53 -9.23
N CYS B 112 -19.26 -34.97 -10.01
CA CYS B 112 -19.27 -33.55 -10.41
C CYS B 112 -19.45 -33.47 -11.92
N GLU B 113 -20.15 -32.44 -12.39
CA GLU B 113 -20.35 -32.22 -13.84
C GLU B 113 -20.50 -30.72 -14.12
N TYR B 114 -19.55 -30.18 -14.87
CA TYR B 114 -19.49 -28.75 -15.24
C TYR B 114 -19.78 -28.64 -16.73
N GLN B 115 -20.38 -27.53 -17.14
CA GLN B 115 -20.69 -27.22 -18.56
C GLN B 115 -20.00 -25.91 -18.98
N LEU B 116 -19.25 -25.97 -20.08
CA LEU B 116 -18.55 -24.81 -20.68
C LEU B 116 -19.10 -24.56 -22.08
N LYS B 117 -19.60 -23.34 -22.31
CA LYS B 117 -20.03 -22.85 -23.64
C LYS B 117 -18.82 -22.87 -24.59
N LEU B 118 -18.95 -23.48 -25.76
CA LEU B 118 -17.89 -23.51 -26.81
C LEU B 118 -17.66 -22.09 -27.33
N LEU B 119 -16.58 -21.90 -28.08
CA LEU B 119 -16.27 -20.63 -28.83
C LEU B 119 -15.97 -20.95 -30.30
N GLU B 120 -15.91 -19.90 -31.12
CA GLU B 120 -15.59 -20.00 -32.56
C GLU B 120 -14.23 -19.35 -32.74
N ILE B 121 -13.16 -20.12 -32.69
CA ILE B 121 -11.78 -19.56 -32.76
C ILE B 121 -11.22 -19.86 -34.14
N GLU B 122 -10.74 -18.83 -34.85
CA GLU B 122 -10.15 -18.95 -36.21
C GLU B 122 -8.85 -19.72 -36.13
N ALA B 123 -8.52 -20.53 -37.15
CA ALA B 123 -7.36 -21.43 -37.15
C ALA B 123 -6.05 -20.61 -37.12
N GLU B 124 -5.05 -21.03 -36.33
CA GLU B 124 -3.73 -20.33 -36.19
C GLU B 124 -3.11 -20.29 -37.59
N SER B 125 -3.01 -19.09 -38.18
CA SER B 125 -2.48 -18.92 -39.57
C SER B 125 -1.08 -19.53 -39.65
N MET B 126 -0.13 -19.03 -38.84
CA MET B 126 1.29 -19.50 -38.80
C MET B 126 1.32 -20.90 -38.17
N GLY B 127 2.32 -21.70 -38.59
CA GLY B 127 2.47 -23.11 -38.23
C GLY B 127 3.82 -23.39 -37.59
N ILE B 128 4.04 -24.63 -37.18
CA ILE B 128 5.28 -25.06 -36.45
C ILE B 128 6.49 -24.72 -37.34
N PRO B 129 7.62 -24.26 -36.77
CA PRO B 129 8.86 -24.13 -37.54
C PRO B 129 9.29 -25.48 -38.10
N GLU B 130 9.93 -25.54 -39.27
CA GLU B 130 10.24 -26.83 -39.94
C GLU B 130 11.76 -27.06 -40.00
N MET B 131 12.56 -26.34 -39.20
CA MET B 131 14.04 -26.49 -39.22
C MET B 131 14.45 -27.79 -38.53
N ASP B 132 15.65 -28.26 -38.83
CA ASP B 132 16.28 -29.44 -38.16
C ASP B 132 17.26 -28.87 -37.13
N TYR B 133 16.98 -29.10 -35.86
CA TYR B 133 17.79 -28.53 -34.77
C TYR B 133 19.15 -29.24 -34.78
N ARG B 134 20.24 -28.48 -34.86
CA ARG B 134 21.62 -29.02 -34.86
C ARG B 134 22.06 -29.37 -33.44
N SER B 135 21.86 -28.45 -32.51
CA SER B 135 22.31 -28.61 -31.10
C SER B 135 21.12 -28.88 -30.18
N THR B 136 21.31 -29.74 -29.17
CA THR B 136 20.23 -30.13 -28.22
C THR B 136 20.79 -30.36 -26.82
N VAL B 137 20.07 -29.89 -25.80
CA VAL B 137 20.46 -30.09 -24.38
C VAL B 137 19.23 -30.54 -23.60
N THR B 138 19.42 -31.54 -22.74
CA THR B 138 18.33 -32.06 -21.88
C THR B 138 18.77 -31.87 -20.43
N LEU B 139 17.88 -31.40 -19.56
CA LEU B 139 18.22 -31.13 -18.13
C LEU B 139 16.98 -31.36 -17.28
N ASN B 140 17.16 -31.42 -15.95
CA ASN B 140 16.03 -31.54 -15.02
C ASN B 140 15.12 -30.33 -15.28
N SER B 141 13.84 -30.58 -15.52
CA SER B 141 12.81 -29.53 -15.72
C SER B 141 12.87 -28.49 -14.58
N ALA B 142 12.92 -28.94 -13.33
CA ALA B 142 12.86 -28.05 -12.16
C ALA B 142 14.07 -27.13 -12.16
N GLU B 143 15.26 -27.64 -12.53
CA GLU B 143 16.48 -26.80 -12.62
C GLU B 143 16.27 -25.71 -13.67
N PHE B 144 15.79 -26.10 -14.85
CA PHE B 144 15.47 -25.12 -15.94
C PHE B 144 14.56 -24.02 -15.37
N ALA B 145 13.52 -24.41 -14.63
CA ALA B 145 12.55 -23.47 -14.04
C ALA B 145 13.28 -22.50 -13.13
N LYS B 146 14.12 -23.04 -12.22
CA LYS B 146 14.85 -22.20 -11.24
C LYS B 146 15.71 -21.22 -12.01
N ILE B 147 16.43 -21.71 -13.01
CA ILE B 147 17.34 -20.83 -13.79
C ILE B 147 16.53 -19.66 -14.37
N VAL B 148 15.35 -19.93 -14.92
CA VAL B 148 14.58 -18.86 -15.59
C VAL B 148 14.13 -17.84 -14.53
N ARG B 149 13.59 -18.28 -13.40
CA ARG B 149 13.17 -17.35 -12.31
C ARG B 149 14.40 -16.56 -11.85
N ASP B 150 15.53 -17.24 -11.69
CA ASP B 150 16.78 -16.64 -11.19
C ASP B 150 17.25 -15.58 -12.19
N MET B 151 17.30 -15.92 -13.48
CA MET B 151 17.85 -15.00 -14.51
C MET B 151 16.95 -13.76 -14.60
N GLN B 152 15.68 -13.89 -14.21
CA GLN B 152 14.70 -12.77 -14.27
C GLN B 152 15.01 -11.77 -13.16
N VAL B 153 15.76 -12.19 -12.13
CA VAL B 153 16.23 -11.30 -11.04
C VAL B 153 17.05 -10.19 -11.67
N PHE B 154 17.74 -10.48 -12.76
CA PHE B 154 18.72 -9.55 -13.39
C PHE B 154 18.06 -8.79 -14.53
N GLY B 155 17.66 -9.48 -15.58
CA GLY B 155 17.19 -8.88 -16.84
C GLY B 155 15.88 -9.48 -17.33
N ASP B 156 15.41 -9.03 -18.48
CA ASP B 156 14.19 -9.54 -19.15
C ASP B 156 14.62 -10.39 -20.35
N THR B 157 15.94 -10.61 -20.52
CA THR B 157 16.49 -11.43 -21.62
C THR B 157 17.55 -12.39 -21.07
N VAL B 158 17.62 -13.61 -21.58
CA VAL B 158 18.59 -14.66 -21.16
C VAL B 158 19.42 -15.07 -22.38
N THR B 159 20.72 -15.27 -22.19
CA THR B 159 21.63 -15.72 -23.26
C THR B 159 22.01 -17.16 -22.96
N ILE B 160 21.58 -18.08 -23.82
CA ILE B 160 21.89 -19.52 -23.67
C ILE B 160 23.08 -19.82 -24.60
N ALA B 161 24.17 -20.34 -24.03
CA ALA B 161 25.41 -20.65 -24.77
C ALA B 161 25.72 -22.15 -24.63
N ILE B 162 25.63 -22.88 -25.74
CA ILE B 162 25.85 -24.36 -25.76
C ILE B 162 27.34 -24.61 -26.05
N SER B 163 28.03 -25.24 -25.11
CA SER B 163 29.47 -25.56 -25.22
C SER B 163 29.66 -27.05 -24.90
N LYS B 164 30.67 -27.68 -25.51
CA LYS B 164 30.98 -29.11 -25.27
C LYS B 164 30.92 -29.36 -23.77
N GLU B 165 31.49 -28.43 -22.99
CA GLU B 165 31.60 -28.50 -21.51
C GLU B 165 30.19 -28.48 -20.90
N GLY B 166 29.31 -27.61 -21.39
CA GLY B 166 27.94 -27.49 -20.86
C GLY B 166 27.22 -26.29 -21.41
N VAL B 167 26.10 -25.93 -20.80
CA VAL B 167 25.30 -24.75 -21.22
C VAL B 167 25.50 -23.63 -20.18
N LYS B 168 25.50 -22.37 -20.62
CA LYS B 168 25.54 -21.20 -19.71
C LYS B 168 24.32 -20.32 -19.98
N PHE B 169 23.54 -20.05 -18.92
CA PHE B 169 22.43 -19.07 -18.96
C PHE B 169 22.94 -17.78 -18.35
N SER B 170 22.89 -16.68 -19.09
CA SER B 170 23.47 -15.38 -18.64
C SER B 170 22.44 -14.26 -18.79
N SER B 171 22.29 -13.42 -17.77
CA SER B 171 21.38 -12.25 -17.82
C SER B 171 22.08 -11.06 -17.18
N SER B 172 21.74 -9.85 -17.60
CA SER B 172 22.34 -8.59 -17.08
C SER B 172 21.24 -7.55 -16.87
N GLY B 173 21.38 -6.75 -15.83
CA GLY B 173 20.43 -5.66 -15.53
C GLY B 173 20.93 -4.77 -14.42
N ASP B 174 20.03 -4.01 -13.81
CA ASP B 174 20.41 -3.01 -12.78
C ASP B 174 20.98 -3.73 -11.56
N VAL B 175 20.31 -4.75 -11.06
CA VAL B 175 20.83 -5.54 -9.91
C VAL B 175 22.30 -5.90 -10.16
N GLY B 176 22.67 -6.10 -11.43
CA GLY B 176 24.02 -6.49 -11.85
C GLY B 176 23.97 -7.54 -12.94
N GLN B 177 24.92 -8.46 -12.94
CA GLN B 177 25.06 -9.51 -13.96
C GLN B 177 25.15 -10.85 -13.24
N GLY B 178 24.62 -11.89 -13.86
CA GLY B 178 24.65 -13.24 -13.30
C GLY B 178 24.72 -14.28 -14.41
N TYR B 179 25.16 -15.47 -14.08
CA TYR B 179 25.08 -16.62 -15.00
C TYR B 179 25.00 -17.89 -14.17
N THR B 180 24.36 -18.90 -14.77
CA THR B 180 24.34 -20.29 -14.24
C THR B 180 24.92 -21.21 -15.31
N PHE B 181 26.02 -21.91 -15.01
CA PHE B 181 26.67 -22.87 -15.93
C PHE B 181 26.45 -24.29 -15.40
N LEU B 182 26.06 -25.21 -16.29
CA LEU B 182 25.83 -26.65 -15.96
C LEU B 182 26.79 -27.49 -16.80
N GLN B 183 27.62 -28.34 -16.17
CA GLN B 183 28.61 -29.17 -16.92
C GLN B 183 27.89 -30.43 -17.42
N ALA B 184 28.44 -31.08 -18.46
CA ALA B 184 27.88 -32.29 -19.11
C ALA B 184 28.13 -33.56 -18.27
N ALA B 185 27.72 -33.53 -16.99
CA ALA B 185 27.88 -34.64 -16.02
C ALA B 185 26.49 -35.17 -15.61
N GLY B 227 23.76 -33.98 -14.42
CA GLY B 227 22.69 -34.65 -15.19
C GLY B 227 22.36 -33.93 -16.49
N VAL B 228 23.33 -33.24 -17.12
CA VAL B 228 23.07 -32.47 -18.36
C VAL B 228 23.55 -33.31 -19.55
N GLU B 229 22.67 -33.55 -20.51
CA GLU B 229 23.02 -34.28 -21.76
C GLU B 229 22.98 -33.25 -22.89
N VAL B 230 24.15 -32.92 -23.42
CA VAL B 230 24.29 -31.96 -24.54
C VAL B 230 24.73 -32.73 -25.78
N THR B 231 24.23 -32.32 -26.95
CA THR B 231 24.62 -32.88 -28.27
C THR B 231 24.66 -31.74 -29.29
N MET B 232 25.84 -31.33 -29.73
CA MET B 232 25.95 -30.19 -30.66
C MET B 232 26.75 -30.63 -31.90
N GLU B 233 26.29 -30.26 -33.08
CA GLU B 233 27.10 -30.37 -34.32
C GLU B 233 28.22 -29.33 -34.21
N GLU B 234 27.90 -28.15 -33.66
CA GLU B 234 28.82 -27.00 -33.52
C GLU B 234 28.41 -26.19 -32.30
N PRO B 235 29.25 -25.26 -31.78
CA PRO B 235 28.86 -24.38 -30.69
C PRO B 235 27.77 -23.41 -31.17
N ILE B 236 26.81 -23.07 -30.30
CA ILE B 236 25.68 -22.17 -30.64
C ILE B 236 25.36 -21.32 -29.41
N THR B 237 25.11 -20.03 -29.61
CA THR B 237 24.79 -19.07 -28.50
C THR B 237 23.67 -18.13 -28.96
N LEU B 238 22.45 -18.33 -28.46
CA LEU B 238 21.28 -17.50 -28.86
C LEU B 238 20.66 -16.89 -27.61
N SER B 239 19.94 -15.76 -27.77
CA SER B 239 19.32 -15.04 -26.63
C SER B 239 17.79 -14.95 -26.83
N PHE B 240 17.03 -15.16 -25.75
CA PHE B 240 15.54 -15.23 -25.80
C PHE B 240 14.97 -14.44 -24.65
N ALA B 241 13.66 -14.22 -24.72
CA ALA B 241 12.86 -13.47 -23.73
C ALA B 241 12.51 -14.36 -22.54
N LEU B 242 12.81 -13.91 -21.32
CA LEU B 242 12.59 -14.75 -20.12
C LEU B 242 11.09 -14.86 -19.86
N ARG B 243 10.30 -13.88 -20.27
CA ARG B 243 8.86 -13.91 -19.93
C ARG B 243 8.24 -15.19 -20.48
N PHE B 244 8.51 -15.49 -21.75
CA PHE B 244 7.96 -16.68 -22.44
C PHE B 244 8.63 -17.94 -21.90
N MET B 245 9.95 -17.88 -21.72
CA MET B 245 10.70 -19.04 -21.19
C MET B 245 10.13 -19.46 -19.84
N GLY B 246 9.70 -18.48 -19.04
CA GLY B 246 9.00 -18.73 -17.76
C GLY B 246 7.68 -19.45 -17.97
N ILE B 247 6.87 -18.95 -18.91
CA ILE B 247 5.56 -19.56 -19.26
C ILE B 247 5.79 -21.02 -19.64
N PHE B 248 6.94 -21.29 -20.26
CA PHE B 248 7.31 -22.64 -20.75
C PHE B 248 7.72 -23.54 -19.60
N ALA B 249 8.51 -23.02 -18.67
CA ALA B 249 9.13 -23.83 -17.61
C ALA B 249 8.04 -24.44 -16.72
N LYS B 250 6.79 -23.96 -16.83
CA LYS B 250 5.68 -24.42 -15.96
C LYS B 250 5.36 -25.88 -16.31
N GLY B 251 5.89 -26.38 -17.43
CA GLY B 251 5.78 -27.80 -17.83
C GLY B 251 6.58 -28.74 -16.95
N SER B 252 7.44 -28.21 -16.09
CA SER B 252 8.19 -29.02 -15.09
C SER B 252 7.20 -29.91 -14.37
N THR B 253 5.93 -29.49 -14.30
CA THR B 253 4.86 -30.22 -13.61
C THR B 253 4.51 -31.49 -14.37
N LEU B 254 4.88 -31.60 -15.65
CA LEU B 254 4.48 -32.73 -16.52
C LEU B 254 5.62 -33.72 -16.67
N SER B 255 6.86 -33.30 -16.58
CA SER B 255 8.01 -34.16 -16.91
C SER B 255 9.17 -33.77 -15.99
N GLU B 256 9.92 -34.75 -15.51
CA GLU B 256 11.12 -34.53 -14.67
C GLU B 256 12.23 -33.92 -15.52
N ARG B 257 12.40 -34.36 -16.76
CA ARG B 257 13.49 -33.86 -17.63
C ARG B 257 12.89 -33.02 -18.77
N VAL B 258 13.67 -32.09 -19.31
CA VAL B 258 13.18 -31.18 -20.39
C VAL B 258 14.27 -31.11 -21.43
N THR B 259 13.86 -31.07 -22.70
CA THR B 259 14.79 -31.05 -23.85
C THR B 259 14.63 -29.70 -24.55
N LEU B 260 15.74 -28.99 -24.74
CA LEU B 260 15.75 -27.69 -25.42
C LEU B 260 16.52 -27.87 -26.73
N LYS B 261 15.88 -27.60 -27.85
CA LYS B 261 16.52 -27.77 -29.19
C LYS B 261 16.72 -26.40 -29.81
N PHE B 262 17.92 -26.09 -30.31
CA PHE B 262 18.26 -24.73 -30.82
C PHE B 262 18.79 -24.85 -32.24
N ALA B 263 18.65 -23.77 -32.99
CA ALA B 263 19.17 -23.63 -34.37
C ALA B 263 19.50 -22.17 -34.60
N LYS B 264 20.68 -21.87 -35.15
CA LYS B 264 21.16 -20.48 -35.33
C LYS B 264 20.09 -19.65 -36.06
N ASP B 265 19.92 -18.39 -35.68
CA ASP B 265 18.97 -17.44 -36.32
C ASP B 265 17.65 -18.17 -36.61
N SER B 266 17.35 -19.19 -35.80
CA SER B 266 16.11 -19.99 -35.92
C SER B 266 15.47 -20.16 -34.56
N PRO B 267 14.13 -20.21 -34.50
CA PRO B 267 13.43 -20.34 -33.24
C PRO B 267 14.02 -21.48 -32.42
N CYS B 268 13.83 -21.44 -31.11
CA CYS B 268 14.20 -22.61 -30.26
C CYS B 268 12.95 -23.48 -30.13
N MET B 269 13.16 -24.68 -29.62
CA MET B 269 12.05 -25.55 -29.22
C MET B 269 12.31 -26.03 -27.80
N VAL B 270 11.32 -25.87 -26.93
CA VAL B 270 11.35 -26.46 -25.56
C VAL B 270 10.32 -27.58 -25.55
N GLU B 271 10.76 -28.81 -25.31
CA GLU B 271 9.83 -29.97 -25.36
C GLU B 271 9.71 -30.59 -23.99
N TYR B 272 8.47 -30.85 -23.54
CA TYR B 272 8.17 -31.65 -22.32
C TYR B 272 7.49 -32.94 -22.79
N GLY B 273 8.05 -34.12 -22.48
CA GLY B 273 7.46 -35.41 -22.87
C GLY B 273 6.50 -35.91 -21.80
N ILE B 274 5.20 -35.98 -22.09
CA ILE B 274 4.19 -36.52 -21.13
C ILE B 274 4.16 -38.04 -21.29
N ASP B 275 5.01 -38.77 -20.56
CA ASP B 275 5.08 -40.26 -20.64
C ASP B 275 5.30 -40.62 -22.12
N ASN B 276 4.71 -41.72 -22.59
CA ASN B 276 4.67 -42.03 -24.05
C ASN B 276 3.24 -41.82 -24.55
N VAL B 277 2.46 -41.05 -23.81
CA VAL B 277 1.04 -40.77 -24.17
C VAL B 277 0.86 -39.34 -24.69
N GLY B 278 1.95 -38.59 -24.89
CA GLY B 278 1.84 -37.24 -25.50
C GLY B 278 3.12 -36.41 -25.38
N TYR B 279 3.04 -35.15 -25.80
CA TYR B 279 4.13 -34.18 -25.67
C TYR B 279 3.57 -32.77 -25.47
N LEU B 280 4.37 -31.89 -24.85
CA LEU B 280 4.12 -30.42 -24.83
C LEU B 280 5.30 -29.69 -25.46
N ARG B 281 5.08 -29.05 -26.60
CA ARG B 281 6.20 -28.42 -27.34
C ARG B 281 5.96 -26.92 -27.39
N TYR B 282 6.96 -26.14 -27.02
CA TYR B 282 6.92 -24.65 -27.06
C TYR B 282 7.96 -24.23 -28.11
N TYR B 283 7.67 -23.20 -28.89
CA TYR B 283 8.61 -22.65 -29.90
C TYR B 283 8.74 -21.14 -29.66
N LEU B 284 9.97 -20.65 -29.59
CA LEU B 284 10.18 -19.21 -29.31
C LEU B 284 11.20 -18.60 -30.28
N ALA B 285 10.81 -17.51 -30.95
CA ALA B 285 11.70 -16.68 -31.80
C ALA B 285 12.84 -16.12 -30.97
N PRO B 286 14.10 -16.12 -31.47
CA PRO B 286 15.19 -15.42 -30.79
C PRO B 286 15.05 -13.92 -31.04
N LYS B 287 15.77 -13.12 -30.24
CA LYS B 287 16.00 -11.67 -30.43
C LYS B 287 17.21 -11.47 -31.37
N VAL B 288 17.22 -10.37 -32.13
CA VAL B 288 18.06 -10.18 -33.37
C VAL B 288 19.23 -9.23 -33.11
N ASP B 289 20.36 -9.49 -33.77
CA ASP B 289 21.61 -8.67 -33.73
C ASP B 289 21.64 -7.73 -34.94
N MET C 1 43.35 -7.68 -3.38
CA MET C 1 42.39 -8.81 -3.64
C MET C 1 41.82 -9.27 -2.31
N LEU C 2 40.60 -9.81 -2.34
CA LEU C 2 39.86 -10.41 -1.20
C LEU C 2 39.18 -11.67 -1.72
N GLU C 3 39.13 -12.72 -0.92
CA GLU C 3 38.30 -13.92 -1.21
C GLU C 3 37.87 -14.50 0.12
N ALA C 4 36.55 -14.62 0.32
CA ALA C 4 35.93 -15.21 1.51
C ALA C 4 34.84 -16.21 1.07
N GLN C 5 35.21 -17.48 1.07
CA GLN C 5 34.31 -18.63 0.81
C GLN C 5 33.79 -19.13 2.16
N VAL C 6 32.50 -19.47 2.23
CA VAL C 6 31.83 -20.15 3.37
C VAL C 6 31.17 -21.39 2.76
N GLN C 7 30.96 -22.46 3.54
CA GLN C 7 30.54 -23.78 2.98
C GLN C 7 29.06 -23.73 2.59
N PHE C 8 28.26 -23.21 3.50
CA PHE C 8 26.79 -23.13 3.37
C PHE C 8 26.41 -21.67 3.17
N ALA C 9 25.84 -21.33 2.01
CA ALA C 9 25.45 -19.95 1.65
C ALA C 9 24.34 -19.45 2.57
N SER C 10 23.74 -20.35 3.36
CA SER C 10 22.61 -20.04 4.26
C SER C 10 22.98 -18.82 5.11
N LEU C 11 24.18 -18.85 5.70
CA LEU C 11 24.64 -17.79 6.62
C LEU C 11 24.47 -16.43 5.95
N TRP C 12 25.08 -16.23 4.79
CA TRP C 12 25.02 -14.97 4.03
C TRP C 12 23.55 -14.60 3.80
N LYS C 13 22.79 -15.52 3.20
CA LYS C 13 21.36 -15.27 2.90
C LYS C 13 20.68 -14.70 4.16
N ARG C 14 20.85 -15.37 5.30
CA ARG C 14 20.06 -15.07 6.53
C ARG C 14 20.54 -13.76 7.13
N LEU C 15 21.83 -13.54 7.01
CA LEU C 15 22.55 -12.40 7.62
C LEU C 15 22.19 -11.11 6.85
N VAL C 16 22.22 -11.12 5.53
CA VAL C 16 21.83 -9.94 4.70
C VAL C 16 20.36 -9.57 4.93
N GLU C 17 19.46 -10.54 5.08
CA GLU C 17 18.02 -10.21 5.32
C GLU C 17 17.96 -9.47 6.65
N CYS C 18 18.74 -9.88 7.64
CA CYS C 18 18.71 -9.27 8.99
C CYS C 18 19.15 -7.80 8.94
N ILE C 19 20.14 -7.49 8.10
CA ILE C 19 20.72 -6.12 7.95
C ILE C 19 19.91 -5.30 6.94
N ASN C 20 19.37 -5.90 5.87
CA ASN C 20 18.61 -5.14 4.84
C ASN C 20 17.39 -4.51 5.52
N GLY C 21 16.97 -5.10 6.64
CA GLY C 21 15.86 -4.61 7.44
C GLY C 21 16.10 -3.22 8.00
N LEU C 22 17.35 -2.86 8.29
CA LEU C 22 17.65 -1.62 9.02
C LEU C 22 18.21 -0.57 8.06
N VAL C 23 18.90 -1.01 7.01
CA VAL C 23 19.63 -0.08 6.09
C VAL C 23 19.70 -0.70 4.69
N ASN C 24 19.67 0.11 3.63
CA ASN C 24 19.57 -0.40 2.23
C ASN C 24 20.95 -0.44 1.58
N GLU C 25 21.98 0.07 2.25
CA GLU C 25 23.38 0.11 1.74
C GLU C 25 24.33 0.17 2.94
N ALA C 26 25.51 -0.39 2.80
CA ALA C 26 26.43 -0.49 3.95
C ALA C 26 27.82 -0.84 3.43
N ASN C 27 28.86 -0.34 4.11
CA ASN C 27 30.28 -0.60 3.79
C ASN C 27 30.64 -1.91 4.50
N PHE C 28 31.19 -2.87 3.76
CA PHE C 28 31.86 -4.06 4.33
C PHE C 28 33.34 -3.70 4.52
N ASP C 29 33.74 -3.34 5.74
CA ASP C 29 35.16 -3.27 6.16
C ASP C 29 35.70 -4.71 6.10
N CYS C 30 36.45 -5.03 5.04
CA CYS C 30 37.17 -6.32 4.90
C CYS C 30 38.63 -6.13 5.31
N ASN C 31 39.01 -6.74 6.43
CA ASN C 31 40.33 -6.57 7.08
C ASN C 31 40.89 -7.98 7.26
N PRO C 32 42.18 -8.19 7.64
CA PRO C 32 42.71 -9.55 7.89
C PRO C 32 42.07 -10.27 9.08
N GLY C 33 41.37 -9.55 9.96
CA GLY C 33 40.63 -10.08 11.12
C GLY C 33 39.25 -10.66 10.79
N GLY C 34 38.73 -10.42 9.57
CA GLY C 34 37.38 -10.82 9.12
C GLY C 34 36.57 -9.67 8.51
N LEU C 35 35.25 -9.84 8.34
CA LEU C 35 34.37 -8.84 7.68
C LEU C 35 33.50 -8.17 8.73
N SER C 36 33.34 -6.86 8.62
CA SER C 36 32.64 -6.04 9.61
C SER C 36 31.65 -5.15 8.84
N VAL C 37 30.46 -4.95 9.41
CA VAL C 37 29.46 -3.96 8.91
C VAL C 37 29.05 -3.15 10.14
N GLN C 38 29.07 -1.83 10.04
CA GLN C 38 28.60 -0.92 11.11
C GLN C 38 27.85 0.22 10.44
N ALA C 39 26.59 0.44 10.83
CA ALA C 39 25.63 1.22 10.04
C ALA C 39 24.43 1.63 10.90
N MET C 40 23.77 2.70 10.47
CA MET C 40 22.65 3.36 11.20
C MET C 40 21.46 3.49 10.25
N ASP C 41 20.24 3.39 10.78
CA ASP C 41 19.00 3.69 10.02
C ASP C 41 18.99 5.19 9.69
N SER C 42 18.19 5.58 8.70
CA SER C 42 18.06 6.99 8.26
C SER C 42 17.70 7.91 9.44
N SER C 43 16.81 7.50 10.36
CA SER C 43 16.40 8.35 11.52
C SER C 43 17.44 8.33 12.65
N HIS C 44 18.64 7.83 12.42
CA HIS C 44 19.78 7.92 13.37
C HIS C 44 19.36 7.49 14.79
N VAL C 45 18.57 6.43 14.93
CA VAL C 45 18.09 5.94 16.25
C VAL C 45 18.61 4.52 16.55
N ALA C 46 19.02 3.77 15.54
CA ALA C 46 19.37 2.35 15.70
C ALA C 46 20.60 2.02 14.87
N LEU C 47 21.50 1.25 15.44
CA LEU C 47 22.78 0.90 14.81
C LEU C 47 22.91 -0.61 14.80
N VAL C 48 23.49 -1.15 13.73
CA VAL C 48 23.80 -2.59 13.55
C VAL C 48 25.32 -2.73 13.49
N HIS C 49 25.88 -3.72 14.19
CA HIS C 49 27.31 -4.09 14.13
C HIS C 49 27.43 -5.60 13.87
N MET C 50 27.99 -6.00 12.74
CA MET C 50 28.15 -7.43 12.39
C MET C 50 29.65 -7.70 12.30
N LEU C 51 30.12 -8.78 12.90
CA LEU C 51 31.53 -9.24 12.74
C LEU C 51 31.55 -10.71 12.30
N LEU C 52 32.01 -11.00 11.10
CA LEU C 52 32.33 -12.40 10.72
C LEU C 52 33.84 -12.54 10.77
N ARG C 53 34.36 -13.25 11.77
CA ARG C 53 35.82 -13.50 11.93
C ARG C 53 36.27 -14.40 10.79
N ASP C 54 37.57 -14.40 10.50
CA ASP C 54 38.20 -15.21 9.42
C ASP C 54 37.86 -16.70 9.56
N ASP C 55 37.74 -17.20 10.80
CA ASP C 55 37.42 -18.61 11.16
C ASP C 55 36.01 -18.95 10.63
N CYS C 56 35.12 -17.96 10.54
CA CYS C 56 33.74 -18.12 10.01
C CYS C 56 33.76 -18.67 8.58
N PHE C 57 34.84 -18.44 7.85
CA PHE C 57 34.99 -18.82 6.43
C PHE C 57 35.92 -20.02 6.31
N VAL C 58 35.64 -20.91 5.38
CA VAL C 58 36.52 -22.05 5.00
C VAL C 58 37.79 -21.52 4.33
N LYS C 59 37.78 -20.32 3.74
CA LYS C 59 38.96 -19.71 3.06
C LYS C 59 38.87 -18.18 3.14
N TYR C 60 39.75 -17.54 3.89
CA TYR C 60 39.79 -16.06 4.04
C TYR C 60 41.18 -15.58 3.69
N GLN C 61 41.27 -14.54 2.86
CA GLN C 61 42.54 -13.83 2.51
C GLN C 61 42.22 -12.36 2.23
N CYS C 62 42.51 -11.50 3.19
CA CYS C 62 42.42 -10.03 3.03
C CYS C 62 43.76 -9.45 3.49
N GLY C 63 44.78 -9.49 2.61
CA GLY C 63 46.13 -8.92 2.82
C GLY C 63 46.05 -7.56 3.50
N ARG C 64 45.22 -6.65 2.98
CA ARG C 64 45.17 -5.23 3.40
C ARG C 64 43.72 -4.83 3.58
N ASN C 65 43.42 -3.98 4.57
CA ASN C 65 42.05 -3.45 4.81
C ASN C 65 41.51 -2.85 3.52
N SER C 66 40.45 -3.45 2.95
CA SER C 66 39.61 -2.87 1.86
C SER C 66 38.22 -2.55 2.42
N ILE C 67 37.65 -1.41 2.06
CA ILE C 67 36.23 -1.07 2.37
C ILE C 67 35.38 -1.20 1.09
N LEU C 68 34.37 -2.08 1.07
CA LEU C 68 33.49 -2.32 -0.12
C LEU C 68 32.05 -1.90 0.17
N GLY C 69 31.54 -0.89 -0.55
CA GLY C 69 30.15 -0.41 -0.39
C GLY C 69 29.18 -1.16 -1.28
N LEU C 70 28.10 -1.70 -0.70
CA LEU C 70 27.17 -2.59 -1.42
C LEU C 70 25.73 -2.15 -1.24
N ASN C 71 24.92 -2.31 -2.29
CA ASN C 71 23.46 -2.11 -2.22
C ASN C 71 22.87 -3.36 -1.60
N LEU C 72 22.54 -3.33 -0.32
CA LEU C 72 22.01 -4.50 0.41
C LEU C 72 20.71 -5.00 -0.23
N ALA C 73 19.93 -4.10 -0.81
CA ALA C 73 18.69 -4.44 -1.56
C ALA C 73 19.04 -5.34 -2.75
N SER C 74 19.95 -4.92 -3.63
CA SER C 74 20.46 -5.77 -4.75
C SER C 74 21.02 -7.08 -4.20
N LEU C 75 21.97 -7.00 -3.28
CA LEU C 75 22.64 -8.19 -2.71
C LEU C 75 21.57 -9.17 -2.22
N SER C 76 20.59 -8.68 -1.46
CA SER C 76 19.47 -9.52 -0.97
C SER C 76 18.85 -10.29 -2.16
N LYS C 77 18.51 -9.56 -3.22
CA LYS C 77 17.85 -10.14 -4.41
C LYS C 77 18.70 -11.28 -4.98
N VAL C 78 20.01 -11.10 -5.07
CA VAL C 78 20.91 -12.13 -5.63
C VAL C 78 20.98 -13.31 -4.65
N LEU C 79 21.01 -13.07 -3.36
CA LEU C 79 21.16 -14.17 -2.38
C LEU C 79 19.87 -14.98 -2.28
N LYS C 80 18.70 -14.38 -2.52
CA LYS C 80 17.38 -15.10 -2.55
C LYS C 80 17.44 -16.25 -3.57
N ILE C 81 18.23 -16.11 -4.63
CA ILE C 81 18.23 -17.09 -5.74
C ILE C 81 19.43 -17.99 -5.62
N VAL C 82 20.04 -18.07 -4.43
CA VAL C 82 21.23 -18.92 -4.19
C VAL C 82 20.83 -20.05 -3.24
N ASP C 83 21.00 -21.32 -3.64
CA ASP C 83 20.63 -22.45 -2.77
C ASP C 83 21.54 -22.38 -1.55
N SER C 84 20.99 -22.55 -0.35
CA SER C 84 21.74 -22.42 0.93
C SER C 84 22.80 -23.52 1.06
N ASN C 85 22.50 -24.74 0.63
CA ASN C 85 23.42 -25.90 0.81
C ASN C 85 24.59 -25.77 -0.16
N ASP C 86 24.53 -24.85 -1.12
CA ASP C 86 25.67 -24.53 -2.01
C ASP C 86 26.69 -23.66 -1.27
N SER C 87 27.90 -23.58 -1.83
CA SER C 87 29.02 -22.76 -1.33
C SER C 87 28.95 -21.36 -1.96
N LEU C 88 29.46 -20.37 -1.26
CA LEU C 88 29.39 -18.96 -1.72
C LEU C 88 30.72 -18.26 -1.45
N SER C 89 31.52 -18.12 -2.50
CA SER C 89 32.79 -17.36 -2.48
C SER C 89 32.54 -15.91 -2.91
N LEU C 90 32.82 -14.96 -2.00
CA LEU C 90 32.84 -13.51 -2.29
C LEU C 90 34.27 -13.07 -2.60
N ARG C 91 34.51 -12.33 -3.68
CA ARG C 91 35.90 -12.00 -4.11
C ARG C 91 35.94 -10.61 -4.77
N HIS C 92 36.90 -9.77 -4.37
CA HIS C 92 37.18 -8.46 -5.02
C HIS C 92 38.59 -8.45 -5.59
N ASP C 93 38.81 -7.89 -6.78
CA ASP C 93 40.15 -7.78 -7.39
C ASP C 93 40.55 -6.31 -7.43
N ASP C 94 41.85 -6.00 -7.31
CA ASP C 94 42.37 -4.62 -7.41
C ASP C 94 41.70 -3.91 -8.59
N ASP C 95 41.05 -2.76 -8.33
CA ASP C 95 40.29 -1.97 -9.34
C ASP C 95 39.32 -2.90 -10.10
N SER C 96 38.34 -3.48 -9.41
CA SER C 96 37.34 -4.37 -10.05
C SER C 96 36.05 -3.60 -10.35
N ASP C 97 35.81 -2.48 -9.66
CA ASP C 97 34.55 -1.69 -9.79
C ASP C 97 33.35 -2.56 -9.41
N VAL C 98 33.57 -3.81 -8.99
CA VAL C 98 32.51 -4.83 -8.78
C VAL C 98 33.02 -5.88 -7.78
N VAL C 99 32.12 -6.53 -7.04
CA VAL C 99 32.43 -7.76 -6.22
C VAL C 99 31.86 -8.96 -6.98
N THR C 100 32.44 -10.14 -6.83
CA THR C 100 31.95 -11.38 -7.49
C THR C 100 31.50 -12.35 -6.40
N LEU C 101 30.25 -12.80 -6.47
CA LEU C 101 29.75 -13.91 -5.61
C LEU C 101 29.66 -15.18 -6.44
N THR C 102 30.33 -16.26 -6.03
CA THR C 102 30.40 -17.49 -6.86
C THR C 102 29.86 -18.65 -6.04
N SER C 103 28.81 -19.27 -6.55
CA SER C 103 28.15 -20.45 -5.93
C SER C 103 28.54 -21.69 -6.73
N GLU C 104 28.73 -22.80 -6.03
CA GLU C 104 28.91 -24.15 -6.63
C GLU C 104 28.21 -25.17 -5.73
N ASN C 105 27.47 -26.11 -6.33
CA ASN C 105 26.77 -27.19 -5.58
C ASN C 105 27.83 -28.14 -5.02
N PRO C 106 27.52 -28.89 -3.95
CA PRO C 106 28.49 -29.84 -3.41
C PRO C 106 29.16 -30.68 -4.51
N GLU C 107 28.34 -31.13 -5.47
CA GLU C 107 28.69 -32.11 -6.53
C GLU C 107 29.44 -31.43 -7.70
N LYS C 108 29.62 -30.11 -7.68
CA LYS C 108 30.42 -29.39 -8.71
C LYS C 108 29.88 -29.69 -10.11
N THR C 109 28.57 -29.87 -10.25
CA THR C 109 27.90 -30.07 -11.58
C THR C 109 27.24 -28.76 -12.05
N ARG C 110 27.05 -27.80 -11.12
CA ARG C 110 26.47 -26.46 -11.38
C ARG C 110 27.37 -25.39 -10.74
N LYS C 111 27.63 -24.30 -11.45
CA LYS C 111 28.43 -23.16 -10.93
C LYS C 111 27.71 -21.87 -11.30
N CYS C 112 27.35 -21.08 -10.29
CA CYS C 112 26.72 -19.75 -10.49
C CYS C 112 27.71 -18.65 -10.14
N GLU C 113 27.69 -17.56 -10.89
CA GLU C 113 28.49 -16.36 -10.59
C GLU C 113 27.68 -15.12 -10.89
N TYR C 114 27.54 -14.27 -9.87
CA TYR C 114 26.86 -12.96 -9.90
C TYR C 114 27.91 -11.86 -9.59
N GLN C 115 27.76 -10.70 -10.22
CA GLN C 115 28.67 -9.53 -10.10
C GLN C 115 27.90 -8.26 -9.68
N LEU C 116 28.13 -7.78 -8.46
CA LEU C 116 27.46 -6.55 -7.94
C LEU C 116 28.38 -5.33 -7.96
N LYS C 117 27.98 -4.25 -8.65
CA LYS C 117 28.74 -2.97 -8.70
C LYS C 117 28.92 -2.38 -7.31
N LEU C 118 30.08 -1.81 -7.04
CA LEU C 118 30.38 -1.24 -5.70
C LEU C 118 29.85 0.19 -5.58
N LEU C 119 29.79 0.72 -4.35
CA LEU C 119 29.33 2.08 -4.03
C LEU C 119 30.33 2.77 -3.12
N GLU C 120 30.55 4.07 -3.37
CA GLU C 120 31.31 4.95 -2.46
C GLU C 120 30.32 5.45 -1.42
N ILE C 121 30.35 4.86 -0.22
CA ILE C 121 29.49 5.27 0.92
C ILE C 121 30.38 5.93 1.98
N GLU C 122 29.96 7.06 2.56
CA GLU C 122 30.69 7.69 3.70
C GLU C 122 30.56 6.79 4.94
N ALA C 123 31.64 6.67 5.73
CA ALA C 123 31.74 5.81 6.92
C ALA C 123 30.93 6.44 8.07
N GLU C 124 30.41 5.60 8.98
CA GLU C 124 29.35 5.97 9.96
C GLU C 124 29.79 7.13 10.85
N SER C 125 29.00 8.21 10.93
CA SER C 125 29.22 9.32 11.90
C SER C 125 29.31 8.73 13.32
N MET C 126 28.34 7.90 13.73
CA MET C 126 28.23 7.39 15.14
C MET C 126 28.98 6.07 15.28
N GLY C 127 29.71 5.94 16.41
CA GLY C 127 30.36 4.69 16.84
C GLY C 127 29.56 3.96 17.92
N ILE C 128 30.03 2.77 18.31
CA ILE C 128 29.39 1.88 19.32
C ILE C 128 29.21 2.68 20.62
N PRO C 129 27.95 2.95 21.05
CA PRO C 129 27.69 4.11 21.91
C PRO C 129 28.25 3.94 23.33
N GLU C 130 28.38 2.68 23.75
CA GLU C 130 28.44 2.27 25.17
C GLU C 130 28.89 0.81 25.17
N MET C 131 29.50 0.33 26.25
CA MET C 131 29.88 -1.10 26.41
C MET C 131 29.46 -1.65 27.78
N ASP C 132 28.90 -0.83 28.68
CA ASP C 132 28.82 -1.16 30.14
C ASP C 132 27.37 -1.31 30.62
N TYR C 133 26.85 -2.55 30.60
CA TYR C 133 25.40 -2.87 30.76
C TYR C 133 25.14 -3.39 32.18
N ARG C 134 24.06 -2.91 32.79
CA ARG C 134 23.68 -3.21 34.21
C ARG C 134 22.88 -4.53 34.28
N SER C 135 21.80 -4.66 33.50
CA SER C 135 20.86 -5.82 33.56
C SER C 135 20.88 -6.57 32.23
N THR C 136 20.80 -7.91 32.27
CA THR C 136 21.14 -8.77 31.09
C THR C 136 20.27 -10.03 31.02
N VAL C 137 19.22 -9.99 30.21
CA VAL C 137 18.31 -11.14 30.00
C VAL C 137 18.69 -11.89 28.72
N THR C 138 18.58 -13.22 28.74
CA THR C 138 18.78 -14.12 27.58
C THR C 138 17.57 -15.03 27.45
N LEU C 139 17.08 -15.29 26.23
CA LEU C 139 15.89 -16.12 25.93
C LEU C 139 15.97 -16.70 24.52
N ASN C 140 15.01 -17.56 24.15
CA ASN C 140 14.97 -18.16 22.80
C ASN C 140 14.67 -17.04 21.80
N SER C 141 15.47 -16.97 20.72
CA SER C 141 15.38 -15.94 19.65
C SER C 141 13.97 -15.93 19.05
N ALA C 142 13.40 -17.12 18.87
CA ALA C 142 12.06 -17.34 18.28
C ALA C 142 10.99 -16.80 19.21
N GLU C 143 11.12 -17.08 20.51
CA GLU C 143 10.16 -16.58 21.53
C GLU C 143 10.19 -15.04 21.45
N PHE C 144 11.39 -14.44 21.49
CA PHE C 144 11.59 -12.98 21.47
C PHE C 144 10.87 -12.40 20.26
N ALA C 145 10.99 -13.06 19.10
CA ALA C 145 10.39 -12.61 17.81
C ALA C 145 8.86 -12.59 17.94
N LYS C 146 8.26 -13.67 18.47
CA LYS C 146 6.78 -13.79 18.58
C LYS C 146 6.31 -12.62 19.43
N ILE C 147 6.91 -12.48 20.60
CA ILE C 147 6.54 -11.45 21.61
C ILE C 147 6.48 -10.07 20.92
N VAL C 148 7.52 -9.67 20.18
CA VAL C 148 7.56 -8.32 19.57
C VAL C 148 6.48 -8.24 18.48
N ARG C 149 6.27 -9.32 17.71
CA ARG C 149 5.17 -9.35 16.68
C ARG C 149 3.83 -9.21 17.37
N ASP C 150 3.69 -9.93 18.48
CA ASP C 150 2.46 -9.98 19.32
C ASP C 150 2.23 -8.58 19.89
N MET C 151 3.24 -7.97 20.50
CA MET C 151 3.08 -6.64 21.17
C MET C 151 2.71 -5.58 20.12
N GLN C 152 3.07 -5.81 18.86
CA GLN C 152 2.76 -4.86 17.77
C GLN C 152 1.26 -4.81 17.48
N VAL C 153 0.44 -5.74 17.98
CA VAL C 153 -1.04 -5.64 17.75
C VAL C 153 -1.54 -4.41 18.51
N PHE C 154 -0.97 -4.18 19.71
CA PHE C 154 -1.44 -3.18 20.70
C PHE C 154 -1.01 -1.79 20.27
N GLY C 155 0.30 -1.51 20.27
CA GLY C 155 0.85 -0.19 19.91
C GLY C 155 2.14 -0.25 19.11
N ASP C 156 2.79 0.90 18.98
CA ASP C 156 4.12 1.06 18.31
C ASP C 156 5.22 1.08 19.38
N THR C 157 4.88 0.95 20.66
CA THR C 157 5.88 1.02 21.75
C THR C 157 5.73 -0.22 22.65
N VAL C 158 6.85 -0.78 23.09
CA VAL C 158 6.86 -1.95 24.01
C VAL C 158 7.59 -1.52 25.27
N THR C 159 7.02 -1.79 26.43
CA THR C 159 7.69 -1.51 27.73
C THR C 159 8.29 -2.82 28.22
N ILE C 160 9.61 -2.96 28.13
CA ILE C 160 10.33 -4.13 28.71
C ILE C 160 10.70 -3.81 30.15
N ALA C 161 10.37 -4.69 31.09
CA ALA C 161 10.63 -4.50 32.54
C ALA C 161 11.41 -5.69 33.10
N ILE C 162 12.73 -5.55 33.23
CA ILE C 162 13.62 -6.62 33.79
C ILE C 162 13.46 -6.53 35.31
N SER C 163 13.18 -7.65 35.96
CA SER C 163 13.07 -7.79 37.44
C SER C 163 13.64 -9.15 37.86
N LYS C 164 13.87 -9.35 39.17
CA LYS C 164 14.50 -10.61 39.69
C LYS C 164 13.66 -11.82 39.26
N GLU C 165 12.33 -11.74 39.41
CA GLU C 165 11.37 -12.84 39.12
C GLU C 165 11.48 -13.21 37.63
N GLY C 166 11.58 -12.21 36.76
CA GLY C 166 11.61 -12.39 35.30
C GLY C 166 11.40 -11.09 34.53
N VAL C 167 11.16 -11.20 33.22
CA VAL C 167 10.98 -10.03 32.30
C VAL C 167 9.50 -9.94 31.89
N LYS C 168 8.96 -8.73 31.85
CA LYS C 168 7.55 -8.47 31.44
C LYS C 168 7.55 -7.50 30.26
N PHE C 169 7.29 -8.00 29.06
CA PHE C 169 7.09 -7.16 27.85
C PHE C 169 5.64 -6.70 27.87
N SER C 170 5.40 -5.39 27.83
CA SER C 170 4.04 -4.81 27.90
C SER C 170 3.82 -3.82 26.73
N SER C 171 2.57 -3.65 26.31
CA SER C 171 2.19 -2.73 25.21
C SER C 171 0.72 -2.37 25.34
N SER C 172 0.30 -1.28 24.71
CA SER C 172 -1.08 -0.74 24.78
C SER C 172 -1.44 0.04 23.50
N GLY C 173 -2.74 0.23 23.24
CA GLY C 173 -3.24 0.93 22.03
C GLY C 173 -4.73 0.74 21.85
N ASP C 174 -5.28 1.15 20.71
CA ASP C 174 -6.76 1.13 20.48
C ASP C 174 -7.31 -0.26 20.79
N VAL C 175 -6.75 -1.30 20.19
CA VAL C 175 -7.24 -2.69 20.38
C VAL C 175 -7.38 -2.95 21.90
N GLY C 176 -6.44 -2.49 22.72
CA GLY C 176 -6.49 -2.69 24.17
C GLY C 176 -5.10 -2.64 24.77
N GLN C 177 -4.89 -3.35 25.87
CA GLN C 177 -3.58 -3.42 26.57
C GLN C 177 -3.26 -4.88 26.81
N GLY C 178 -2.00 -5.27 26.63
CA GLY C 178 -1.55 -6.69 26.73
C GLY C 178 -0.13 -6.77 27.25
N TYR C 179 0.27 -7.94 27.74
CA TYR C 179 1.62 -8.16 28.29
C TYR C 179 1.96 -9.65 28.28
N THR C 180 3.25 -9.93 28.22
CA THR C 180 3.79 -11.31 28.29
C THR C 180 4.87 -11.32 29.36
N PHE C 181 4.78 -12.23 30.33
CA PHE C 181 5.80 -12.35 31.40
C PHE C 181 6.49 -13.72 31.26
N LEU C 182 7.82 -13.73 31.35
CA LEU C 182 8.63 -14.97 31.24
C LEU C 182 9.35 -15.21 32.57
N GLN C 183 9.06 -16.33 33.25
CA GLN C 183 9.68 -16.64 34.57
C GLN C 183 11.18 -16.84 34.37
N ALA C 184 11.97 -16.46 35.37
CA ALA C 184 13.45 -16.56 35.34
C ALA C 184 13.87 -18.03 35.54
N ALA C 185 13.81 -18.83 34.46
CA ALA C 185 14.22 -20.27 34.43
C ALA C 185 15.69 -20.41 34.83
N GLY C 227 14.63 -21.14 28.11
CA GLY C 227 14.68 -20.87 29.56
C GLY C 227 15.34 -19.53 29.87
N VAL C 228 14.57 -18.56 30.37
CA VAL C 228 15.06 -17.17 30.63
C VAL C 228 16.20 -17.26 31.65
N GLU C 229 17.23 -16.44 31.46
CA GLU C 229 18.39 -16.32 32.36
C GLU C 229 18.62 -14.82 32.57
N VAL C 230 17.79 -14.22 33.41
CA VAL C 230 17.96 -12.80 33.89
C VAL C 230 19.30 -12.72 34.63
N THR C 231 19.95 -11.55 34.57
CA THR C 231 21.17 -11.18 35.34
C THR C 231 21.17 -9.67 35.49
N MET C 232 20.67 -9.16 36.61
CA MET C 232 20.63 -7.70 36.86
C MET C 232 21.46 -7.37 38.08
N GLU C 233 21.61 -6.07 38.37
CA GLU C 233 22.06 -5.55 39.68
C GLU C 233 20.87 -4.86 40.35
N GLU C 234 20.15 -4.04 39.58
CA GLU C 234 18.94 -3.31 40.03
C GLU C 234 17.80 -3.52 39.04
N PRO C 235 16.53 -3.30 39.46
CA PRO C 235 15.39 -3.39 38.55
C PRO C 235 15.36 -2.18 37.61
N ILE C 236 15.35 -2.44 36.29
CA ILE C 236 15.33 -1.37 35.23
C ILE C 236 14.15 -1.65 34.30
N THR C 237 13.52 -0.59 33.79
CA THR C 237 12.27 -0.68 32.97
C THR C 237 12.26 0.45 31.96
N LEU C 238 12.49 0.10 30.69
CA LEU C 238 12.63 1.04 29.56
C LEU C 238 11.60 0.71 28.49
N SER C 239 11.20 1.70 27.71
CA SER C 239 10.34 1.51 26.51
C SER C 239 11.16 1.74 25.22
N PHE C 240 10.90 0.92 24.20
CA PHE C 240 11.55 1.02 22.87
C PHE C 240 10.48 1.03 21.77
N ALA C 241 10.83 1.54 20.58
CA ALA C 241 10.00 1.43 19.37
C ALA C 241 10.02 -0.02 18.87
N LEU C 242 8.83 -0.58 18.66
CA LEU C 242 8.68 -2.00 18.27
C LEU C 242 9.18 -2.18 16.84
N ARG C 243 8.92 -1.21 15.98
CA ARG C 243 9.37 -1.31 14.57
C ARG C 243 10.81 -1.83 14.56
N PHE C 244 11.71 -1.20 15.30
CA PHE C 244 13.16 -1.51 15.21
C PHE C 244 13.41 -2.87 15.87
N MET C 245 12.67 -3.19 16.94
CA MET C 245 12.80 -4.51 17.59
C MET C 245 12.44 -5.62 16.58
N GLY C 246 11.31 -5.47 15.91
CA GLY C 246 10.93 -6.35 14.78
C GLY C 246 12.07 -6.50 13.79
N ILE C 247 12.73 -5.42 13.43
CA ILE C 247 13.84 -5.48 12.44
C ILE C 247 14.97 -6.34 13.01
N PHE C 248 15.24 -6.18 14.31
CA PHE C 248 16.32 -6.92 15.01
C PHE C 248 15.95 -8.40 15.14
N ALA C 249 14.68 -8.68 15.48
CA ALA C 249 14.16 -10.02 15.84
C ALA C 249 14.42 -11.08 14.76
N LYS C 250 14.63 -10.66 13.50
CA LYS C 250 14.94 -11.55 12.36
C LYS C 250 16.27 -12.25 12.62
N GLY C 251 17.06 -11.74 13.56
CA GLY C 251 18.26 -12.41 14.09
C GLY C 251 17.99 -13.86 14.47
N SER C 252 16.74 -14.18 14.82
CA SER C 252 16.31 -15.55 15.24
C SER C 252 16.82 -16.58 14.24
N THR C 253 17.06 -16.20 12.98
CA THR C 253 17.47 -17.11 11.87
C THR C 253 18.96 -17.43 11.96
N LEU C 254 19.68 -16.83 12.89
CA LEU C 254 21.15 -16.98 13.00
C LEU C 254 21.51 -17.71 14.30
N SER C 255 20.93 -17.28 15.41
CA SER C 255 21.18 -17.86 16.74
C SER C 255 19.85 -18.36 17.32
N GLU C 256 19.85 -19.54 17.93
CA GLU C 256 18.65 -20.03 18.66
C GLU C 256 18.39 -19.10 19.85
N ARG C 257 19.45 -18.64 20.54
CA ARG C 257 19.28 -17.76 21.72
C ARG C 257 19.71 -16.33 21.36
N VAL C 258 18.93 -15.35 21.81
CA VAL C 258 19.20 -13.88 21.74
C VAL C 258 19.63 -13.41 23.13
N THR C 259 20.45 -12.37 23.20
CA THR C 259 20.84 -11.74 24.50
C THR C 259 20.41 -10.27 24.44
N LEU C 260 19.62 -9.83 25.42
CA LEU C 260 19.28 -8.39 25.57
C LEU C 260 20.06 -7.85 26.77
N LYS C 261 20.73 -6.72 26.60
CA LYS C 261 21.48 -5.98 27.64
C LYS C 261 20.91 -4.56 27.69
N PHE C 262 20.70 -4.02 28.90
CA PHE C 262 20.05 -2.71 29.14
C PHE C 262 20.87 -1.90 30.15
N ALA C 263 20.72 -0.58 30.11
CA ALA C 263 21.34 0.40 31.03
C ALA C 263 20.53 1.68 30.98
N LYS C 264 20.18 2.26 32.13
CA LYS C 264 19.19 3.38 32.21
C LYS C 264 19.66 4.52 31.30
N ASP C 265 18.74 5.18 30.60
CA ASP C 265 19.04 6.34 29.71
C ASP C 265 20.25 6.05 28.80
N SER C 266 20.46 4.77 28.46
CA SER C 266 21.54 4.29 27.56
C SER C 266 20.94 3.39 26.49
N PRO C 267 21.41 3.51 25.23
CA PRO C 267 21.03 2.57 24.18
C PRO C 267 21.06 1.11 24.68
N CYS C 268 19.98 0.35 24.45
CA CYS C 268 19.93 -1.11 24.75
C CYS C 268 20.71 -1.88 23.70
N MET C 269 20.96 -3.16 23.94
CA MET C 269 21.72 -3.99 22.97
C MET C 269 21.01 -5.33 22.77
N VAL C 270 20.86 -5.74 21.53
CA VAL C 270 20.34 -7.07 21.13
C VAL C 270 21.49 -7.78 20.42
N GLU C 271 21.96 -8.87 21.00
CA GLU C 271 23.12 -9.60 20.47
C GLU C 271 22.63 -10.96 20.01
N TYR C 272 22.85 -11.28 18.74
CA TYR C 272 22.69 -12.64 18.18
C TYR C 272 24.10 -13.14 17.92
N GLY C 273 24.54 -14.14 18.67
CA GLY C 273 25.85 -14.79 18.47
C GLY C 273 25.84 -15.76 17.31
N ILE C 274 26.90 -15.73 16.51
CA ILE C 274 27.07 -16.58 15.31
C ILE C 274 28.12 -17.64 15.60
N ASP C 275 27.73 -18.71 16.31
CA ASP C 275 28.51 -19.98 16.39
C ASP C 275 29.91 -19.66 16.94
N ASN C 276 30.06 -18.55 17.65
CA ASN C 276 31.39 -18.15 18.22
C ASN C 276 32.39 -17.67 17.14
N VAL C 277 32.10 -17.79 15.84
CA VAL C 277 32.94 -17.21 14.75
C VAL C 277 32.37 -15.84 14.29
N GLY C 278 31.55 -15.18 15.11
CA GLY C 278 31.11 -13.80 14.85
C GLY C 278 29.93 -13.39 15.71
N TYR C 279 29.34 -12.23 15.43
CA TYR C 279 28.08 -11.79 16.07
C TYR C 279 27.33 -10.81 15.16
N LEU C 280 26.04 -10.68 15.46
CA LEU C 280 25.16 -9.58 14.97
C LEU C 280 24.65 -8.83 16.18
N ARG C 281 24.90 -7.53 16.26
CA ARG C 281 24.51 -6.70 17.43
C ARG C 281 23.69 -5.52 16.95
N TYR C 282 22.57 -5.26 17.60
CA TYR C 282 21.76 -4.05 17.37
C TYR C 282 21.87 -3.19 18.64
N TYR C 283 21.80 -1.88 18.51
CA TYR C 283 21.71 -0.95 19.67
C TYR C 283 20.57 0.01 19.36
N LEU C 284 19.77 0.37 20.37
CA LEU C 284 18.58 1.22 20.13
C LEU C 284 18.37 2.23 21.26
N ALA C 285 18.27 3.49 20.88
CA ALA C 285 17.77 4.59 21.73
C ALA C 285 16.52 4.10 22.46
N PRO C 286 16.44 4.24 23.80
CA PRO C 286 15.19 4.06 24.53
C PRO C 286 14.29 5.27 24.25
N LYS C 287 12.97 5.07 24.26
CA LYS C 287 11.95 6.13 23.96
C LYS C 287 11.83 7.00 25.22
N VAL C 288 11.30 8.21 25.09
CA VAL C 288 11.31 9.19 26.21
C VAL C 288 9.95 9.88 26.32
N ASP C 289 9.66 10.38 27.53
CA ASP C 289 8.47 11.23 27.84
C ASP C 289 8.97 12.67 28.00
N MET D 1 -34.31 23.15 27.31
CA MET D 1 -34.05 23.46 25.89
C MET D 1 -32.82 24.38 25.78
N LEU D 2 -31.89 24.08 24.86
CA LEU D 2 -30.66 24.89 24.58
C LEU D 2 -30.60 25.19 23.08
N GLU D 3 -30.10 26.36 22.71
CA GLU D 3 -29.94 26.76 21.29
C GLU D 3 -28.87 27.84 21.19
N ALA D 4 -27.83 27.61 20.39
CA ALA D 4 -26.79 28.60 20.05
C ALA D 4 -26.55 28.57 18.54
N GLN D 5 -27.02 29.59 17.83
CA GLN D 5 -26.81 29.72 16.37
C GLN D 5 -25.65 30.71 16.14
N VAL D 6 -24.73 30.37 15.24
CA VAL D 6 -23.65 31.30 14.81
C VAL D 6 -23.90 31.63 13.33
N GLN D 7 -23.62 32.87 12.91
CA GLN D 7 -23.85 33.27 11.50
C GLN D 7 -22.96 32.42 10.58
N PHE D 8 -21.69 32.26 10.97
CA PHE D 8 -20.66 31.57 10.16
C PHE D 8 -20.10 30.37 10.93
N ALA D 9 -20.33 29.14 10.43
CA ALA D 9 -19.82 27.87 11.01
C ALA D 9 -18.29 27.88 11.13
N SER D 10 -17.59 28.68 10.32
CA SER D 10 -16.11 28.75 10.36
C SER D 10 -15.64 28.77 11.82
N LEU D 11 -16.28 29.60 12.65
CA LEU D 11 -15.83 29.77 14.06
C LEU D 11 -15.75 28.38 14.71
N TRP D 12 -16.85 27.63 14.68
CA TRP D 12 -16.93 26.29 15.34
C TRP D 12 -15.86 25.37 14.75
N LYS D 13 -15.82 25.25 13.43
CA LYS D 13 -14.78 24.47 12.71
C LYS D 13 -13.42 24.91 13.24
N ARG D 14 -13.04 26.18 13.06
CA ARG D 14 -11.67 26.65 13.41
C ARG D 14 -11.42 26.40 14.89
N LEU D 15 -12.48 26.36 15.70
CA LEU D 15 -12.38 26.21 17.18
C LEU D 15 -12.10 24.75 17.55
N VAL D 16 -13.01 23.85 17.16
CA VAL D 16 -12.90 22.40 17.54
C VAL D 16 -11.53 21.85 17.12
N GLU D 17 -11.09 22.17 15.90
CA GLU D 17 -9.76 21.73 15.40
C GLU D 17 -8.71 22.18 16.42
N CYS D 18 -8.77 23.43 16.88
CA CYS D 18 -7.79 23.96 17.86
C CYS D 18 -7.79 23.10 19.13
N ILE D 19 -8.97 22.63 19.54
CA ILE D 19 -9.18 21.90 20.82
C ILE D 19 -8.92 20.41 20.62
N ASN D 20 -9.48 19.81 19.56
CA ASN D 20 -9.32 18.36 19.26
C ASN D 20 -7.82 18.02 19.26
N GLY D 21 -6.99 18.98 18.92
CA GLY D 21 -5.52 18.87 18.92
C GLY D 21 -4.93 18.54 20.29
N LEU D 22 -5.69 18.76 21.37
CA LEU D 22 -5.16 18.61 22.74
C LEU D 22 -5.85 17.44 23.43
N VAL D 23 -7.15 17.28 23.18
CA VAL D 23 -8.04 16.29 23.87
C VAL D 23 -9.08 15.81 22.85
N ASN D 24 -9.56 14.57 22.95
CA ASN D 24 -10.49 13.97 21.93
C ASN D 24 -11.94 13.96 22.47
N GLU D 25 -12.13 14.32 23.74
CA GLU D 25 -13.48 14.49 24.37
C GLU D 25 -13.41 15.64 25.38
N ALA D 26 -14.51 16.34 25.58
CA ALA D 26 -14.55 17.47 26.53
C ALA D 26 -16.00 17.82 26.84
N ASN D 27 -16.23 18.39 28.03
CA ASN D 27 -17.61 18.77 28.44
C ASN D 27 -17.84 20.24 28.08
N PHE D 28 -18.96 20.52 27.44
CA PHE D 28 -19.30 21.91 27.06
C PHE D 28 -20.14 22.54 28.17
N ASP D 29 -19.52 23.37 29.01
CA ASP D 29 -20.24 23.98 30.15
C ASP D 29 -21.15 25.08 29.60
N CYS D 30 -22.30 24.69 29.08
CA CYS D 30 -23.24 25.67 28.48
C CYS D 30 -24.06 26.30 29.61
N ASN D 31 -23.73 27.54 29.97
CA ASN D 31 -24.45 28.25 31.05
C ASN D 31 -24.89 29.61 30.53
N PRO D 32 -25.93 30.25 31.09
CA PRO D 32 -26.31 31.60 30.68
C PRO D 32 -25.09 32.49 30.85
N GLY D 33 -24.86 33.41 29.91
CA GLY D 33 -23.65 34.25 29.93
C GLY D 33 -22.55 33.76 28.99
N GLY D 34 -22.67 32.53 28.46
CA GLY D 34 -21.80 32.02 27.38
C GLY D 34 -21.57 30.52 27.42
N LEU D 35 -20.83 30.02 26.44
CA LEU D 35 -20.49 28.59 26.33
C LEU D 35 -19.00 28.45 26.68
N SER D 36 -18.68 27.58 27.63
CA SER D 36 -17.30 27.40 28.13
C SER D 36 -16.88 25.94 27.93
N VAL D 37 -15.63 25.71 27.53
CA VAL D 37 -14.99 24.35 27.45
C VAL D 37 -13.66 24.42 28.21
N GLN D 38 -13.46 23.52 29.17
CA GLN D 38 -12.19 23.44 29.94
C GLN D 38 -11.76 21.98 29.94
N ALA D 39 -10.46 21.70 29.76
CA ALA D 39 -9.93 20.34 29.58
C ALA D 39 -8.40 20.31 29.66
N MET D 40 -7.88 19.14 29.99
CA MET D 40 -6.43 18.89 30.23
C MET D 40 -6.00 17.67 29.39
N ASP D 41 -4.81 17.72 28.79
CA ASP D 41 -4.23 16.58 28.06
C ASP D 41 -4.03 15.46 29.09
N SER D 42 -3.95 14.22 28.60
CA SER D 42 -3.73 13.00 29.44
C SER D 42 -2.41 13.10 30.20
N SER D 43 -1.40 13.79 29.66
CA SER D 43 -0.09 14.03 30.35
C SER D 43 -0.31 14.85 31.63
N HIS D 44 -1.46 15.52 31.73
CA HIS D 44 -1.74 16.51 32.81
C HIS D 44 -0.62 17.58 32.78
N VAL D 45 -0.21 18.04 31.59
CA VAL D 45 0.88 19.04 31.37
C VAL D 45 0.29 20.34 30.81
N ALA D 46 -0.89 20.26 30.19
CA ALA D 46 -1.40 21.34 29.32
C ALA D 46 -2.91 21.43 29.45
N LEU D 47 -3.41 22.66 29.63
CA LEU D 47 -4.85 22.91 29.82
C LEU D 47 -5.30 23.93 28.80
N VAL D 48 -6.53 23.76 28.31
CA VAL D 48 -7.25 24.68 27.38
C VAL D 48 -8.50 25.20 28.10
N HIS D 49 -8.64 26.52 28.20
CA HIS D 49 -9.92 27.19 28.56
C HIS D 49 -10.44 27.94 27.33
N MET D 50 -11.69 27.71 26.94
CA MET D 50 -12.34 28.33 25.76
C MET D 50 -13.66 28.94 26.23
N LEU D 51 -13.79 30.26 26.18
CA LEU D 51 -15.08 30.95 26.46
C LEU D 51 -15.64 31.55 25.18
N LEU D 52 -16.92 31.31 24.91
CA LEU D 52 -17.67 32.12 23.92
C LEU D 52 -18.80 32.81 24.65
N ARG D 53 -18.71 34.12 24.88
CA ARG D 53 -19.79 34.89 25.55
C ARG D 53 -21.07 34.82 24.70
N ASP D 54 -22.23 35.12 25.29
CA ASP D 54 -23.57 34.99 24.65
C ASP D 54 -23.70 35.98 23.49
N ASP D 55 -22.90 37.05 23.47
CA ASP D 55 -22.93 38.11 22.43
C ASP D 55 -22.30 37.57 21.15
N CYS D 56 -21.66 36.41 21.24
CA CYS D 56 -20.97 35.75 20.09
C CYS D 56 -22.00 35.10 19.19
N PHE D 57 -23.12 34.66 19.74
CA PHE D 57 -24.13 33.89 18.97
C PHE D 57 -25.22 34.86 18.53
N VAL D 58 -25.57 34.81 17.24
CA VAL D 58 -26.77 35.49 16.64
C VAL D 58 -28.03 35.02 17.36
N LYS D 59 -28.01 33.84 17.97
CA LYS D 59 -29.14 33.29 18.78
C LYS D 59 -28.52 32.44 19.89
N TYR D 60 -28.85 32.71 21.16
CA TYR D 60 -28.33 31.96 22.34
C TYR D 60 -29.35 31.90 23.49
N GLN D 61 -29.63 30.70 23.99
CA GLN D 61 -30.75 30.41 24.91
C GLN D 61 -30.36 29.26 25.86
N CYS D 62 -29.77 29.64 26.99
CA CYS D 62 -29.38 28.71 28.08
C CYS D 62 -29.88 29.29 29.41
N GLY D 63 -31.18 29.09 29.71
CA GLY D 63 -31.83 29.49 30.98
C GLY D 63 -31.01 29.04 32.17
N ARG D 64 -30.88 27.71 32.32
CA ARG D 64 -30.15 27.03 33.43
C ARG D 64 -28.87 26.38 32.89
N ASN D 65 -27.78 26.35 33.67
CA ASN D 65 -26.55 25.58 33.32
C ASN D 65 -26.91 24.14 32.96
N SER D 66 -26.58 23.70 31.73
CA SER D 66 -26.55 22.27 31.28
C SER D 66 -25.16 21.95 30.70
N ILE D 67 -24.40 21.07 31.37
CA ILE D 67 -23.11 20.50 30.87
C ILE D 67 -23.44 19.47 29.78
N LEU D 68 -22.83 19.56 28.59
CA LEU D 68 -22.89 18.56 27.49
C LEU D 68 -21.47 18.07 27.19
N GLY D 69 -21.23 16.78 27.40
CA GLY D 69 -19.95 16.10 27.09
C GLY D 69 -19.99 15.55 25.68
N LEU D 70 -18.87 15.63 24.96
CA LEU D 70 -18.90 15.44 23.49
C LEU D 70 -17.58 14.87 22.99
N ASN D 71 -17.71 13.95 22.03
CA ASN D 71 -16.57 13.33 21.31
C ASN D 71 -16.06 14.32 20.26
N LEU D 72 -14.92 14.96 20.52
CA LEU D 72 -14.35 15.97 19.59
C LEU D 72 -13.94 15.28 18.29
N ALA D 73 -13.49 14.03 18.40
CA ALA D 73 -13.19 13.15 17.24
C ALA D 73 -14.38 13.21 16.27
N SER D 74 -15.56 12.74 16.69
CA SER D 74 -16.83 12.79 15.88
C SER D 74 -17.14 14.23 15.49
N LEU D 75 -17.28 15.11 16.47
CA LEU D 75 -17.72 16.50 16.20
C LEU D 75 -16.86 17.03 15.06
N SER D 76 -15.54 16.89 15.19
CA SER D 76 -14.54 17.38 14.18
C SER D 76 -14.89 16.85 12.78
N LYS D 77 -15.08 15.52 12.67
CA LYS D 77 -15.49 14.82 11.41
C LYS D 77 -16.77 15.41 10.83
N VAL D 78 -17.71 15.87 11.65
CA VAL D 78 -19.00 16.42 11.16
C VAL D 78 -18.76 17.84 10.69
N LEU D 79 -18.04 18.62 11.48
CA LEU D 79 -17.80 20.05 11.17
C LEU D 79 -17.00 20.16 9.86
N LYS D 80 -16.06 19.24 9.58
CA LYS D 80 -15.27 19.24 8.32
C LYS D 80 -16.22 19.33 7.12
N ILE D 81 -17.38 18.67 7.16
CA ILE D 81 -18.35 18.61 6.01
C ILE D 81 -19.27 19.85 5.98
N VAL D 82 -19.26 20.71 6.99
CA VAL D 82 -20.21 21.86 7.04
C VAL D 82 -19.56 23.08 6.39
N ASP D 83 -20.15 23.60 5.31
CA ASP D 83 -19.62 24.83 4.66
C ASP D 83 -19.55 25.92 5.73
N SER D 84 -18.51 26.74 5.70
CA SER D 84 -18.20 27.75 6.74
C SER D 84 -19.16 28.92 6.63
N ASN D 85 -19.48 29.31 5.39
CA ASN D 85 -20.38 30.45 5.11
C ASN D 85 -21.79 30.10 5.55
N ASP D 86 -22.12 28.81 5.68
CA ASP D 86 -23.43 28.36 6.20
C ASP D 86 -23.53 28.69 7.69
N SER D 87 -24.76 28.88 8.17
CA SER D 87 -25.09 29.09 9.60
C SER D 87 -25.00 27.74 10.31
N LEU D 88 -24.74 27.75 11.62
CA LEU D 88 -24.75 26.50 12.44
C LEU D 88 -25.46 26.71 13.77
N SER D 89 -26.55 25.96 14.02
CA SER D 89 -27.28 25.97 15.31
C SER D 89 -27.10 24.65 16.08
N LEU D 90 -26.44 24.76 17.25
CA LEU D 90 -26.28 23.67 18.25
C LEU D 90 -27.46 23.67 19.22
N ARG D 91 -28.27 22.59 19.23
CA ARG D 91 -29.54 22.51 20.01
C ARG D 91 -29.57 21.21 20.81
N HIS D 92 -30.06 21.29 22.05
CA HIS D 92 -30.30 20.13 22.96
C HIS D 92 -31.70 20.24 23.58
N ASP D 93 -32.55 19.22 23.43
CA ASP D 93 -33.84 19.12 24.15
C ASP D 93 -33.60 18.38 25.48
N ASP D 94 -33.97 19.00 26.60
CA ASP D 94 -33.80 18.44 27.98
C ASP D 94 -34.14 16.95 27.97
N ASP D 95 -33.34 16.14 28.66
CA ASP D 95 -33.55 14.67 28.79
C ASP D 95 -33.39 14.01 27.41
N SER D 96 -32.44 14.48 26.60
CA SER D 96 -32.02 13.82 25.33
C SER D 96 -30.62 13.23 25.53
N ASP D 97 -30.30 12.14 24.83
CA ASP D 97 -28.94 11.55 24.88
C ASP D 97 -28.15 12.01 23.65
N VAL D 98 -28.77 12.89 22.84
CA VAL D 98 -28.20 13.41 21.56
C VAL D 98 -28.36 14.93 21.53
N VAL D 99 -27.45 15.61 20.84
CA VAL D 99 -27.48 17.08 20.60
C VAL D 99 -27.50 17.30 19.09
N THR D 100 -28.20 18.31 18.61
CA THR D 100 -28.47 18.46 17.15
C THR D 100 -27.67 19.63 16.60
N LEU D 101 -27.02 19.44 15.46
CA LEU D 101 -26.33 20.52 14.72
C LEU D 101 -27.08 20.77 13.42
N THR D 102 -27.53 22.00 13.19
CA THR D 102 -28.35 22.35 12.00
C THR D 102 -27.65 23.45 11.21
N SER D 103 -27.47 23.25 9.89
CA SER D 103 -26.82 24.24 9.00
C SER D 103 -27.77 24.60 7.87
N GLU D 104 -27.71 25.84 7.41
CA GLU D 104 -28.61 26.28 6.32
C GLU D 104 -27.86 27.25 5.41
N ASN D 105 -28.11 27.15 4.10
CA ASN D 105 -27.54 28.05 3.08
C ASN D 105 -27.97 29.46 3.43
N PRO D 106 -27.13 30.49 3.20
CA PRO D 106 -27.58 31.88 3.29
C PRO D 106 -28.85 32.04 2.45
N GLU D 107 -28.98 31.22 1.40
CA GLU D 107 -30.12 31.24 0.45
C GLU D 107 -31.31 30.42 1.01
N LYS D 108 -31.06 29.57 2.01
CA LYS D 108 -32.11 28.69 2.61
C LYS D 108 -32.53 27.60 1.63
N THR D 109 -31.78 27.40 0.55
CA THR D 109 -32.08 26.40 -0.51
C THR D 109 -31.77 24.99 0.00
N ARG D 110 -30.78 24.86 0.89
CA ARG D 110 -30.38 23.54 1.44
C ARG D 110 -30.34 23.60 2.97
N LYS D 111 -30.80 22.54 3.62
CA LYS D 111 -30.70 22.37 5.10
C LYS D 111 -29.98 21.05 5.38
N CYS D 112 -29.00 21.09 6.28
CA CYS D 112 -28.30 19.88 6.77
C CYS D 112 -28.47 19.82 8.30
N GLU D 113 -28.91 18.69 8.82
CA GLU D 113 -28.96 18.45 10.29
C GLU D 113 -28.13 17.22 10.63
N TYR D 114 -27.32 17.30 11.69
CA TYR D 114 -26.45 16.19 12.14
C TYR D 114 -26.70 15.96 13.62
N GLN D 115 -27.08 14.75 14.02
CA GLN D 115 -27.33 14.39 15.44
C GLN D 115 -26.17 13.54 15.96
N LEU D 116 -25.54 14.00 17.04
CA LEU D 116 -24.41 13.30 17.68
C LEU D 116 -24.81 12.91 19.10
N LYS D 117 -24.38 11.73 19.54
CA LYS D 117 -24.69 11.23 20.89
C LYS D 117 -23.78 11.93 21.91
N LEU D 118 -24.27 12.08 23.13
CA LEU D 118 -23.55 12.77 24.23
C LEU D 118 -22.73 11.73 24.98
N LEU D 119 -21.75 12.16 25.76
CA LEU D 119 -20.91 11.23 26.58
C LEU D 119 -20.95 11.68 28.04
N GLU D 120 -20.54 10.80 28.94
CA GLU D 120 -20.34 11.10 30.38
C GLU D 120 -18.86 11.33 30.58
N ILE D 121 -18.47 12.58 30.83
CA ILE D 121 -17.03 12.93 31.03
C ILE D 121 -16.90 13.49 32.44
N GLU D 122 -16.06 12.89 33.27
CA GLU D 122 -15.82 13.39 34.65
C GLU D 122 -15.19 14.77 34.56
N ALA D 123 -15.50 15.63 35.53
CA ALA D 123 -15.08 17.06 35.59
C ALA D 123 -13.54 17.12 35.63
N GLU D 124 -12.93 18.08 34.95
CA GLU D 124 -11.46 18.30 35.00
C GLU D 124 -11.04 18.38 36.47
N SER D 125 -10.13 17.51 36.91
CA SER D 125 -9.61 17.51 38.30
C SER D 125 -8.90 18.85 38.58
N MET D 126 -7.91 19.20 37.76
CA MET D 126 -7.09 20.43 37.93
C MET D 126 -7.82 21.62 37.29
N GLY D 127 -7.41 22.84 37.64
CA GLY D 127 -8.07 24.09 37.24
C GLY D 127 -7.07 25.15 36.82
N ILE D 128 -7.56 26.28 36.29
CA ILE D 128 -6.69 27.35 35.69
C ILE D 128 -5.61 27.69 36.70
N PRO D 129 -4.33 27.88 36.28
CA PRO D 129 -3.29 28.35 37.19
C PRO D 129 -3.70 29.71 37.80
N GLU D 130 -3.62 29.84 39.13
CA GLU D 130 -3.94 31.12 39.82
C GLU D 130 -2.66 31.96 39.91
N MET D 131 -2.20 32.54 38.79
CA MET D 131 -0.89 33.23 38.74
C MET D 131 -1.05 34.65 38.18
N ASP D 132 -0.19 35.57 38.60
CA ASP D 132 -0.11 36.93 38.02
C ASP D 132 1.15 36.97 37.17
N TYR D 133 1.03 37.33 35.90
CA TYR D 133 2.16 37.23 34.95
C TYR D 133 2.95 38.53 34.98
N ARG D 134 4.26 38.42 35.23
CA ARG D 134 5.21 39.57 35.26
C ARG D 134 5.53 40.01 33.82
N SER D 135 5.91 39.06 32.96
CA SER D 135 6.28 39.33 31.54
C SER D 135 5.17 38.91 30.59
N THR D 136 4.81 39.79 29.66
CA THR D 136 3.79 39.52 28.62
C THR D 136 4.34 39.94 27.27
N VAL D 137 4.37 39.05 26.28
CA VAL D 137 4.75 39.37 24.89
C VAL D 137 3.54 39.15 23.97
N THR D 138 3.28 40.08 23.06
CA THR D 138 2.23 39.93 22.02
C THR D 138 2.92 39.99 20.66
N LEU D 139 2.57 39.07 19.75
CA LEU D 139 3.18 38.99 18.40
C LEU D 139 2.16 38.39 17.44
N ASN D 140 2.47 38.41 16.14
CA ASN D 140 1.50 38.03 15.08
C ASN D 140 1.30 36.50 15.18
N SER D 141 0.05 36.06 15.19
CA SER D 141 -0.32 34.65 15.44
C SER D 141 0.52 33.74 14.55
N ALA D 142 0.59 34.10 13.25
CA ALA D 142 1.21 33.25 12.20
C ALA D 142 2.71 33.16 12.45
N GLU D 143 3.33 34.26 12.85
CA GLU D 143 4.78 34.29 13.13
C GLU D 143 5.03 33.30 14.26
N PHE D 144 4.18 33.32 15.28
CA PHE D 144 4.34 32.41 16.45
C PHE D 144 4.35 30.98 15.91
N ALA D 145 3.32 30.64 15.16
CA ALA D 145 3.12 29.30 14.55
C ALA D 145 4.37 28.91 13.77
N LYS D 146 4.82 29.76 12.84
CA LYS D 146 6.03 29.45 12.03
C LYS D 146 7.17 29.12 12.99
N ILE D 147 7.42 29.99 13.96
CA ILE D 147 8.58 29.83 14.89
C ILE D 147 8.52 28.43 15.50
N VAL D 148 7.39 28.03 16.06
CA VAL D 148 7.35 26.70 16.73
C VAL D 148 7.72 25.64 15.68
N ARG D 149 7.05 25.62 14.52
CA ARG D 149 7.34 24.65 13.43
C ARG D 149 8.85 24.67 13.12
N ASP D 150 9.41 25.86 12.88
CA ASP D 150 10.86 26.06 12.62
C ASP D 150 11.68 25.43 13.75
N MET D 151 11.49 25.88 15.00
CA MET D 151 12.33 25.40 16.14
C MET D 151 12.26 23.88 16.20
N GLN D 152 11.12 23.28 15.84
CA GLN D 152 10.91 21.82 15.85
C GLN D 152 11.79 21.10 14.83
N VAL D 153 12.33 21.78 13.81
CA VAL D 153 13.25 21.10 12.85
C VAL D 153 14.53 20.74 13.61
N PHE D 154 14.75 21.34 14.79
CA PHE D 154 15.96 21.17 15.63
C PHE D 154 15.71 20.18 16.78
N GLY D 155 14.69 20.41 17.59
CA GLY D 155 14.46 19.65 18.83
C GLY D 155 13.00 19.48 19.16
N ASP D 156 12.71 19.20 20.43
CA ASP D 156 11.36 18.92 20.95
C ASP D 156 11.03 19.91 22.07
N THR D 157 12.03 20.72 22.47
CA THR D 157 11.89 21.78 23.50
C THR D 157 12.36 23.13 22.93
N VAL D 158 11.68 24.21 23.31
CA VAL D 158 12.01 25.60 22.91
C VAL D 158 12.34 26.40 24.16
N THR D 159 13.44 27.16 24.16
CA THR D 159 13.82 28.05 25.28
C THR D 159 13.42 29.48 24.91
N ILE D 160 12.34 29.99 25.48
CA ILE D 160 11.87 31.37 25.20
C ILE D 160 12.52 32.32 26.18
N ALA D 161 13.16 33.39 25.71
CA ALA D 161 13.85 34.41 26.54
C ALA D 161 13.19 35.76 26.33
N ILE D 162 12.53 36.28 27.37
CA ILE D 162 11.92 37.64 27.35
C ILE D 162 12.99 38.62 27.81
N SER D 163 13.18 39.69 27.04
CA SER D 163 14.12 40.79 27.34
C SER D 163 13.54 42.11 26.79
N LYS D 164 13.93 43.24 27.38
CA LYS D 164 13.48 44.59 26.93
C LYS D 164 13.69 44.70 25.42
N GLU D 165 14.84 44.20 24.92
CA GLU D 165 15.24 44.20 23.49
C GLU D 165 14.23 43.38 22.68
N GLY D 166 13.81 42.22 23.21
CA GLY D 166 12.81 41.36 22.55
C GLY D 166 12.91 39.90 22.99
N VAL D 167 12.04 39.06 22.45
CA VAL D 167 11.98 37.61 22.77
C VAL D 167 12.92 36.83 21.84
N LYS D 168 13.61 35.82 22.37
CA LYS D 168 14.50 34.93 21.58
C LYS D 168 14.01 33.49 21.76
N PHE D 169 13.44 32.90 20.71
CA PHE D 169 13.08 31.46 20.69
C PHE D 169 14.31 30.68 20.21
N SER D 170 14.69 29.63 20.94
CA SER D 170 15.92 28.84 20.66
C SER D 170 15.64 27.34 20.84
N SER D 171 16.33 26.49 20.08
CA SER D 171 16.20 25.01 20.14
C SER D 171 17.45 24.35 19.60
N SER D 172 17.71 23.08 19.97
CA SER D 172 18.94 22.34 19.60
C SER D 172 18.67 20.85 19.46
N GLY D 173 19.35 20.20 18.50
CA GLY D 173 19.19 18.76 18.20
C GLY D 173 20.23 18.30 17.19
N ASP D 174 20.03 17.13 16.58
CA ASP D 174 21.06 16.53 15.67
C ASP D 174 21.30 17.48 14.50
N VAL D 175 20.22 17.94 13.88
CA VAL D 175 20.29 18.88 12.73
C VAL D 175 21.25 20.00 13.11
N GLY D 176 21.23 20.39 14.37
CA GLY D 176 22.12 21.43 14.93
C GLY D 176 21.36 22.33 15.87
N GLN D 177 21.73 23.60 15.89
CA GLN D 177 21.14 24.59 16.83
C GLN D 177 20.70 25.78 15.98
N GLY D 178 19.57 26.36 16.35
CA GLY D 178 19.04 27.58 15.71
C GLY D 178 18.33 28.46 16.72
N TYR D 179 18.02 29.69 16.32
CA TYR D 179 17.19 30.61 17.13
C TYR D 179 16.53 31.64 16.22
N THR D 180 15.44 32.21 16.72
CA THR D 180 14.73 33.33 16.05
C THR D 180 14.63 34.44 17.08
N PHE D 181 15.27 35.59 16.85
CA PHE D 181 15.10 36.79 17.72
C PHE D 181 14.09 37.74 17.09
N LEU D 182 13.08 38.13 17.85
CA LEU D 182 12.09 39.16 17.42
C LEU D 182 12.39 40.46 18.16
N GLN D 183 12.94 41.45 17.46
CA GLN D 183 13.18 42.81 17.99
C GLN D 183 11.83 43.38 18.48
N ALA D 184 11.82 43.90 19.71
CA ALA D 184 10.63 44.54 20.34
C ALA D 184 10.33 45.86 19.62
N ALA D 185 9.04 46.19 19.48
CA ALA D 185 8.50 47.39 18.79
C ALA D 185 9.30 48.65 19.19
N GLY D 227 4.13 44.19 14.92
CA GLY D 227 5.20 44.58 15.87
C GLY D 227 5.12 43.78 17.16
N VAL D 228 6.28 43.43 17.73
CA VAL D 228 6.39 42.62 18.98
C VAL D 228 6.24 43.57 20.16
N GLU D 229 5.12 43.49 20.87
CA GLU D 229 4.81 44.30 22.09
C GLU D 229 5.19 43.50 23.33
N VAL D 230 6.42 43.69 23.83
CA VAL D 230 6.96 43.09 25.09
C VAL D 230 6.64 43.99 26.29
N THR D 231 5.99 43.43 27.32
CA THR D 231 5.85 44.04 28.67
C THR D 231 6.61 43.17 29.67
N MET D 232 7.59 43.73 30.37
CA MET D 232 8.45 42.94 31.27
C MET D 232 8.62 43.69 32.59
N GLU D 233 8.73 42.94 33.68
CA GLU D 233 9.12 43.47 35.01
C GLU D 233 10.53 42.95 35.32
N GLU D 234 10.78 41.66 35.04
CA GLU D 234 12.11 41.02 35.21
C GLU D 234 12.48 40.28 33.93
N PRO D 235 13.79 40.14 33.60
CA PRO D 235 14.21 39.40 32.41
C PRO D 235 14.05 37.88 32.56
N ILE D 236 12.83 37.38 32.29
CA ILE D 236 12.45 35.94 32.50
C ILE D 236 12.88 35.11 31.27
N THR D 237 13.23 33.84 31.50
CA THR D 237 13.73 32.91 30.46
C THR D 237 13.37 31.47 30.84
N LEU D 238 12.27 30.93 30.33
CA LEU D 238 11.80 29.52 30.61
C LEU D 238 11.83 28.66 29.34
N SER D 239 11.79 27.33 29.51
CA SER D 239 11.79 26.35 28.37
C SER D 239 10.52 25.50 28.39
N PHE D 240 9.97 25.18 27.21
CA PHE D 240 8.66 24.49 27.03
C PHE D 240 8.72 23.44 25.93
N ALA D 241 7.80 22.47 26.01
CA ALA D 241 7.61 21.37 25.04
C ALA D 241 6.97 21.88 23.74
N LEU D 242 7.70 21.74 22.62
CA LEU D 242 7.30 22.27 21.29
C LEU D 242 6.08 21.51 20.78
N ARG D 243 5.93 20.25 21.16
CA ARG D 243 4.76 19.48 20.72
C ARG D 243 3.48 20.25 21.10
N PHE D 244 3.34 20.65 22.36
CA PHE D 244 2.11 21.31 22.85
C PHE D 244 2.04 22.71 22.25
N MET D 245 3.19 23.38 22.15
CA MET D 245 3.23 24.76 21.63
C MET D 245 2.62 24.75 20.21
N GLY D 246 2.97 23.73 19.43
CA GLY D 246 2.37 23.49 18.11
C GLY D 246 0.86 23.40 18.22
N ILE D 247 0.37 22.51 19.08
CA ILE D 247 -1.07 22.26 19.25
C ILE D 247 -1.78 23.60 19.46
N PHE D 248 -1.18 24.45 20.31
CA PHE D 248 -1.69 25.80 20.72
C PHE D 248 -1.73 26.72 19.50
N ALA D 249 -0.63 26.75 18.74
CA ALA D 249 -0.39 27.70 17.64
C ALA D 249 -1.53 27.69 16.62
N LYS D 250 -2.27 26.58 16.52
CA LYS D 250 -3.42 26.42 15.58
C LYS D 250 -4.41 27.59 15.82
N GLY D 251 -4.30 28.23 16.98
CA GLY D 251 -5.06 29.45 17.33
C GLY D 251 -4.96 30.55 16.28
N SER D 252 -3.88 30.57 15.49
CA SER D 252 -3.73 31.48 14.33
C SER D 252 -5.01 31.48 13.47
N THR D 253 -5.74 30.38 13.41
CA THR D 253 -7.01 30.30 12.63
C THR D 253 -8.07 31.24 13.24
N LEU D 254 -7.91 31.72 14.48
CA LEU D 254 -8.99 32.43 15.23
C LEU D 254 -8.68 33.93 15.35
N SER D 255 -7.44 34.30 15.62
CA SER D 255 -7.01 35.67 15.99
C SER D 255 -5.71 36.01 15.26
N GLU D 256 -5.60 37.23 14.72
CA GLU D 256 -4.38 37.69 14.01
C GLU D 256 -3.22 37.79 14.97
N ARG D 257 -3.47 38.17 16.23
CA ARG D 257 -2.35 38.30 17.22
C ARG D 257 -2.54 37.29 18.35
N VAL D 258 -1.47 37.06 19.11
CA VAL D 258 -1.44 36.05 20.20
C VAL D 258 -0.68 36.69 21.37
N THR D 259 -1.24 36.58 22.57
CA THR D 259 -0.58 37.11 23.79
C THR D 259 0.02 35.91 24.54
N LEU D 260 1.32 35.95 24.78
CA LEU D 260 2.01 34.93 25.60
C LEU D 260 2.39 35.59 26.92
N LYS D 261 1.90 35.05 28.03
CA LYS D 261 2.16 35.56 29.40
C LYS D 261 2.99 34.52 30.16
N PHE D 262 4.04 34.96 30.85
CA PHE D 262 5.01 34.05 31.54
C PHE D 262 5.26 34.55 32.96
N ALA D 263 5.57 33.63 33.85
CA ALA D 263 5.88 33.90 35.27
C ALA D 263 6.96 32.94 35.72
N LYS D 264 7.99 33.46 36.37
CA LYS D 264 9.16 32.60 36.74
C LYS D 264 8.65 31.29 37.33
N ASP D 265 9.31 30.19 37.00
CA ASP D 265 9.00 28.86 37.60
C ASP D 265 7.47 28.70 37.68
N SER D 266 6.74 29.03 36.61
CA SER D 266 5.26 28.97 36.60
C SER D 266 4.76 28.65 35.20
N PRO D 267 3.61 27.95 35.06
CA PRO D 267 3.01 27.67 33.76
C PRO D 267 2.88 28.94 32.91
N CYS D 268 2.79 28.77 31.59
CA CYS D 268 2.62 29.92 30.66
C CYS D 268 1.15 29.95 30.22
N MET D 269 0.73 31.09 29.70
CA MET D 269 -0.60 31.22 29.08
C MET D 269 -0.43 31.68 27.62
N VAL D 270 -1.10 31.00 26.70
CA VAL D 270 -1.18 31.48 25.29
C VAL D 270 -2.63 31.89 25.08
N GLU D 271 -2.90 33.19 24.97
CA GLU D 271 -4.28 33.69 24.83
C GLU D 271 -4.56 34.06 23.38
N TYR D 272 -5.67 33.59 22.84
CA TYR D 272 -6.17 34.00 21.51
C TYR D 272 -7.52 34.69 21.75
N GLY D 273 -7.66 35.93 21.32
CA GLY D 273 -8.94 36.65 21.48
C GLY D 273 -9.86 36.46 20.29
N ILE D 274 -11.01 35.84 20.52
CA ILE D 274 -12.06 35.70 19.48
C ILE D 274 -12.85 37.01 19.41
N ASP D 275 -12.31 38.05 18.77
CA ASP D 275 -12.89 39.42 18.70
C ASP D 275 -13.00 39.94 20.14
N ASN D 276 -14.09 40.61 20.50
CA ASN D 276 -14.37 40.86 21.93
C ASN D 276 -15.60 40.02 22.32
N VAL D 277 -15.75 38.87 21.68
CA VAL D 277 -16.94 38.00 21.84
C VAL D 277 -16.54 36.66 22.49
N GLY D 278 -15.28 36.53 22.92
CA GLY D 278 -14.79 35.30 23.56
C GLY D 278 -13.27 35.24 23.61
N TYR D 279 -12.70 34.08 23.96
CA TYR D 279 -11.23 33.87 23.98
C TYR D 279 -10.93 32.37 23.99
N LEU D 280 -9.72 32.01 23.57
CA LEU D 280 -9.16 30.65 23.72
C LEU D 280 -7.82 30.74 24.44
N ARG D 281 -7.69 30.16 25.63
CA ARG D 281 -6.45 30.30 26.45
C ARG D 281 -5.86 28.91 26.67
N TYR D 282 -4.55 28.79 26.57
CA TYR D 282 -3.83 27.52 26.77
C TYR D 282 -2.88 27.75 27.93
N TYR D 283 -2.59 26.70 28.70
CA TYR D 283 -1.63 26.78 29.83
C TYR D 283 -0.72 25.58 29.75
N LEU D 284 0.60 25.79 29.81
CA LEU D 284 1.59 24.69 29.67
C LEU D 284 2.62 24.77 30.79
N ALA D 285 3.02 23.61 31.29
CA ALA D 285 4.04 23.46 32.36
C ALA D 285 5.42 23.78 31.80
N PRO D 286 6.27 24.53 32.53
CA PRO D 286 7.66 24.70 32.16
C PRO D 286 8.39 23.34 32.27
N LYS D 287 9.41 23.12 31.46
CA LYS D 287 10.33 21.98 31.60
C LYS D 287 11.30 22.30 32.74
N VAL D 288 11.47 21.37 33.69
CA VAL D 288 12.34 21.58 34.89
C VAL D 288 13.41 20.49 34.93
N ASP D 289 14.55 20.80 35.56
CA ASP D 289 15.69 19.88 35.80
C ASP D 289 15.55 19.32 37.23
N MET E 1 -7.24 1.89 -40.11
CA MET E 1 -8.63 1.40 -39.76
C MET E 1 -9.31 2.44 -38.86
N LEU E 2 -9.32 2.22 -37.53
CA LEU E 2 -9.98 3.13 -36.53
C LEU E 2 -9.18 4.42 -36.38
N GLU E 3 -9.88 5.52 -36.08
CA GLU E 3 -9.27 6.85 -35.85
C GLU E 3 -10.31 7.70 -35.15
N ALA E 4 -10.02 8.15 -33.94
CA ALA E 4 -10.92 8.98 -33.12
C ALA E 4 -10.14 10.14 -32.50
N GLN E 5 -9.94 11.21 -33.27
CA GLN E 5 -9.27 12.42 -32.77
C GLN E 5 -10.28 13.31 -32.06
N VAL E 6 -9.95 13.71 -30.84
CA VAL E 6 -10.70 14.72 -30.05
C VAL E 6 -9.83 15.97 -29.99
N GLN E 7 -10.43 17.16 -30.01
CA GLN E 7 -9.64 18.41 -30.02
C GLN E 7 -8.94 18.58 -28.67
N PHE E 8 -9.64 18.32 -27.57
CA PHE E 8 -9.12 18.55 -26.21
C PHE E 8 -9.12 17.23 -25.45
N ALA E 9 -7.92 16.75 -25.08
CA ALA E 9 -7.74 15.44 -24.38
C ALA E 9 -8.43 15.50 -23.01
N SER E 10 -8.72 16.69 -22.49
CA SER E 10 -9.40 16.85 -21.18
C SER E 10 -10.48 15.77 -21.06
N LEU E 11 -11.29 15.59 -22.11
CA LEU E 11 -12.43 14.64 -22.10
C LEU E 11 -11.95 13.23 -21.75
N TRP E 12 -11.16 12.61 -22.62
CA TRP E 12 -10.61 11.26 -22.38
C TRP E 12 -10.06 11.18 -20.95
N LYS E 13 -9.25 12.17 -20.58
CA LYS E 13 -8.59 12.22 -19.26
C LYS E 13 -9.66 12.10 -18.18
N ARG E 14 -10.73 12.87 -18.30
CA ARG E 14 -11.79 12.90 -17.25
C ARG E 14 -12.62 11.62 -17.30
N LEU E 15 -12.92 11.15 -18.51
CA LEU E 15 -13.77 9.95 -18.71
C LEU E 15 -13.10 8.71 -18.11
N VAL E 16 -11.87 8.42 -18.54
CA VAL E 16 -11.14 7.21 -18.11
C VAL E 16 -11.05 7.22 -16.58
N GLU E 17 -10.79 8.40 -16.03
CA GLU E 17 -10.70 8.56 -14.56
C GLU E 17 -12.02 8.14 -13.95
N CYS E 18 -13.14 8.50 -14.56
CA CYS E 18 -14.48 8.21 -14.00
C CYS E 18 -14.71 6.71 -14.11
N ILE E 19 -14.58 6.16 -15.33
CA ILE E 19 -14.90 4.73 -15.65
C ILE E 19 -13.95 3.87 -14.82
N ASN E 20 -12.64 4.19 -14.85
CA ASN E 20 -11.68 3.55 -13.92
C ASN E 20 -12.17 3.97 -12.54
N GLY E 21 -12.01 3.12 -11.55
CA GLY E 21 -12.59 3.45 -10.25
C GLY E 21 -13.92 2.74 -10.11
N LEU E 22 -14.46 2.20 -11.20
CA LEU E 22 -15.47 1.13 -11.11
C LEU E 22 -14.89 -0.17 -11.67
N VAL E 23 -14.02 -0.08 -12.67
CA VAL E 23 -13.51 -1.28 -13.39
C VAL E 23 -12.05 -1.02 -13.79
N ASN E 24 -11.25 -2.07 -13.98
CA ASN E 24 -9.79 -1.98 -14.26
C ASN E 24 -9.53 -2.20 -15.74
N GLU E 25 -10.43 -2.93 -16.38
CA GLU E 25 -10.36 -3.24 -17.83
C GLU E 25 -11.74 -2.98 -18.42
N ALA E 26 -11.80 -2.60 -19.68
CA ALA E 26 -13.09 -2.37 -20.36
C ALA E 26 -12.91 -2.51 -21.87
N ASN E 27 -13.95 -2.99 -22.55
CA ASN E 27 -13.93 -3.15 -24.03
C ASN E 27 -14.52 -1.86 -24.61
N PHE E 28 -13.86 -1.28 -25.60
CA PHE E 28 -14.34 -0.07 -26.33
C PHE E 28 -15.09 -0.56 -27.57
N ASP E 29 -16.42 -0.47 -27.57
CA ASP E 29 -17.30 -0.82 -28.71
C ASP E 29 -17.09 0.24 -29.78
N CYS E 30 -16.07 0.09 -30.59
CA CYS E 30 -15.81 1.02 -31.73
C CYS E 30 -16.73 0.68 -32.91
N ASN E 31 -17.92 1.31 -32.96
CA ASN E 31 -18.93 1.10 -34.03
C ASN E 31 -18.96 2.36 -34.89
N PRO E 32 -19.39 2.30 -36.17
CA PRO E 32 -19.35 3.47 -37.05
C PRO E 32 -20.23 4.62 -36.53
N GLY E 33 -21.09 4.31 -35.54
CA GLY E 33 -21.94 5.27 -34.82
C GLY E 33 -21.17 6.10 -33.82
N GLY E 34 -20.36 5.44 -32.98
CA GLY E 34 -19.45 6.08 -32.00
C GLY E 34 -18.71 5.05 -31.16
N LEU E 35 -18.05 5.49 -30.07
CA LEU E 35 -17.37 4.58 -29.11
C LEU E 35 -18.30 4.35 -27.94
N SER E 36 -18.39 3.10 -27.50
CA SER E 36 -19.26 2.73 -26.37
C SER E 36 -18.47 1.83 -25.41
N VAL E 37 -18.68 2.02 -24.11
CA VAL E 37 -18.07 1.18 -23.05
C VAL E 37 -19.23 0.71 -22.17
N GLN E 38 -19.42 -0.59 -22.12
CA GLN E 38 -20.40 -1.18 -21.17
C GLN E 38 -19.64 -2.15 -20.27
N ALA E 39 -19.79 -2.03 -18.95
CA ALA E 39 -18.98 -2.79 -17.97
C ALA E 39 -19.68 -2.85 -16.62
N MET E 40 -19.16 -3.70 -15.74
CA MET E 40 -19.82 -3.97 -14.44
C MET E 40 -18.73 -4.22 -13.39
N ASP E 41 -18.99 -3.83 -12.15
CA ASP E 41 -18.06 -4.06 -11.02
C ASP E 41 -17.86 -5.56 -10.83
N SER E 42 -16.79 -5.92 -10.15
CA SER E 42 -16.51 -7.32 -9.74
C SER E 42 -17.72 -7.81 -8.93
N SER E 43 -18.20 -6.97 -8.01
CA SER E 43 -19.39 -7.28 -7.18
C SER E 43 -20.58 -7.54 -8.09
N HIS E 44 -20.49 -7.19 -9.37
CA HIS E 44 -21.63 -7.29 -10.32
C HIS E 44 -22.88 -6.64 -9.68
N VAL E 45 -22.73 -5.48 -9.03
CA VAL E 45 -23.87 -4.67 -8.48
C VAL E 45 -24.03 -3.37 -9.28
N ALA E 46 -22.99 -2.91 -9.97
CA ALA E 46 -22.99 -1.58 -10.61
C ALA E 46 -22.57 -1.72 -12.06
N LEU E 47 -23.26 -0.98 -12.93
CA LEU E 47 -23.02 -1.04 -14.39
C LEU E 47 -22.65 0.37 -14.84
N VAL E 48 -21.75 0.47 -15.81
CA VAL E 48 -21.37 1.76 -16.43
C VAL E 48 -21.63 1.63 -17.94
N HIS E 49 -22.38 2.57 -18.49
CA HIS E 49 -22.59 2.68 -19.95
C HIS E 49 -22.13 4.07 -20.37
N MET E 50 -21.15 4.16 -21.27
CA MET E 50 -20.66 5.45 -21.81
C MET E 50 -20.85 5.41 -23.33
N LEU E 51 -21.36 6.49 -23.91
CA LEU E 51 -21.46 6.61 -25.38
C LEU E 51 -20.77 7.89 -25.81
N LEU E 52 -19.86 7.80 -26.77
CA LEU E 52 -19.34 9.02 -27.44
C LEU E 52 -19.73 8.93 -28.91
N ARG E 53 -20.76 9.67 -29.34
CA ARG E 53 -21.25 9.67 -30.74
C ARG E 53 -20.16 10.25 -31.66
N ASP E 54 -20.07 9.79 -32.90
CA ASP E 54 -19.09 10.28 -33.92
C ASP E 54 -19.00 11.81 -33.89
N ASP E 55 -20.11 12.51 -33.60
CA ASP E 55 -20.19 14.00 -33.56
C ASP E 55 -19.16 14.54 -32.54
N CYS E 56 -18.80 13.75 -31.53
CA CYS E 56 -17.86 14.12 -30.42
C CYS E 56 -16.42 14.26 -30.93
N PHE E 57 -16.05 13.51 -31.96
CA PHE E 57 -14.65 13.47 -32.46
C PHE E 57 -14.53 14.45 -33.62
N VAL E 58 -13.36 15.07 -33.78
CA VAL E 58 -13.05 15.94 -34.95
C VAL E 58 -12.67 15.06 -36.15
N LYS E 59 -12.47 13.76 -35.92
CA LYS E 59 -12.09 12.80 -36.98
C LYS E 59 -12.36 11.39 -36.47
N TYR E 60 -13.58 10.89 -36.70
CA TYR E 60 -14.00 9.48 -36.48
C TYR E 60 -13.91 8.73 -37.80
N GLN E 61 -13.39 7.50 -37.77
CA GLN E 61 -13.30 6.61 -38.94
C GLN E 61 -13.33 5.16 -38.45
N CYS E 62 -14.52 4.61 -38.25
CA CYS E 62 -14.72 3.20 -37.87
C CYS E 62 -15.73 2.57 -38.83
N GLY E 63 -15.28 2.21 -40.05
CA GLY E 63 -15.99 1.41 -41.07
C GLY E 63 -16.75 0.22 -40.48
N ARG E 64 -16.15 -0.54 -39.56
CA ARG E 64 -16.76 -1.80 -39.03
C ARG E 64 -16.59 -1.88 -37.52
N ASN E 65 -17.42 -2.66 -36.84
CA ASN E 65 -17.45 -2.75 -35.36
C ASN E 65 -16.20 -3.48 -34.90
N SER E 66 -15.27 -2.79 -34.23
CA SER E 66 -14.04 -3.37 -33.63
C SER E 66 -14.17 -3.27 -32.12
N ILE E 67 -13.93 -4.35 -31.40
CA ILE E 67 -13.99 -4.39 -29.91
C ILE E 67 -12.56 -4.32 -29.41
N LEU E 68 -12.15 -3.20 -28.81
CA LEU E 68 -10.77 -2.99 -28.29
C LEU E 68 -10.80 -3.01 -26.76
N GLY E 69 -10.11 -3.98 -26.15
CA GLY E 69 -10.03 -4.15 -24.69
C GLY E 69 -8.75 -3.55 -24.16
N LEU E 70 -8.80 -2.83 -23.03
CA LEU E 70 -7.65 -2.04 -22.54
C LEU E 70 -7.58 -2.09 -21.02
N ASN E 71 -6.37 -1.97 -20.47
CA ASN E 71 -6.19 -1.85 -19.01
C ASN E 71 -6.39 -0.38 -18.64
N LEU E 72 -7.50 -0.05 -17.98
CA LEU E 72 -7.83 1.34 -17.62
C LEU E 72 -6.72 1.90 -16.73
N ALA E 73 -6.16 1.08 -15.84
CA ALA E 73 -5.01 1.44 -14.99
C ALA E 73 -3.90 2.01 -15.87
N SER E 74 -3.40 1.23 -16.82
CA SER E 74 -2.33 1.67 -17.75
C SER E 74 -2.78 2.89 -18.56
N LEU E 75 -4.02 2.91 -19.04
CA LEU E 75 -4.53 4.05 -19.83
C LEU E 75 -4.52 5.31 -18.96
N SER E 76 -5.02 5.19 -17.73
CA SER E 76 -5.11 6.36 -16.81
C SER E 76 -3.73 6.99 -16.63
N LYS E 77 -2.70 6.15 -16.46
CA LYS E 77 -1.29 6.60 -16.25
C LYS E 77 -0.83 7.36 -17.49
N VAL E 78 -1.07 6.80 -18.66
CA VAL E 78 -0.63 7.44 -19.93
C VAL E 78 -1.40 8.74 -20.11
N LEU E 79 -2.62 8.84 -19.62
CA LEU E 79 -3.46 10.03 -19.86
C LEU E 79 -3.05 11.14 -18.89
N LYS E 80 -2.69 10.77 -17.66
CA LYS E 80 -2.21 11.72 -16.60
C LYS E 80 -1.03 12.54 -17.12
N ILE E 81 -0.29 12.05 -18.10
CA ILE E 81 0.89 12.79 -18.63
C ILE E 81 0.54 13.47 -19.94
N VAL E 82 -0.74 13.72 -20.20
CA VAL E 82 -1.16 14.38 -21.47
C VAL E 82 -1.82 15.70 -21.11
N ASP E 83 -1.35 16.80 -21.68
CA ASP E 83 -1.98 18.12 -21.45
C ASP E 83 -3.38 18.06 -22.05
N SER E 84 -4.40 18.47 -21.28
CA SER E 84 -5.83 18.40 -21.68
C SER E 84 -6.08 19.31 -22.89
N ASN E 85 -5.24 20.33 -23.07
CA ASN E 85 -5.42 21.33 -24.15
C ASN E 85 -4.71 20.83 -25.40
N ASP E 86 -4.31 19.56 -25.41
CA ASP E 86 -3.65 18.93 -26.58
C ASP E 86 -4.64 17.95 -27.23
N SER E 87 -4.42 17.66 -28.52
CA SER E 87 -5.23 16.71 -29.32
C SER E 87 -4.95 15.29 -28.83
N LEU E 88 -5.88 14.37 -29.02
CA LEU E 88 -5.64 12.95 -28.70
C LEU E 88 -6.30 12.05 -29.75
N SER E 89 -5.50 11.50 -30.64
CA SER E 89 -5.95 10.56 -31.69
C SER E 89 -5.75 9.10 -31.24
N LEU E 90 -6.82 8.39 -30.88
CA LEU E 90 -6.79 6.92 -30.66
C LEU E 90 -6.82 6.25 -32.03
N ARG E 91 -6.04 5.18 -32.25
CA ARG E 91 -5.91 4.54 -33.59
C ARG E 91 -5.59 3.05 -33.43
N HIS E 92 -6.22 2.18 -34.22
CA HIS E 92 -5.94 0.71 -34.28
C HIS E 92 -5.84 0.28 -35.74
N ASP E 93 -4.98 -0.69 -36.05
CA ASP E 93 -4.80 -1.20 -37.44
C ASP E 93 -5.08 -2.70 -37.42
N ASP E 94 -5.42 -3.30 -38.56
CA ASP E 94 -5.89 -4.71 -38.61
C ASP E 94 -4.88 -5.60 -37.86
N ASP E 95 -5.35 -6.31 -36.84
CA ASP E 95 -4.56 -7.29 -36.04
C ASP E 95 -3.35 -6.62 -35.40
N SER E 96 -3.48 -5.36 -34.93
CA SER E 96 -2.32 -4.56 -34.47
C SER E 96 -1.82 -5.09 -33.13
N ASP E 97 -2.71 -5.62 -32.30
CA ASP E 97 -2.34 -6.07 -30.92
C ASP E 97 -2.14 -4.83 -30.03
N VAL E 98 -1.99 -3.63 -30.61
CA VAL E 98 -1.70 -2.39 -29.83
C VAL E 98 -2.56 -1.24 -30.33
N VAL E 99 -2.95 -0.35 -29.41
CA VAL E 99 -3.65 0.93 -29.71
C VAL E 99 -2.64 2.07 -29.64
N THR E 100 -2.80 3.09 -30.48
CA THR E 100 -1.84 4.22 -30.56
C THR E 100 -2.53 5.52 -30.18
N LEU E 101 -2.27 6.04 -28.98
CA LEU E 101 -2.69 7.42 -28.57
C LEU E 101 -1.65 8.45 -29.04
N THR E 102 -2.05 9.44 -29.81
CA THR E 102 -1.12 10.47 -30.36
C THR E 102 -1.65 11.85 -29.94
N SER E 103 -0.75 12.71 -29.48
CA SER E 103 -1.11 14.04 -28.95
C SER E 103 -0.23 15.10 -29.59
N GLU E 104 -0.80 16.23 -29.97
CA GLU E 104 -0.03 17.38 -30.51
C GLU E 104 -0.50 18.66 -29.84
N ASN E 105 0.44 19.58 -29.62
CA ASN E 105 0.11 20.92 -29.08
C ASN E 105 -0.64 21.68 -30.16
N PRO E 106 -1.43 22.71 -29.79
CA PRO E 106 -2.05 23.60 -30.77
C PRO E 106 -1.03 24.11 -31.81
N GLU E 107 0.16 24.48 -31.34
CA GLU E 107 1.23 25.08 -32.17
C GLU E 107 1.84 24.03 -33.10
N LYS E 108 1.49 22.75 -32.94
CA LYS E 108 2.10 21.61 -33.69
C LYS E 108 3.65 21.68 -33.59
N THR E 109 4.16 22.04 -32.42
CA THR E 109 5.63 22.08 -32.14
C THR E 109 6.03 20.95 -31.19
N ARG E 110 5.05 20.18 -30.70
CA ARG E 110 5.31 19.02 -29.81
C ARG E 110 4.36 17.89 -30.18
N LYS E 111 4.92 16.72 -30.47
CA LYS E 111 4.14 15.51 -30.79
C LYS E 111 4.51 14.43 -29.77
N CYS E 112 3.53 13.92 -29.04
CA CYS E 112 3.70 12.76 -28.13
C CYS E 112 2.89 11.61 -28.69
N GLU E 113 3.46 10.41 -28.72
CA GLU E 113 2.75 9.19 -29.16
C GLU E 113 3.04 8.04 -28.18
N TYR E 114 2.01 7.33 -27.77
CA TYR E 114 2.09 6.22 -26.80
C TYR E 114 1.41 4.98 -27.38
N GLN E 115 1.96 3.80 -27.10
CA GLN E 115 1.43 2.52 -27.62
C GLN E 115 1.09 1.61 -26.47
N LEU E 116 -0.17 1.19 -26.38
CA LEU E 116 -0.65 0.29 -25.31
C LEU E 116 -1.09 -1.03 -25.94
N LYS E 117 -0.86 -2.13 -25.23
CA LYS E 117 -1.24 -3.48 -25.69
C LYS E 117 -2.71 -3.71 -25.36
N LEU E 118 -3.42 -4.39 -26.25
CA LEU E 118 -4.85 -4.71 -26.05
C LEU E 118 -4.94 -5.93 -25.15
N LEU E 119 -6.04 -6.06 -24.41
CA LEU E 119 -6.35 -7.29 -23.64
C LEU E 119 -7.50 -8.02 -24.34
N GLU E 120 -7.63 -9.32 -24.09
CA GLU E 120 -8.84 -10.07 -24.45
C GLU E 120 -9.76 -10.03 -23.23
N ILE E 121 -10.87 -9.31 -23.33
CA ILE E 121 -11.90 -9.27 -22.25
C ILE E 121 -13.16 -9.96 -22.78
N GLU E 122 -13.76 -10.85 -21.99
CA GLU E 122 -15.03 -11.55 -22.31
C GLU E 122 -16.16 -10.52 -22.27
N ALA E 123 -17.21 -10.69 -23.09
CA ALA E 123 -18.39 -9.78 -23.14
C ALA E 123 -19.13 -9.83 -21.80
N GLU E 124 -19.85 -8.75 -21.47
CA GLU E 124 -20.58 -8.56 -20.19
C GLU E 124 -21.90 -9.35 -20.25
N SER E 125 -22.10 -10.29 -19.31
CA SER E 125 -23.34 -11.08 -19.20
C SER E 125 -24.54 -10.16 -18.97
N MET E 126 -24.42 -9.22 -18.02
CA MET E 126 -25.52 -8.31 -17.63
C MET E 126 -25.75 -7.28 -18.75
N GLY E 127 -26.97 -6.76 -18.85
CA GLY E 127 -27.36 -5.79 -19.89
C GLY E 127 -28.01 -4.58 -19.26
N ILE E 128 -27.97 -3.44 -19.94
CA ILE E 128 -28.54 -2.18 -19.40
C ILE E 128 -29.91 -2.55 -18.82
N PRO E 129 -30.18 -2.20 -17.54
CA PRO E 129 -31.45 -2.56 -16.90
C PRO E 129 -32.60 -1.74 -17.48
N GLU E 130 -32.84 -1.86 -18.80
CA GLU E 130 -33.91 -1.12 -19.53
C GLU E 130 -35.16 -1.12 -18.64
N MET E 131 -35.70 0.06 -18.35
CA MET E 131 -36.80 0.24 -17.37
C MET E 131 -37.38 1.65 -17.53
N ASP E 132 -38.57 1.89 -16.96
CA ASP E 132 -39.15 3.25 -16.88
C ASP E 132 -39.14 3.68 -15.42
N TYR E 133 -38.60 4.86 -15.17
CA TYR E 133 -38.42 5.38 -13.80
C TYR E 133 -39.62 6.26 -13.47
N ARG E 134 -40.23 6.01 -12.31
CA ARG E 134 -41.36 6.85 -11.82
C ARG E 134 -40.85 8.27 -11.50
N SER E 135 -39.74 8.36 -10.76
CA SER E 135 -39.21 9.65 -10.23
C SER E 135 -37.87 10.00 -10.89
N THR E 136 -37.63 11.30 -11.13
CA THR E 136 -36.41 11.81 -11.82
C THR E 136 -35.96 13.11 -11.16
N VAL E 137 -34.73 13.16 -10.66
CA VAL E 137 -34.17 14.34 -9.95
C VAL E 137 -32.90 14.82 -10.66
N THR E 138 -32.80 16.13 -10.87
CA THR E 138 -31.58 16.76 -11.44
C THR E 138 -31.05 17.78 -10.44
N LEU E 139 -29.72 17.90 -10.32
CA LEU E 139 -29.08 18.84 -9.37
C LEU E 139 -27.67 19.16 -9.87
N ASN E 140 -26.93 19.95 -9.09
CA ASN E 140 -25.54 20.32 -9.46
C ASN E 140 -24.65 19.11 -9.18
N SER E 141 -23.95 18.60 -10.20
CA SER E 141 -23.04 17.43 -10.09
C SER E 141 -22.14 17.60 -8.85
N ALA E 142 -21.63 18.81 -8.64
CA ALA E 142 -20.69 19.12 -7.54
C ALA E 142 -21.37 18.90 -6.19
N GLU E 143 -22.60 19.39 -6.02
CA GLU E 143 -23.33 19.25 -4.74
C GLU E 143 -23.53 17.76 -4.46
N PHE E 144 -23.89 16.99 -5.48
CA PHE E 144 -24.04 15.52 -5.36
C PHE E 144 -22.75 14.94 -4.76
N ALA E 145 -21.59 15.23 -5.37
CA ALA E 145 -20.29 14.70 -4.92
C ALA E 145 -20.08 15.06 -3.44
N LYS E 146 -20.32 16.32 -3.10
CA LYS E 146 -20.15 16.81 -1.70
C LYS E 146 -21.04 15.96 -0.81
N ILE E 147 -22.33 15.86 -1.16
CA ILE E 147 -23.32 15.10 -0.32
C ILE E 147 -22.81 13.67 -0.12
N VAL E 148 -22.44 12.96 -1.18
CA VAL E 148 -22.02 11.54 -1.04
C VAL E 148 -20.82 11.49 -0.08
N ARG E 149 -19.83 12.35 -0.29
CA ARG E 149 -18.62 12.38 0.58
C ARG E 149 -19.03 12.68 2.02
N ASP E 150 -19.95 13.62 2.20
CA ASP E 150 -20.43 14.02 3.56
C ASP E 150 -21.13 12.82 4.20
N MET E 151 -22.06 12.20 3.49
CA MET E 151 -22.86 11.07 4.04
C MET E 151 -21.92 9.90 4.37
N GLN E 152 -20.78 9.81 3.69
CA GLN E 152 -19.80 8.72 3.91
C GLN E 152 -19.05 8.89 5.24
N VAL E 153 -19.21 10.01 5.94
CA VAL E 153 -18.57 10.22 7.27
C VAL E 153 -19.40 9.47 8.31
N PHE E 154 -20.67 9.23 8.01
CA PHE E 154 -21.63 8.59 8.94
C PHE E 154 -21.67 7.08 8.69
N GLY E 155 -21.80 6.68 7.43
CA GLY E 155 -22.02 5.25 7.07
C GLY E 155 -21.56 4.92 5.67
N ASP E 156 -21.92 3.73 5.21
CA ASP E 156 -21.59 3.19 3.86
C ASP E 156 -22.89 3.05 3.04
N THR E 157 -24.05 3.32 3.65
CA THR E 157 -25.37 3.25 2.97
C THR E 157 -26.05 4.62 3.00
N VAL E 158 -26.63 5.04 1.88
CA VAL E 158 -27.34 6.35 1.73
C VAL E 158 -28.81 6.08 1.46
N THR E 159 -29.70 6.74 2.19
CA THR E 159 -31.16 6.59 1.99
C THR E 159 -31.64 7.86 1.30
N ILE E 160 -32.03 7.75 0.03
CA ILE E 160 -32.58 8.89 -0.74
C ILE E 160 -34.10 8.84 -0.66
N ALA E 161 -34.72 9.95 -0.25
CA ALA E 161 -36.20 10.10 -0.16
C ALA E 161 -36.64 11.25 -1.08
N ILE E 162 -37.45 10.94 -2.08
CA ILE E 162 -37.91 11.94 -3.08
C ILE E 162 -39.33 12.37 -2.71
N SER E 163 -39.52 13.66 -2.49
CA SER E 163 -40.84 14.27 -2.18
C SER E 163 -41.06 15.50 -3.07
N LYS E 164 -42.31 15.79 -3.43
CA LYS E 164 -42.67 17.04 -4.15
C LYS E 164 -41.93 18.20 -3.47
N GLU E 165 -41.85 18.17 -2.14
CA GLU E 165 -41.18 19.21 -1.30
C GLU E 165 -39.69 19.30 -1.73
N GLY E 166 -39.01 18.15 -1.86
CA GLY E 166 -37.59 18.08 -2.25
C GLY E 166 -36.99 16.71 -2.02
N VAL E 167 -35.65 16.63 -1.89
CA VAL E 167 -34.90 15.36 -1.71
C VAL E 167 -34.06 15.45 -0.44
N LYS E 168 -34.14 14.43 0.42
CA LYS E 168 -33.29 14.33 1.64
C LYS E 168 -32.34 13.14 1.48
N PHE E 169 -31.08 13.32 1.86
CA PHE E 169 -30.08 12.22 1.91
C PHE E 169 -29.78 11.90 3.38
N SER E 170 -29.97 10.65 3.80
CA SER E 170 -29.81 10.22 5.21
C SER E 170 -28.73 9.15 5.31
N SER E 171 -27.90 9.21 6.33
CA SER E 171 -26.86 8.18 6.61
C SER E 171 -26.66 8.07 8.10
N SER E 172 -26.41 6.86 8.60
CA SER E 172 -26.21 6.59 10.05
C SER E 172 -24.95 5.74 10.27
N GLY E 173 -24.38 5.83 11.47
CA GLY E 173 -23.18 5.06 11.88
C GLY E 173 -22.72 5.38 13.29
N ASP E 174 -21.55 4.86 13.67
CA ASP E 174 -20.95 5.03 15.02
C ASP E 174 -20.77 6.52 15.28
N VAL E 175 -20.29 7.26 14.27
CA VAL E 175 -20.08 8.74 14.34
C VAL E 175 -21.43 9.40 14.71
N GLY E 176 -22.54 8.79 14.32
CA GLY E 176 -23.90 9.30 14.58
C GLY E 176 -24.75 9.23 13.32
N GLN E 177 -25.62 10.20 13.12
CA GLN E 177 -26.53 10.24 11.94
C GLN E 177 -26.66 11.67 11.45
N GLY E 178 -26.66 11.87 10.14
CA GLY E 178 -26.84 13.19 9.51
C GLY E 178 -27.72 13.08 8.29
N TYR E 179 -28.37 14.17 7.88
CA TYR E 179 -29.17 14.20 6.64
C TYR E 179 -28.99 15.55 5.96
N THR E 180 -29.01 15.56 4.63
CA THR E 180 -28.95 16.80 3.81
C THR E 180 -30.20 16.86 2.93
N PHE E 181 -31.09 17.80 3.20
CA PHE E 181 -32.33 17.98 2.40
C PHE E 181 -32.11 19.12 1.40
N LEU E 182 -32.48 18.91 0.15
CA LEU E 182 -32.42 19.96 -0.91
C LEU E 182 -33.86 20.39 -1.25
N GLN E 183 -34.14 21.68 -1.19
CA GLN E 183 -35.50 22.22 -1.50
C GLN E 183 -35.70 22.21 -3.01
N ALA E 184 -36.77 21.55 -3.48
CA ALA E 184 -37.18 21.55 -4.91
C ALA E 184 -37.25 23.01 -5.40
N ALA E 185 -36.82 23.27 -6.63
CA ALA E 185 -36.66 24.62 -7.26
C ALA E 185 -37.85 25.53 -6.92
N GLY E 227 -30.10 24.18 -8.94
CA GLY E 227 -31.57 24.19 -9.11
C GLY E 227 -32.17 22.80 -8.99
N VAL E 228 -32.67 22.43 -7.81
CA VAL E 228 -33.17 21.04 -7.59
C VAL E 228 -34.45 20.86 -8.40
N GLU E 229 -34.35 20.21 -9.55
CA GLU E 229 -35.53 19.88 -10.39
C GLU E 229 -35.99 18.46 -10.08
N VAL E 230 -37.09 18.29 -9.35
CA VAL E 230 -37.69 16.96 -9.03
C VAL E 230 -38.79 16.64 -10.04
N THR E 231 -39.20 15.38 -10.14
CA THR E 231 -40.21 14.90 -11.11
C THR E 231 -40.72 13.53 -10.67
N MET E 232 -41.67 13.50 -9.73
CA MET E 232 -42.14 12.22 -9.14
C MET E 232 -43.59 11.99 -9.57
N GLU E 233 -43.85 10.93 -10.33
CA GLU E 233 -45.24 10.46 -10.56
C GLU E 233 -45.79 9.91 -9.25
N GLU E 234 -44.91 9.60 -8.29
CA GLU E 234 -45.32 9.13 -6.94
C GLU E 234 -44.17 9.35 -5.97
N PRO E 235 -44.42 9.34 -4.64
CA PRO E 235 -43.33 9.42 -3.66
C PRO E 235 -42.54 8.11 -3.67
N ILE E 236 -41.25 8.19 -3.37
CA ILE E 236 -40.34 6.99 -3.38
C ILE E 236 -39.16 7.28 -2.45
N THR E 237 -38.67 6.24 -1.77
CA THR E 237 -37.51 6.32 -0.85
C THR E 237 -36.72 5.00 -0.90
N LEU E 238 -35.56 5.00 -1.55
CA LEU E 238 -34.69 3.81 -1.71
C LEU E 238 -33.34 4.09 -1.06
N SER E 239 -32.58 3.03 -0.74
CA SER E 239 -31.24 3.14 -0.09
C SER E 239 -30.19 2.50 -0.99
N PHE E 240 -29.00 3.11 -1.08
CA PHE E 240 -27.90 2.64 -1.97
C PHE E 240 -26.57 2.62 -1.21
N ALA E 241 -25.57 1.94 -1.77
CA ALA E 241 -24.18 1.88 -1.26
C ALA E 241 -23.46 3.17 -1.62
N LEU E 242 -22.84 3.83 -0.64
CA LEU E 242 -22.18 5.14 -0.88
C LEU E 242 -20.92 4.89 -1.70
N ARG E 243 -20.31 3.73 -1.52
CA ARG E 243 -19.02 3.46 -2.20
C ARG E 243 -19.21 3.71 -3.70
N PHE E 244 -20.20 3.08 -4.31
CA PHE E 244 -20.46 3.14 -5.77
C PHE E 244 -20.96 4.53 -6.17
N MET E 245 -21.69 5.18 -5.27
CA MET E 245 -22.20 6.54 -5.52
C MET E 245 -21.01 7.50 -5.69
N GLY E 246 -20.03 7.38 -4.80
CA GLY E 246 -18.78 8.17 -4.87
C GLY E 246 -18.06 7.95 -6.18
N ILE E 247 -18.01 6.71 -6.63
CA ILE E 247 -17.35 6.35 -7.91
C ILE E 247 -18.03 7.10 -9.05
N PHE E 248 -19.35 7.18 -8.97
CA PHE E 248 -20.19 7.84 -10.01
C PHE E 248 -19.97 9.34 -9.92
N ALA E 249 -19.93 9.89 -8.69
CA ALA E 249 -19.97 11.35 -8.45
C ALA E 249 -18.83 12.06 -9.17
N LYS E 250 -17.78 11.34 -9.59
CA LYS E 250 -16.64 11.93 -10.36
C LYS E 250 -17.14 12.43 -11.72
N GLY E 251 -18.36 12.05 -12.10
CA GLY E 251 -18.99 12.49 -13.34
C GLY E 251 -19.07 14.00 -13.40
N SER E 252 -18.96 14.67 -12.25
CA SER E 252 -18.98 16.15 -12.15
C SER E 252 -17.92 16.79 -13.07
N THR E 253 -16.72 16.23 -13.09
CA THR E 253 -15.65 16.66 -14.03
C THR E 253 -16.17 16.71 -15.49
N LEU E 254 -17.19 15.94 -15.84
CA LEU E 254 -17.73 15.89 -17.23
C LEU E 254 -18.96 16.79 -17.42
N SER E 255 -19.74 17.05 -16.38
CA SER E 255 -21.07 17.71 -16.51
C SER E 255 -21.36 18.53 -15.24
N GLU E 256 -21.95 19.71 -15.39
CA GLU E 256 -22.29 20.61 -14.25
C GLU E 256 -23.60 20.15 -13.61
N ARG E 257 -24.45 19.47 -14.36
CA ARG E 257 -25.67 18.87 -13.78
C ARG E 257 -25.59 17.34 -13.86
N VAL E 258 -26.39 16.68 -13.03
CA VAL E 258 -26.50 15.20 -12.95
C VAL E 258 -27.98 14.88 -12.84
N THR E 259 -28.45 13.89 -13.59
CA THR E 259 -29.86 13.44 -13.57
C THR E 259 -29.91 12.07 -12.89
N LEU E 260 -30.71 11.93 -11.82
CA LEU E 260 -30.90 10.66 -11.08
C LEU E 260 -32.33 10.17 -11.34
N LYS E 261 -32.48 8.96 -11.88
CA LYS E 261 -33.79 8.31 -12.18
C LYS E 261 -33.95 7.11 -11.22
N PHE E 262 -35.14 6.89 -10.65
CA PHE E 262 -35.43 5.88 -9.60
C PHE E 262 -36.75 5.16 -9.87
N ALA E 263 -36.74 3.85 -9.70
CA ALA E 263 -37.93 2.96 -9.79
C ALA E 263 -37.86 1.93 -8.66
N LYS E 264 -38.97 1.69 -7.95
CA LYS E 264 -39.04 0.79 -6.77
C LYS E 264 -38.55 -0.60 -7.20
N ASP E 265 -37.81 -1.28 -6.32
CA ASP E 265 -37.21 -2.62 -6.57
C ASP E 265 -36.59 -2.67 -7.96
N SER E 266 -35.96 -1.56 -8.38
CA SER E 266 -35.25 -1.43 -9.68
C SER E 266 -33.94 -0.70 -9.46
N PRO E 267 -32.89 -1.07 -10.22
CA PRO E 267 -31.67 -0.27 -10.26
C PRO E 267 -31.99 1.21 -10.50
N CYS E 268 -31.29 2.10 -9.80
CA CYS E 268 -31.31 3.54 -10.13
C CYS E 268 -30.43 3.79 -11.37
N MET E 269 -30.42 5.03 -11.86
CA MET E 269 -29.53 5.47 -12.95
C MET E 269 -29.00 6.87 -12.66
N VAL E 270 -27.68 7.01 -12.61
CA VAL E 270 -26.99 8.31 -12.43
C VAL E 270 -26.43 8.69 -13.80
N GLU E 271 -26.98 9.72 -14.41
CA GLU E 271 -26.65 10.12 -15.81
C GLU E 271 -25.83 11.40 -15.75
N TYR E 272 -24.87 11.53 -16.66
CA TYR E 272 -24.03 12.75 -16.83
C TYR E 272 -23.93 12.96 -18.33
N GLY E 273 -24.48 14.04 -18.85
CA GLY E 273 -24.44 14.35 -20.30
C GLY E 273 -23.11 14.94 -20.69
N ILE E 274 -22.45 14.35 -21.67
CA ILE E 274 -21.19 14.91 -22.25
C ILE E 274 -21.59 15.84 -23.39
N ASP E 275 -21.87 17.11 -23.09
CA ASP E 275 -22.34 18.11 -24.09
C ASP E 275 -23.52 17.49 -24.83
N ASN E 276 -23.55 17.63 -26.15
CA ASN E 276 -24.55 16.91 -26.97
C ASN E 276 -23.85 15.82 -27.79
N VAL E 277 -22.64 15.45 -27.39
CA VAL E 277 -21.79 14.50 -28.17
C VAL E 277 -21.79 13.10 -27.50
N GLY E 278 -22.44 12.94 -26.36
CA GLY E 278 -22.56 11.60 -25.75
C GLY E 278 -23.13 11.64 -24.35
N TYR E 279 -22.90 10.59 -23.58
CA TYR E 279 -23.35 10.48 -22.17
C TYR E 279 -22.51 9.46 -21.38
N LEU E 280 -22.52 9.59 -20.06
CA LEU E 280 -21.98 8.57 -19.13
C LEU E 280 -23.09 8.17 -18.16
N ARG E 281 -23.44 6.88 -18.09
CA ARG E 281 -24.55 6.43 -17.24
C ARG E 281 -24.08 5.32 -16.31
N TYR E 282 -24.51 5.41 -15.06
CA TYR E 282 -24.28 4.38 -14.01
C TYR E 282 -25.65 3.85 -13.63
N TYR E 283 -25.74 2.55 -13.41
CA TYR E 283 -26.92 1.89 -12.81
C TYR E 283 -26.46 1.10 -11.60
N LEU E 284 -27.12 1.29 -10.45
CA LEU E 284 -26.78 0.55 -9.20
C LEU E 284 -28.05 -0.07 -8.59
N ALA E 285 -27.91 -1.32 -8.13
CA ALA E 285 -28.95 -2.09 -7.42
C ALA E 285 -29.21 -1.48 -6.06
N PRO E 286 -30.48 -1.18 -5.70
CA PRO E 286 -30.80 -0.71 -4.36
C PRO E 286 -30.47 -1.76 -3.30
N LYS E 287 -30.72 -1.41 -2.04
CA LYS E 287 -30.69 -2.30 -0.84
C LYS E 287 -32.10 -2.27 -0.23
N VAL E 288 -32.77 -3.42 -0.16
CA VAL E 288 -34.17 -3.53 0.35
C VAL E 288 -34.22 -4.61 1.43
N ASP E 289 -35.06 -4.43 2.45
CA ASP E 289 -35.22 -5.40 3.56
C ASP E 289 -36.71 -5.59 3.86
N MET F 1 -16.34 -11.98 40.00
CA MET F 1 -17.58 -12.27 39.22
C MET F 1 -17.31 -13.46 38.29
N LEU F 2 -17.26 -13.26 36.95
CA LEU F 2 -17.22 -14.33 35.91
C LEU F 2 -15.78 -14.82 35.71
N GLU F 3 -15.57 -16.14 35.58
CA GLU F 3 -14.23 -16.78 35.32
C GLU F 3 -14.41 -18.08 34.54
N ALA F 4 -14.15 -18.04 33.22
CA ALA F 4 -14.29 -19.15 32.25
C ALA F 4 -12.93 -19.51 31.61
N GLN F 5 -12.40 -20.67 31.96
CA GLN F 5 -11.07 -21.13 31.50
C GLN F 5 -11.24 -22.43 30.73
N VAL F 6 -10.60 -22.52 29.57
CA VAL F 6 -10.52 -23.74 28.71
C VAL F 6 -9.05 -24.19 28.67
N GLN F 7 -8.78 -25.49 28.53
CA GLN F 7 -7.40 -26.04 28.59
C GLN F 7 -6.63 -25.57 27.34
N PHE F 8 -7.26 -25.71 26.18
CA PHE F 8 -6.66 -25.36 24.88
C PHE F 8 -7.41 -24.16 24.31
N ALA F 9 -6.69 -23.09 23.96
CA ALA F 9 -7.25 -21.85 23.40
C ALA F 9 -7.77 -22.12 21.99
N SER F 10 -7.36 -23.25 21.38
CA SER F 10 -7.72 -23.56 19.98
C SER F 10 -9.20 -23.20 19.76
N LEU F 11 -10.05 -23.66 20.68
CA LEU F 11 -11.52 -23.55 20.55
C LEU F 11 -11.90 -22.09 20.36
N TRP F 12 -11.55 -21.24 21.32
CA TRP F 12 -11.90 -19.80 21.27
C TRP F 12 -11.47 -19.21 19.92
N LYS F 13 -10.19 -19.37 19.60
CA LYS F 13 -9.61 -18.92 18.32
C LYS F 13 -10.55 -19.36 17.19
N ARG F 14 -10.75 -20.67 17.04
CA ARG F 14 -11.51 -21.23 15.87
C ARG F 14 -12.92 -20.66 15.87
N LEU F 15 -13.53 -20.48 17.04
CA LEU F 15 -14.94 -20.00 17.16
C LEU F 15 -15.00 -18.55 16.71
N VAL F 16 -14.27 -17.69 17.41
CA VAL F 16 -14.29 -16.22 17.19
C VAL F 16 -14.14 -15.95 15.70
N GLU F 17 -13.24 -16.68 15.02
CA GLU F 17 -13.03 -16.57 13.55
C GLU F 17 -14.35 -16.92 12.87
N CYS F 18 -14.98 -18.03 13.25
CA CYS F 18 -16.25 -18.45 12.61
C CYS F 18 -17.27 -17.31 12.72
N ILE F 19 -17.42 -16.77 13.93
CA ILE F 19 -18.44 -15.72 14.26
C ILE F 19 -18.02 -14.38 13.66
N ASN F 20 -16.73 -13.99 13.80
CA ASN F 20 -16.22 -12.71 13.23
C ASN F 20 -16.52 -12.66 11.74
N GLY F 21 -16.69 -13.82 11.10
CA GLY F 21 -17.15 -13.97 9.71
C GLY F 21 -18.52 -13.35 9.45
N LEU F 22 -19.39 -13.30 10.46
CA LEU F 22 -20.80 -12.85 10.25
C LEU F 22 -21.05 -11.53 10.98
N VAL F 23 -20.43 -11.31 12.13
CA VAL F 23 -20.72 -10.08 12.92
C VAL F 23 -19.42 -9.51 13.45
N ASN F 24 -19.35 -8.18 13.61
CA ASN F 24 -18.12 -7.45 14.04
C ASN F 24 -18.12 -7.31 15.56
N GLU F 25 -19.30 -7.08 16.14
CA GLU F 25 -19.50 -7.01 17.61
C GLU F 25 -20.64 -7.95 17.99
N ALA F 26 -20.56 -8.57 19.14
CA ALA F 26 -21.61 -9.48 19.66
C ALA F 26 -21.60 -9.51 21.19
N ASN F 27 -22.75 -9.81 21.79
CA ASN F 27 -22.94 -9.85 23.27
C ASN F 27 -22.70 -11.28 23.73
N PHE F 28 -22.01 -11.45 24.85
CA PHE F 28 -21.72 -12.78 25.45
C PHE F 28 -22.67 -13.01 26.63
N ASP F 29 -23.86 -13.60 26.37
CA ASP F 29 -24.83 -13.96 27.44
C ASP F 29 -24.15 -14.97 28.37
N CYS F 30 -23.77 -14.53 29.56
CA CYS F 30 -23.08 -15.41 30.53
C CYS F 30 -24.05 -15.78 31.65
N ASN F 31 -24.42 -17.06 31.73
CA ASN F 31 -25.36 -17.59 32.76
C ASN F 31 -24.67 -18.78 33.44
N PRO F 32 -25.08 -19.16 34.67
CA PRO F 32 -24.43 -20.27 35.38
C PRO F 32 -24.41 -21.55 34.54
N GLY F 33 -25.39 -21.68 33.62
CA GLY F 33 -25.46 -22.77 32.63
C GLY F 33 -24.23 -22.82 31.73
N GLY F 34 -23.89 -21.70 31.12
CA GLY F 34 -22.77 -21.55 30.17
C GLY F 34 -22.81 -20.22 29.42
N LEU F 35 -22.04 -20.10 28.33
CA LEU F 35 -21.92 -18.86 27.51
C LEU F 35 -22.69 -19.06 26.23
N SER F 36 -23.31 -18.00 25.77
CA SER F 36 -24.19 -18.04 24.59
C SER F 36 -23.93 -16.77 23.78
N VAL F 37 -23.81 -16.89 22.47
CA VAL F 37 -23.75 -15.71 21.56
C VAL F 37 -24.86 -15.90 20.53
N GLN F 38 -25.79 -14.96 20.47
CA GLN F 38 -26.83 -14.96 19.42
C GLN F 38 -26.75 -13.62 18.68
N ALA F 39 -26.60 -13.64 17.35
CA ALA F 39 -26.48 -12.41 16.55
C ALA F 39 -26.83 -12.67 15.09
N MET F 40 -27.04 -11.62 14.30
CA MET F 40 -27.40 -11.77 12.87
C MET F 40 -26.57 -10.78 12.03
N ASP F 41 -26.41 -11.08 10.73
CA ASP F 41 -25.74 -10.17 9.75
C ASP F 41 -26.36 -8.79 9.85
N SER F 42 -25.56 -7.77 9.54
CA SER F 42 -26.10 -6.39 9.41
C SER F 42 -27.35 -6.44 8.52
N SER F 43 -27.38 -7.35 7.53
CA SER F 43 -28.52 -7.52 6.59
C SER F 43 -29.72 -8.16 7.30
N HIS F 44 -29.50 -8.71 8.50
CA HIS F 44 -30.57 -9.44 9.24
C HIS F 44 -31.13 -10.55 8.35
N VAL F 45 -30.34 -11.08 7.43
CA VAL F 45 -30.70 -12.22 6.53
C VAL F 45 -30.14 -13.54 7.08
N ALA F 46 -29.33 -13.51 8.15
CA ALA F 46 -28.65 -14.71 8.67
C ALA F 46 -28.38 -14.54 10.16
N LEU F 47 -28.39 -15.64 10.91
CA LEU F 47 -28.31 -15.58 12.39
C LEU F 47 -27.30 -16.61 12.86
N VAL F 48 -26.67 -16.35 13.99
CA VAL F 48 -25.66 -17.26 14.59
C VAL F 48 -26.09 -17.54 16.03
N HIS F 49 -26.04 -18.81 16.43
CA HIS F 49 -26.27 -19.21 17.83
C HIS F 49 -25.12 -20.09 18.26
N MET F 50 -24.30 -19.60 19.19
CA MET F 50 -23.16 -20.36 19.74
C MET F 50 -23.45 -20.59 21.22
N LEU F 51 -23.45 -21.85 21.65
CA LEU F 51 -23.62 -22.20 23.07
C LEU F 51 -22.40 -22.99 23.53
N LEU F 52 -21.79 -22.56 24.63
CA LEU F 52 -20.72 -23.36 25.29
C LEU F 52 -21.21 -23.68 26.70
N ARG F 53 -21.51 -24.94 26.97
CA ARG F 53 -22.00 -25.39 28.30
C ARG F 53 -20.84 -25.33 29.31
N ASP F 54 -21.16 -25.16 30.58
CA ASP F 54 -20.16 -25.23 31.68
C ASP F 54 -19.23 -26.44 31.49
N ASP F 55 -19.70 -27.49 30.82
CA ASP F 55 -18.94 -28.76 30.62
C ASP F 55 -17.70 -28.45 29.78
N CYS F 56 -17.77 -27.45 28.91
CA CYS F 56 -16.67 -27.08 27.97
C CYS F 56 -15.48 -26.53 28.74
N PHE F 57 -15.73 -25.71 29.75
CA PHE F 57 -14.69 -24.96 30.50
C PHE F 57 -14.11 -25.88 31.57
N VAL F 58 -12.80 -25.77 31.81
CA VAL F 58 -12.09 -26.47 32.92
C VAL F 58 -12.48 -25.78 34.25
N LYS F 59 -12.99 -24.56 34.20
CA LYS F 59 -13.44 -23.81 35.39
C LYS F 59 -14.39 -22.68 34.98
N TYR F 60 -15.66 -22.77 35.38
CA TYR F 60 -16.71 -21.78 35.07
C TYR F 60 -17.29 -21.24 36.39
N GLN F 61 -17.50 -19.92 36.47
CA GLN F 61 -18.14 -19.28 37.66
C GLN F 61 -18.93 -18.08 37.16
N CYS F 62 -20.20 -18.28 36.84
CA CYS F 62 -21.11 -17.17 36.47
C CYS F 62 -22.35 -17.20 37.36
N GLY F 63 -22.23 -16.78 38.63
CA GLY F 63 -23.35 -16.76 39.60
C GLY F 63 -24.61 -16.10 39.06
N ARG F 64 -24.51 -15.23 38.05
CA ARG F 64 -25.69 -14.45 37.55
C ARG F 64 -25.52 -14.16 36.06
N ASN F 65 -26.63 -13.86 35.36
CA ASN F 65 -26.59 -13.50 33.90
C ASN F 65 -25.84 -12.18 33.74
N SER F 66 -24.58 -12.22 33.28
CA SER F 66 -23.77 -11.01 32.94
C SER F 66 -23.58 -10.95 31.42
N ILE F 67 -24.22 -9.99 30.76
CA ILE F 67 -24.09 -9.74 29.29
C ILE F 67 -22.83 -8.88 29.04
N LEU F 68 -21.75 -9.49 28.54
CA LEU F 68 -20.48 -8.78 28.21
C LEU F 68 -20.36 -8.63 26.69
N GLY F 69 -20.59 -7.42 26.17
CA GLY F 69 -20.45 -7.10 24.74
C GLY F 69 -18.99 -6.82 24.42
N LEU F 70 -18.51 -7.31 23.27
CA LEU F 70 -17.08 -7.22 22.88
C LEU F 70 -16.99 -6.93 21.39
N ASN F 71 -15.89 -6.29 20.95
CA ASN F 71 -15.59 -6.16 19.51
C ASN F 71 -14.87 -7.44 19.06
N LEU F 72 -15.58 -8.32 18.36
CA LEU F 72 -15.01 -9.60 17.87
C LEU F 72 -13.73 -9.31 17.09
N ALA F 73 -13.72 -8.24 16.30
CA ALA F 73 -12.55 -7.83 15.50
C ALA F 73 -11.32 -7.74 16.41
N SER F 74 -11.38 -6.93 17.47
CA SER F 74 -10.27 -6.80 18.43
C SER F 74 -9.90 -8.16 19.03
N LEU F 75 -10.92 -8.91 19.45
CA LEU F 75 -10.72 -10.21 20.14
C LEU F 75 -10.00 -11.14 19.16
N SER F 76 -10.44 -11.16 17.90
CA SER F 76 -9.83 -12.02 16.84
C SER F 76 -8.33 -11.76 16.77
N LYS F 77 -7.96 -10.47 16.71
CA LYS F 77 -6.54 -10.02 16.67
C LYS F 77 -5.83 -10.54 17.91
N VAL F 78 -6.39 -10.27 19.09
CA VAL F 78 -5.78 -10.72 20.37
C VAL F 78 -5.63 -12.24 20.38
N LEU F 79 -6.60 -12.98 19.86
CA LEU F 79 -6.58 -14.47 19.94
C LEU F 79 -5.51 -15.03 18.99
N LYS F 80 -5.32 -14.41 17.83
CA LYS F 80 -4.33 -14.88 16.81
C LYS F 80 -2.94 -14.98 17.45
N ILE F 81 -2.63 -14.08 18.39
CA ILE F 81 -1.28 -14.04 19.04
C ILE F 81 -1.25 -15.00 20.22
N VAL F 82 -2.24 -15.88 20.37
CA VAL F 82 -2.30 -16.80 21.53
C VAL F 82 -2.03 -18.21 21.03
N ASP F 83 -1.06 -18.90 21.63
CA ASP F 83 -0.74 -20.30 21.29
C ASP F 83 -1.99 -21.15 21.51
N SER F 84 -2.32 -22.00 20.56
CA SER F 84 -3.53 -22.86 20.62
C SER F 84 -3.44 -23.78 21.84
N ASN F 85 -2.28 -24.40 22.05
CA ASN F 85 -2.08 -25.42 23.11
C ASN F 85 -1.83 -24.74 24.45
N ASP F 86 -2.14 -23.45 24.57
CA ASP F 86 -2.03 -22.72 25.86
C ASP F 86 -3.43 -22.56 26.44
N SER F 87 -3.54 -22.59 27.77
CA SER F 87 -4.82 -22.36 28.50
C SER F 87 -5.23 -20.90 28.36
N LEU F 88 -6.50 -20.64 28.09
CA LEU F 88 -7.03 -19.26 28.05
C LEU F 88 -8.17 -19.12 29.06
N SER F 89 -8.10 -18.09 29.92
CA SER F 89 -9.11 -17.81 30.96
C SER F 89 -9.73 -16.44 30.72
N LEU F 90 -11.02 -16.39 30.47
CA LEU F 90 -11.78 -15.11 30.42
C LEU F 90 -12.21 -14.76 31.85
N ARG F 91 -12.10 -13.49 32.26
CA ARG F 91 -12.47 -13.04 33.63
C ARG F 91 -13.07 -11.63 33.55
N HIS F 92 -14.09 -11.33 34.37
CA HIS F 92 -14.66 -9.97 34.50
C HIS F 92 -14.94 -9.67 35.97
N ASP F 93 -14.09 -8.88 36.63
CA ASP F 93 -14.34 -8.43 38.03
C ASP F 93 -15.59 -7.56 38.01
N ASP F 94 -16.47 -7.74 39.01
CA ASP F 94 -17.80 -7.08 39.11
C ASP F 94 -17.65 -5.59 38.78
N ASP F 95 -18.52 -5.06 37.90
CA ASP F 95 -18.52 -3.62 37.51
C ASP F 95 -17.10 -3.19 37.12
N SER F 96 -16.55 -3.81 36.08
CA SER F 96 -15.31 -3.36 35.40
C SER F 96 -15.69 -2.94 33.98
N ASP F 97 -14.90 -2.09 33.31
CA ASP F 97 -15.24 -1.63 31.94
C ASP F 97 -14.46 -2.46 30.92
N VAL F 98 -13.86 -3.58 31.36
CA VAL F 98 -12.95 -4.39 30.50
C VAL F 98 -12.97 -5.85 30.94
N VAL F 99 -12.69 -6.77 30.01
CA VAL F 99 -12.59 -8.24 30.28
C VAL F 99 -11.11 -8.60 30.22
N THR F 100 -10.70 -9.63 30.96
CA THR F 100 -9.27 -10.03 31.04
C THR F 100 -9.10 -11.45 30.57
N LEU F 101 -8.43 -11.65 29.43
CA LEU F 101 -8.05 -12.99 28.93
C LEU F 101 -6.63 -13.28 29.37
N THR F 102 -6.42 -14.35 30.13
CA THR F 102 -5.09 -14.70 30.68
C THR F 102 -4.67 -16.05 30.11
N SER F 103 -3.47 -16.15 29.56
CA SER F 103 -2.99 -17.41 28.95
C SER F 103 -1.73 -17.90 29.66
N GLU F 104 -1.61 -19.21 29.84
CA GLU F 104 -0.39 -19.82 30.40
C GLU F 104 -0.01 -21.00 29.52
N ASN F 105 1.30 -21.21 29.37
CA ASN F 105 1.86 -22.44 28.76
C ASN F 105 1.60 -23.58 29.73
N PRO F 106 1.65 -24.84 29.27
CA PRO F 106 1.64 -25.99 30.17
C PRO F 106 2.68 -25.89 31.29
N GLU F 107 3.93 -25.62 30.92
CA GLU F 107 5.11 -25.62 31.83
C GLU F 107 5.00 -24.48 32.85
N LYS F 108 4.10 -23.52 32.64
CA LYS F 108 3.82 -22.37 33.54
C LYS F 108 5.03 -21.42 33.57
N THR F 109 5.88 -21.49 32.54
CA THR F 109 7.11 -20.66 32.38
C THR F 109 6.77 -19.32 31.69
N ARG F 110 5.58 -19.21 31.10
CA ARG F 110 5.12 -17.97 30.40
C ARG F 110 3.67 -17.66 30.78
N LYS F 111 3.34 -16.39 30.97
CA LYS F 111 1.96 -15.96 31.29
C LYS F 111 1.67 -14.70 30.49
N CYS F 112 0.70 -14.76 29.60
CA CYS F 112 0.27 -13.60 28.78
C CYS F 112 -1.10 -13.18 29.29
N GLU F 113 -1.36 -11.88 29.42
CA GLU F 113 -2.69 -11.37 29.85
C GLU F 113 -3.07 -10.11 29.06
N TYR F 114 -4.19 -10.18 28.34
CA TYR F 114 -4.70 -9.07 27.50
C TYR F 114 -5.99 -8.56 28.16
N GLN F 115 -6.38 -7.33 27.86
CA GLN F 115 -7.57 -6.65 28.43
C GLN F 115 -8.29 -5.82 27.35
N LEU F 116 -9.54 -6.16 27.05
CA LEU F 116 -10.36 -5.47 26.01
C LEU F 116 -11.56 -4.79 26.64
N LYS F 117 -11.66 -3.47 26.50
CA LYS F 117 -12.81 -2.66 27.00
C LYS F 117 -14.11 -3.14 26.36
N LEU F 118 -15.12 -3.45 27.20
CA LEU F 118 -16.44 -3.99 26.76
C LEU F 118 -17.19 -2.90 26.02
N LEU F 119 -18.26 -3.27 25.32
CA LEU F 119 -19.09 -2.31 24.53
C LEU F 119 -20.54 -2.55 24.88
N GLU F 120 -21.38 -1.51 24.73
CA GLU F 120 -22.84 -1.64 24.94
C GLU F 120 -23.48 -2.03 23.61
N ILE F 121 -23.98 -3.25 23.52
CA ILE F 121 -24.57 -3.76 22.25
C ILE F 121 -26.05 -4.06 22.52
N GLU F 122 -26.92 -3.62 21.62
CA GLU F 122 -28.39 -3.86 21.66
C GLU F 122 -28.66 -5.36 21.47
N ALA F 123 -29.74 -5.88 22.06
CA ALA F 123 -30.19 -7.29 21.89
C ALA F 123 -30.62 -7.49 20.42
N GLU F 124 -30.75 -8.75 19.97
CA GLU F 124 -31.09 -9.07 18.57
C GLU F 124 -32.60 -8.89 18.35
N SER F 125 -32.97 -8.08 17.36
CA SER F 125 -34.39 -7.79 17.02
C SER F 125 -35.09 -9.11 16.67
N MET F 126 -34.47 -9.93 15.80
CA MET F 126 -34.97 -11.28 15.44
C MET F 126 -34.27 -12.31 16.33
N GLY F 127 -35.07 -13.20 16.94
CA GLY F 127 -34.59 -14.26 17.84
C GLY F 127 -34.63 -15.62 17.17
N ILE F 128 -34.17 -16.66 17.85
CA ILE F 128 -34.13 -18.05 17.31
C ILE F 128 -35.50 -18.35 16.71
N PRO F 129 -35.57 -18.72 15.40
CA PRO F 129 -36.84 -19.12 14.78
C PRO F 129 -37.29 -20.49 15.29
N GLU F 130 -38.59 -20.77 15.20
CA GLU F 130 -39.16 -22.10 15.53
C GLU F 130 -38.56 -23.14 14.59
N MET F 131 -38.78 -24.42 14.87
CA MET F 131 -38.15 -25.52 14.10
C MET F 131 -39.23 -26.48 13.60
N ASP F 132 -39.26 -26.71 12.29
CA ASP F 132 -40.12 -27.76 11.67
C ASP F 132 -39.36 -28.38 10.51
N TYR F 133 -38.20 -28.97 10.80
CA TYR F 133 -37.26 -29.45 9.75
C TYR F 133 -37.67 -30.86 9.32
N ARG F 134 -38.18 -30.99 8.09
CA ARG F 134 -38.57 -32.29 7.49
C ARG F 134 -37.31 -33.04 7.03
N SER F 135 -36.50 -32.40 6.19
CA SER F 135 -35.30 -33.02 5.57
C SER F 135 -34.02 -32.60 6.31
N THR F 136 -33.09 -33.53 6.50
CA THR F 136 -31.82 -33.28 7.23
C THR F 136 -30.69 -34.09 6.60
N VAL F 137 -29.56 -33.44 6.32
CA VAL F 137 -28.38 -34.08 5.68
C VAL F 137 -27.14 -33.79 6.52
N THR F 138 -26.26 -34.78 6.66
CA THR F 138 -25.02 -34.63 7.44
C THR F 138 -23.87 -35.18 6.61
N LEU F 139 -22.78 -34.42 6.51
CA LEU F 139 -21.61 -34.77 5.66
C LEU F 139 -20.34 -34.28 6.35
N ASN F 140 -19.20 -34.48 5.67
CA ASN F 140 -17.88 -34.06 6.19
C ASN F 140 -17.80 -32.54 6.09
N SER F 141 -17.60 -31.85 7.21
CA SER F 141 -17.52 -30.36 7.24
C SER F 141 -16.64 -29.86 6.10
N ALA F 142 -15.50 -30.53 5.89
CA ALA F 142 -14.51 -30.20 4.83
C ALA F 142 -15.19 -30.21 3.47
N GLU F 143 -15.75 -31.34 3.05
CA GLU F 143 -16.41 -31.42 1.72
C GLU F 143 -17.37 -30.24 1.55
N PHE F 144 -18.24 -30.00 2.53
CA PHE F 144 -19.18 -28.86 2.51
C PHE F 144 -18.41 -27.59 2.09
N ALA F 145 -17.36 -27.24 2.82
CA ALA F 145 -16.49 -26.09 2.50
C ALA F 145 -16.05 -26.15 1.03
N LYS F 146 -15.46 -27.25 0.60
CA LYS F 146 -14.97 -27.38 -0.79
C LYS F 146 -16.15 -27.09 -1.72
N ILE F 147 -17.30 -27.71 -1.46
CA ILE F 147 -18.49 -27.56 -2.34
C ILE F 147 -18.91 -26.08 -2.39
N VAL F 148 -19.00 -25.40 -1.25
CA VAL F 148 -19.44 -23.98 -1.23
C VAL F 148 -18.42 -23.15 -2.03
N ARG F 149 -17.13 -23.27 -1.72
CA ARG F 149 -16.07 -22.54 -2.48
C ARG F 149 -16.16 -22.90 -3.97
N ASP F 150 -16.17 -24.20 -4.28
CA ASP F 150 -16.24 -24.70 -5.67
C ASP F 150 -17.45 -24.07 -6.37
N MET F 151 -18.60 -24.01 -5.71
CA MET F 151 -19.85 -23.51 -6.35
C MET F 151 -19.77 -22.00 -6.60
N GLN F 152 -18.98 -21.29 -5.81
CA GLN F 152 -18.85 -19.80 -5.90
C GLN F 152 -18.14 -19.43 -7.21
N VAL F 153 -17.45 -20.40 -7.82
CA VAL F 153 -16.72 -20.18 -9.10
C VAL F 153 -17.73 -19.75 -10.16
N PHE F 154 -18.94 -20.30 -10.12
CA PHE F 154 -19.96 -20.11 -11.18
C PHE F 154 -20.80 -18.88 -10.83
N GLY F 155 -21.46 -18.90 -9.67
CA GLY F 155 -22.49 -17.92 -9.29
C GLY F 155 -22.37 -17.51 -7.83
N ASP F 156 -23.34 -16.74 -7.35
CA ASP F 156 -23.39 -16.24 -5.95
C ASP F 156 -24.53 -16.95 -5.21
N THR F 157 -25.26 -17.84 -5.90
CA THR F 157 -26.39 -18.61 -5.32
C THR F 157 -26.20 -20.11 -5.58
N VAL F 158 -26.47 -20.95 -4.58
CA VAL F 158 -26.40 -22.43 -4.71
C VAL F 158 -27.81 -23.00 -4.60
N THR F 159 -28.11 -24.05 -5.35
CA THR F 159 -29.43 -24.72 -5.32
C THR F 159 -29.23 -26.12 -4.76
N ILE F 160 -29.62 -26.35 -3.50
CA ILE F 160 -29.48 -27.66 -2.81
C ILE F 160 -30.71 -28.52 -3.13
N ALA F 161 -30.52 -29.75 -3.59
CA ALA F 161 -31.59 -30.69 -3.96
C ALA F 161 -31.44 -31.95 -3.12
N ILE F 162 -32.20 -32.03 -2.02
CA ILE F 162 -32.25 -33.24 -1.16
C ILE F 162 -33.12 -34.29 -1.87
N SER F 163 -32.67 -35.54 -1.87
CA SER F 163 -33.40 -36.67 -2.49
C SER F 163 -32.94 -37.98 -1.84
N LYS F 164 -33.78 -39.00 -1.88
CA LYS F 164 -33.46 -40.36 -1.37
C LYS F 164 -32.08 -40.79 -1.88
N GLU F 165 -31.79 -40.54 -3.16
CA GLU F 165 -30.52 -40.94 -3.82
C GLU F 165 -29.34 -40.21 -3.17
N GLY F 166 -29.52 -38.93 -2.79
CA GLY F 166 -28.48 -38.09 -2.15
C GLY F 166 -28.75 -36.60 -2.32
N VAL F 167 -27.71 -35.77 -2.23
CA VAL F 167 -27.83 -34.29 -2.36
C VAL F 167 -27.11 -33.83 -3.62
N LYS F 168 -27.66 -32.84 -4.31
CA LYS F 168 -27.04 -32.21 -5.51
C LYS F 168 -26.90 -30.72 -5.25
N PHE F 169 -25.69 -30.26 -4.97
CA PHE F 169 -25.35 -28.82 -4.89
C PHE F 169 -25.04 -28.33 -6.32
N SER F 170 -25.71 -27.26 -6.76
CA SER F 170 -25.54 -26.76 -8.15
C SER F 170 -25.55 -25.23 -8.17
N SER F 171 -24.75 -24.62 -9.04
CA SER F 171 -24.74 -23.15 -9.24
C SER F 171 -24.50 -22.85 -10.71
N SER F 172 -24.86 -21.65 -11.15
CA SER F 172 -24.77 -21.25 -12.58
C SER F 172 -24.24 -19.82 -12.69
N GLY F 173 -23.57 -19.49 -13.81
CA GLY F 173 -22.97 -18.16 -14.03
C GLY F 173 -22.24 -18.06 -15.37
N ASP F 174 -21.46 -16.99 -15.55
CA ASP F 174 -20.77 -16.66 -16.83
C ASP F 174 -19.75 -17.75 -17.13
N VAL F 175 -18.97 -18.16 -16.13
CA VAL F 175 -17.99 -19.28 -16.25
C VAL F 175 -18.73 -20.49 -16.85
N GLY F 176 -20.00 -20.65 -16.50
CA GLY F 176 -20.87 -21.76 -16.93
C GLY F 176 -21.75 -22.24 -15.79
N GLN F 177 -22.17 -23.50 -15.85
CA GLN F 177 -23.02 -24.14 -14.80
C GLN F 177 -22.34 -25.44 -14.40
N GLY F 178 -22.36 -25.75 -13.12
CA GLY F 178 -21.74 -26.97 -12.55
C GLY F 178 -22.51 -27.46 -11.35
N TYR F 179 -22.38 -28.75 -11.04
CA TYR F 179 -23.04 -29.36 -9.85
C TYR F 179 -22.13 -30.41 -9.23
N THR F 180 -22.29 -30.60 -7.92
CA THR F 180 -21.64 -31.68 -7.14
C THR F 180 -22.73 -32.57 -6.54
N PHE F 181 -22.82 -33.83 -6.95
CA PHE F 181 -23.77 -34.80 -6.36
C PHE F 181 -23.04 -35.71 -5.37
N LEU F 182 -23.60 -35.85 -4.17
CA LEU F 182 -23.06 -36.77 -3.14
C LEU F 182 -24.03 -37.93 -2.97
N GLN F 183 -23.60 -39.15 -3.29
CA GLN F 183 -24.46 -40.37 -3.16
C GLN F 183 -24.62 -40.69 -1.67
N ALA F 184 -25.87 -40.93 -1.22
CA ALA F 184 -26.19 -41.30 0.18
C ALA F 184 -25.67 -42.71 0.47
N ALA F 185 -25.46 -43.07 1.74
CA ALA F 185 -24.79 -44.33 2.16
C ALA F 185 -25.80 -45.43 2.49
N GLY F 227 -19.83 -40.29 5.89
CA GLY F 227 -20.52 -40.36 4.59
C GLY F 227 -21.84 -39.61 4.61
N VAL F 228 -22.51 -39.49 3.47
CA VAL F 228 -23.75 -38.69 3.34
C VAL F 228 -24.90 -39.44 4.04
N GLU F 229 -25.64 -38.76 4.91
CA GLU F 229 -26.80 -39.32 5.65
C GLU F 229 -27.99 -38.39 5.46
N VAL F 230 -28.98 -38.84 4.71
CA VAL F 230 -30.17 -38.02 4.36
C VAL F 230 -31.40 -38.51 5.15
N THR F 231 -32.27 -37.57 5.55
CA THR F 231 -33.57 -37.85 6.22
C THR F 231 -34.68 -37.18 5.43
N MET F 232 -34.88 -37.60 4.17
CA MET F 232 -35.87 -36.96 3.27
C MET F 232 -37.28 -37.49 3.62
N GLU F 233 -37.97 -36.86 4.58
CA GLU F 233 -39.42 -37.11 4.78
C GLU F 233 -40.12 -36.86 3.45
N GLU F 234 -39.71 -35.82 2.73
CA GLU F 234 -40.22 -35.51 1.38
C GLU F 234 -39.10 -34.90 0.54
N PRO F 235 -38.98 -35.23 -0.76
CA PRO F 235 -38.01 -34.56 -1.63
C PRO F 235 -38.13 -33.03 -1.52
N ILE F 236 -37.03 -32.32 -1.26
CA ILE F 236 -37.01 -30.84 -1.09
C ILE F 236 -35.89 -30.26 -1.96
N THR F 237 -36.07 -29.03 -2.46
CA THR F 237 -35.08 -28.35 -3.33
C THR F 237 -35.15 -26.84 -3.08
N LEU F 238 -34.23 -26.30 -2.27
CA LEU F 238 -34.17 -24.86 -1.92
C LEU F 238 -32.84 -24.24 -2.41
N SER F 239 -32.83 -22.92 -2.59
CA SER F 239 -31.61 -22.18 -3.06
C SER F 239 -31.22 -21.14 -2.02
N PHE F 240 -29.92 -21.01 -1.74
CA PHE F 240 -29.38 -20.07 -0.74
C PHE F 240 -28.17 -19.32 -1.32
N ALA F 241 -27.80 -18.22 -0.66
CA ALA F 241 -26.68 -17.32 -1.03
C ALA F 241 -25.35 -17.97 -0.62
N LEU F 242 -24.38 -18.01 -1.55
CA LEU F 242 -23.09 -18.71 -1.32
C LEU F 242 -22.26 -17.93 -0.33
N ARG F 243 -22.48 -16.63 -0.24
CA ARG F 243 -21.65 -15.81 0.65
C ARG F 243 -21.77 -16.32 2.08
N PHE F 244 -23.00 -16.36 2.59
CA PHE F 244 -23.28 -16.72 4.00
C PHE F 244 -22.96 -18.20 4.22
N MET F 245 -23.25 -19.05 3.24
CA MET F 245 -22.83 -20.47 3.30
C MET F 245 -21.31 -20.56 3.54
N GLY F 246 -20.54 -19.76 2.78
CA GLY F 246 -19.07 -19.66 2.92
C GLY F 246 -18.71 -19.27 4.33
N ILE F 247 -19.35 -18.24 4.85
CA ILE F 247 -19.04 -17.74 6.21
C ILE F 247 -19.22 -18.90 7.19
N PHE F 248 -20.22 -19.76 6.95
CA PHE F 248 -20.61 -20.84 7.87
C PHE F 248 -19.57 -21.95 7.78
N ALA F 249 -19.17 -22.34 6.57
CA ALA F 249 -18.28 -23.50 6.39
C ALA F 249 -17.04 -23.40 7.29
N LYS F 250 -16.77 -22.21 7.83
CA LYS F 250 -15.54 -22.03 8.63
C LYS F 250 -15.63 -22.94 9.86
N GLY F 251 -16.81 -23.46 10.14
CA GLY F 251 -16.99 -24.37 11.28
C GLY F 251 -16.24 -25.66 11.08
N SER F 252 -15.82 -25.92 9.84
CA SER F 252 -15.05 -27.15 9.54
C SER F 252 -13.92 -27.27 10.55
N THR F 253 -13.50 -26.14 11.12
CA THR F 253 -12.38 -26.13 12.08
C THR F 253 -12.86 -26.58 13.45
N LEU F 254 -14.18 -26.68 13.65
CA LEU F 254 -14.71 -27.00 14.99
C LEU F 254 -15.26 -28.43 15.01
N SER F 255 -15.82 -28.90 13.89
CA SER F 255 -16.43 -30.25 13.87
C SER F 255 -16.08 -30.98 12.57
N GLU F 256 -15.76 -32.27 12.67
CA GLU F 256 -15.44 -33.09 11.48
C GLU F 256 -16.68 -33.22 10.59
N ARG F 257 -17.88 -33.20 11.17
CA ARG F 257 -19.13 -33.41 10.40
C ARG F 257 -20.08 -32.24 10.63
N VAL F 258 -20.86 -31.89 9.61
CA VAL F 258 -21.79 -30.72 9.64
C VAL F 258 -23.19 -31.25 9.35
N THR F 259 -24.18 -30.77 10.10
CA THR F 259 -25.59 -31.22 9.90
C THR F 259 -26.35 -30.06 9.25
N LEU F 260 -27.08 -30.36 8.20
CA LEU F 260 -27.87 -29.33 7.46
C LEU F 260 -29.34 -29.75 7.46
N LYS F 261 -30.19 -28.92 8.08
CA LYS F 261 -31.65 -29.16 8.14
C LYS F 261 -32.35 -28.11 7.28
N PHE F 262 -33.39 -28.52 6.55
CA PHE F 262 -34.18 -27.66 5.64
C PHE F 262 -35.67 -27.85 5.89
N ALA F 263 -36.42 -26.74 5.83
CA ALA F 263 -37.89 -26.70 5.89
C ALA F 263 -38.37 -25.76 4.79
N LYS F 264 -39.28 -26.21 3.94
CA LYS F 264 -39.68 -25.45 2.72
C LYS F 264 -40.06 -24.02 3.15
N ASP F 265 -39.80 -23.04 2.27
CA ASP F 265 -40.04 -21.57 2.45
C ASP F 265 -39.72 -21.13 3.90
N SER F 266 -38.69 -21.72 4.52
CA SER F 266 -38.31 -21.53 5.96
C SER F 266 -36.79 -21.53 6.16
N PRO F 267 -36.27 -20.79 7.16
CA PRO F 267 -34.83 -20.65 7.37
C PRO F 267 -34.17 -22.03 7.49
N CYS F 268 -33.02 -22.22 6.82
CA CYS F 268 -32.19 -23.43 6.99
C CYS F 268 -31.27 -23.26 8.19
N MET F 269 -30.67 -24.36 8.63
CA MET F 269 -29.76 -24.40 9.81
C MET F 269 -28.53 -25.24 9.47
N VAL F 270 -27.36 -24.61 9.46
CA VAL F 270 -26.07 -25.32 9.45
C VAL F 270 -25.64 -25.47 10.91
N GLU F 271 -25.45 -26.71 11.34
CA GLU F 271 -25.13 -27.01 12.76
C GLU F 271 -23.73 -27.61 12.84
N TYR F 272 -22.91 -27.06 13.74
CA TYR F 272 -21.55 -27.59 14.04
C TYR F 272 -21.53 -27.96 15.52
N GLY F 273 -21.38 -29.24 15.81
CA GLY F 273 -21.34 -29.75 17.19
C GLY F 273 -19.97 -29.53 17.81
N ILE F 274 -19.93 -29.01 19.04
CA ILE F 274 -18.66 -28.92 19.83
C ILE F 274 -18.65 -30.04 20.87
N ASP F 275 -18.48 -31.30 20.45
CA ASP F 275 -18.12 -32.46 21.31
C ASP F 275 -19.13 -32.66 22.46
N ASN F 276 -20.41 -32.35 22.23
CA ASN F 276 -21.50 -32.49 23.24
C ASN F 276 -21.38 -31.48 24.39
N VAL F 277 -20.42 -30.57 24.35
CA VAL F 277 -20.25 -29.51 25.39
C VAL F 277 -20.71 -28.17 24.80
N GLY F 278 -21.26 -28.19 23.59
CA GLY F 278 -21.85 -26.99 22.97
C GLY F 278 -22.18 -27.23 21.51
N TYR F 279 -22.62 -26.16 20.84
CA TYR F 279 -22.82 -26.15 19.38
C TYR F 279 -22.55 -24.74 18.86
N LEU F 280 -22.19 -24.68 17.59
CA LEU F 280 -22.31 -23.44 16.78
C LEU F 280 -23.37 -23.68 15.72
N ARG F 281 -24.37 -22.80 15.66
CA ARG F 281 -25.50 -22.96 14.72
C ARG F 281 -25.72 -21.68 13.92
N TYR F 282 -25.97 -21.84 12.63
CA TYR F 282 -26.22 -20.73 11.68
C TYR F 282 -27.59 -20.99 11.04
N TYR F 283 -28.38 -19.93 10.84
CA TYR F 283 -29.70 -19.99 10.19
C TYR F 283 -29.65 -18.98 9.06
N LEU F 284 -30.19 -19.34 7.89
CA LEU F 284 -30.21 -18.44 6.70
C LEU F 284 -31.51 -18.62 5.89
N ALA F 285 -32.14 -17.48 5.57
CA ALA F 285 -33.32 -17.30 4.68
C ALA F 285 -33.01 -17.80 3.27
N PRO F 286 -33.82 -18.72 2.70
CA PRO F 286 -33.74 -19.09 1.29
C PRO F 286 -33.94 -17.92 0.31
N LYS F 287 -33.34 -18.02 -0.87
CA LYS F 287 -33.62 -17.10 -2.00
C LYS F 287 -34.99 -17.49 -2.55
N VAL F 288 -35.95 -16.56 -2.48
CA VAL F 288 -37.32 -16.71 -3.05
C VAL F 288 -37.28 -16.24 -4.51
N ASP F 289 -37.24 -17.18 -5.47
CA ASP F 289 -37.09 -16.90 -6.92
C ASP F 289 -38.46 -16.95 -7.60
C1 PNT G . 38.34 9.33 -14.80
C2 PNT G . 38.60 10.65 -15.15
C3 PNT G . 39.60 11.34 -14.49
C4 PNT G . 40.34 10.72 -13.48
C5 PNT G . 40.07 9.39 -13.16
C6 PNT G . 39.06 8.69 -13.81
C7 PNT G . 37.21 8.87 -16.88
C8 PNT G . 36.22 7.85 -17.41
C9 PNT G . 41.40 11.49 -12.77
C10 PNT G . 35.16 7.49 -16.40
C1' PNT G . 32.01 8.24 -15.90
C2' PNT G . 31.69 7.54 -17.08
C3' PNT G . 31.21 6.25 -16.99
C4' PNT G . 31.05 5.62 -15.75
C5' PNT G . 31.40 6.33 -14.60
C6' PNT G . 31.86 7.62 -14.67
C7' PNT G . 33.87 9.68 -16.34
C8' PNT G . 34.69 8.68 -15.56
C9' PNT G . 30.50 4.25 -15.64
O1 PNT G . 37.35 8.64 -15.47
O1' PNT G . 32.50 9.51 -15.96
N1 PNT G . 42.43 11.94 -13.38
N2 PNT G . 41.22 11.71 -11.46
N1' PNT G . 29.57 3.79 -16.43
N2' PNT G . 30.98 3.49 -14.64
C1 PNT H . 30.88 10.08 17.71
C2 PNT H . 31.43 11.13 16.98
C3 PNT H . 32.60 10.94 16.29
C4 PNT H . 33.23 9.70 16.28
C5 PNT H . 32.67 8.66 17.02
C6 PNT H . 31.50 8.84 17.73
C7 PNT H . 28.56 10.73 17.65
C8 PNT H . 27.73 11.58 18.57
C9 PNT H . 34.50 9.51 15.54
C10 PNT H . 26.98 10.76 19.61
C1' PNT H . 24.65 9.05 21.16
C2' PNT H . 23.85 9.87 20.39
C3' PNT H . 22.63 9.40 19.94
C4' PNT H . 22.20 8.11 20.27
C5' PNT H . 23.02 7.30 21.05
C6' PNT H . 24.24 7.76 21.50
C7' PNT H . 27.05 8.82 21.27
C8' PNT H . 27.77 9.59 20.19
C9' PNT H . 20.91 7.59 19.76
O1 PNT H . 29.71 10.29 18.39
O1' PNT H . 25.86 9.52 21.61
N1 PNT H . 34.80 8.39 14.96
N2 PNT H . 35.33 10.58 15.46
N1' PNT H . 19.75 8.13 20.05
N2' PNT H . 21.02 6.53 18.93
#